data_3B1K
#
_entry.id   3B1K
#
_cell.length_a   70.042
_cell.length_b   146.887
_cell.length_c   161.879
_cell.angle_alpha   90.00
_cell.angle_beta   90.00
_cell.angle_gamma   90.00
#
_symmetry.space_group_name_H-M   'P 21 21 21'
#
loop_
_entity.id
_entity.type
_entity.pdbx_description
1 polymer 'Glyceraldehyde 3-phosphate dehydrogenase (NADP+)'
2 polymer CP12
3 non-polymer NICOTINAMIDE-ADENINE-DINUCLEOTIDE
4 water water
#
loop_
_entity_poly.entity_id
_entity_poly.type
_entity_poly.pdbx_seq_one_letter_code
_entity_poly.pdbx_strand_id
1 'polypeptide(L)'
;MTIRVAINGFGRIGRNFLRCWFGRQNTDLEVVAINNTSDARTAAHLLEYDSVLGRFNADISYDENSITVNGKTMKIVCDR
NPLNLPWKEWDIDLVIESTGVFVTAEGASKHIQAGAKKVLITAPGKGEGVGTYVIGVNDSEYRHEDFAVISNASCTTNCL
APVAKVLHDNFGIIKGTMTTTHSYTLDQRILDASHRDLRRARAAAVNIVPTTTGAAKAVALVIPELKGKLNGIALRVPTP
NVSVVDLVVQVEKPTITEQVNEVLQKASQTTMKGIIKYSDLPLVSSDFRGTDESSIVDSSLTLVMDGDLVKVIAWYDNEW
GYSQRVVDLAELAARKWAA
;
A,B,G,H
2 'polypeptide(L)' SETEPFFGDYCSENPDAAECLIYDD C,D,I,J
#
loop_
_chem_comp.id
_chem_comp.type
_chem_comp.name
_chem_comp.formula
NAD non-polymer NICOTINAMIDE-ADENINE-DINUCLEOTIDE 'C21 H27 N7 O14 P2'
#
# COMPACT_ATOMS: atom_id res chain seq x y z
N MET A 1 24.79 -39.43 8.64
CA MET A 1 23.85 -38.41 8.17
C MET A 1 22.63 -38.28 9.10
N THR A 2 21.45 -38.35 8.47
CA THR A 2 20.16 -37.98 9.06
C THR A 2 20.18 -37.67 10.57
N ILE A 3 20.29 -36.38 10.87
CA ILE A 3 19.91 -35.89 12.18
C ILE A 3 18.50 -35.41 11.97
N ARG A 4 17.71 -35.39 13.04
CA ARG A 4 16.28 -35.26 12.85
C ARG A 4 15.74 -34.01 13.51
N VAL A 5 15.09 -33.19 12.69
CA VAL A 5 14.77 -31.82 13.05
C VAL A 5 13.28 -31.54 13.06
N ALA A 6 12.86 -30.78 14.05
CA ALA A 6 11.48 -30.32 14.12
C ALA A 6 11.40 -28.79 14.19
N ILE A 7 10.39 -28.24 13.53
CA ILE A 7 10.21 -26.81 13.33
C ILE A 7 9.14 -26.26 14.25
N ASN A 8 9.52 -25.49 15.25
CA ASN A 8 8.46 -24.94 16.09
C ASN A 8 7.98 -23.65 15.49
N GLY A 9 6.66 -23.53 15.38
CA GLY A 9 6.07 -22.45 14.64
C GLY A 9 6.28 -22.61 13.14
N PHE A 10 5.20 -22.86 12.44
CA PHE A 10 5.26 -22.97 11.01
C PHE A 10 5.26 -21.55 10.45
N GLY A 11 5.80 -20.60 11.20
CA GLY A 11 5.64 -19.20 10.87
C GLY A 11 6.16 -18.87 9.49
N ARG A 12 5.98 -17.63 9.06
CA ARG A 12 6.53 -17.18 7.79
C ARG A 12 7.87 -17.84 7.56
N ILE A 13 8.93 -17.23 8.09
CA ILE A 13 10.26 -17.78 8.01
C ILE A 13 10.26 -19.31 8.10
N GLY A 14 9.52 -19.86 9.06
CA GLY A 14 9.44 -21.31 9.27
C GLY A 14 8.92 -22.14 8.11
N ARG A 15 8.04 -21.54 7.30
CA ARG A 15 7.69 -22.17 6.06
C ARG A 15 8.82 -21.80 5.10
N ASN A 16 9.26 -20.55 5.17
CA ASN A 16 10.34 -20.08 4.31
C ASN A 16 11.59 -20.95 4.50
N PHE A 17 11.84 -21.38 5.73
CA PHE A 17 12.96 -22.27 5.99
C PHE A 17 12.72 -23.61 5.29
N LEU A 18 11.47 -24.06 5.29
CA LEU A 18 11.14 -25.28 4.57
C LEU A 18 11.43 -25.16 3.07
N ARG A 19 10.68 -24.31 2.37
CA ARG A 19 10.90 -24.19 0.92
C ARG A 19 12.39 -24.09 0.63
N CYS A 20 13.14 -23.51 1.55
CA CYS A 20 14.59 -23.34 1.38
C CYS A 20 15.35 -24.65 1.47
N TRP A 21 15.07 -25.42 2.51
CA TRP A 21 15.68 -26.72 2.68
C TRP A 21 15.36 -27.52 1.44
N PHE A 22 14.13 -28.01 1.40
CA PHE A 22 13.67 -28.83 0.30
C PHE A 22 14.47 -28.65 -0.96
N GLY A 23 14.28 -27.50 -1.60
CA GLY A 23 14.89 -27.19 -2.88
C GLY A 23 16.40 -27.17 -2.88
N ARG A 24 17.02 -27.70 -1.83
CA ARG A 24 18.46 -27.81 -1.78
C ARG A 24 18.96 -29.11 -2.42
N GLN A 25 20.13 -29.03 -3.05
CA GLN A 25 20.87 -30.20 -3.49
C GLN A 25 20.69 -31.36 -2.51
N ASN A 26 21.41 -31.26 -1.38
CA ASN A 26 21.52 -32.34 -0.40
C ASN A 26 21.56 -31.86 1.07
N THR A 27 21.58 -32.81 2.02
CA THR A 27 21.37 -32.51 3.43
C THR A 27 21.70 -33.63 4.40
N ASP A 28 21.81 -33.27 5.68
CA ASP A 28 21.93 -34.20 6.80
C ASP A 28 20.84 -33.87 7.82
N LEU A 29 19.91 -33.01 7.40
CA LEU A 29 18.75 -32.62 8.20
C LEU A 29 17.55 -33.33 7.62
N GLU A 30 16.66 -33.82 8.47
CA GLU A 30 15.38 -34.28 7.95
C GLU A 30 14.25 -33.62 8.71
N VAL A 31 13.76 -32.53 8.15
CA VAL A 31 12.49 -31.93 8.56
C VAL A 31 11.46 -33.03 8.76
N VAL A 32 11.15 -33.28 10.03
CA VAL A 32 10.38 -34.45 10.36
C VAL A 32 9.19 -34.10 11.22
N ALA A 33 9.26 -32.96 11.88
CA ALA A 33 8.15 -32.51 12.70
C ALA A 33 8.00 -31.01 12.64
N ILE A 34 6.79 -30.55 12.90
CA ILE A 34 6.37 -29.17 12.66
C ILE A 34 5.07 -28.86 13.40
N ASN A 35 5.20 -28.02 14.42
CA ASN A 35 4.11 -27.65 15.31
C ASN A 35 3.84 -26.15 15.32
N ASN A 36 2.54 -25.81 15.31
CA ASN A 36 2.07 -24.46 15.00
C ASN A 36 0.97 -24.11 15.99
N THR A 37 0.50 -22.87 15.97
CA THR A 37 -0.73 -22.54 16.65
C THR A 37 -1.93 -22.79 15.71
N SER A 38 -1.86 -23.90 14.96
CA SER A 38 -2.80 -24.18 13.85
C SER A 38 -3.11 -25.67 13.64
N ASP A 39 -4.04 -25.96 12.72
CA ASP A 39 -4.31 -27.34 12.31
C ASP A 39 -3.58 -27.63 10.99
N ALA A 40 -3.53 -28.90 10.58
CA ALA A 40 -2.73 -29.26 9.41
C ALA A 40 -3.22 -28.72 8.03
N ARG A 41 -4.52 -28.75 7.73
CA ARG A 41 -4.96 -28.04 6.52
C ARG A 41 -4.36 -26.65 6.56
N THR A 42 -4.84 -25.85 7.49
CA THR A 42 -4.40 -24.47 7.55
C THR A 42 -2.89 -24.35 7.28
N ALA A 43 -2.09 -25.26 7.82
CA ALA A 43 -0.65 -25.13 7.68
C ALA A 43 -0.18 -25.72 6.36
N ALA A 44 -1.07 -26.49 5.75
CA ALA A 44 -0.80 -27.15 4.50
C ALA A 44 -0.95 -26.14 3.39
N HIS A 45 -2.21 -25.79 3.15
CA HIS A 45 -2.61 -24.72 2.24
C HIS A 45 -2.02 -23.35 2.61
N LEU A 46 -0.82 -23.35 3.17
CA LEU A 46 -0.08 -22.13 3.39
C LEU A 46 1.35 -22.32 2.94
N LEU A 47 1.83 -23.56 3.01
CA LEU A 47 3.14 -23.85 2.41
C LEU A 47 3.03 -23.68 0.88
N GLU A 48 1.80 -23.71 0.38
CA GLU A 48 1.57 -23.63 -1.04
C GLU A 48 1.38 -22.20 -1.54
N TYR A 49 0.21 -21.60 -1.31
CA TYR A 49 -0.12 -20.33 -1.98
C TYR A 49 0.39 -19.10 -1.26
N ASP A 50 1.68 -18.83 -1.33
CA ASP A 50 2.24 -17.81 -0.45
C ASP A 50 2.54 -16.40 -0.98
N SER A 51 1.83 -15.44 -0.37
CA SER A 51 1.85 -13.99 -0.66
C SER A 51 3.06 -13.36 -1.34
N VAL A 52 4.25 -13.77 -0.93
CA VAL A 52 5.48 -13.14 -1.35
C VAL A 52 6.40 -14.16 -2.06
N LEU A 53 6.16 -15.44 -1.82
CA LEU A 53 6.99 -16.46 -2.46
C LEU A 53 6.37 -16.92 -3.76
N GLY A 54 5.04 -16.78 -3.88
CA GLY A 54 4.28 -17.45 -4.93
C GLY A 54 4.03 -18.93 -4.62
N ARG A 55 3.19 -19.58 -5.43
CA ARG A 55 2.75 -20.97 -5.21
C ARG A 55 3.87 -21.97 -5.36
N PHE A 56 4.00 -22.88 -4.40
CA PHE A 56 5.03 -23.92 -4.51
C PHE A 56 4.75 -24.93 -5.63
N ASN A 57 5.70 -25.03 -6.56
CA ASN A 57 5.68 -26.02 -7.63
C ASN A 57 5.92 -27.36 -6.95
N ALA A 58 4.86 -28.02 -6.50
CA ALA A 58 5.05 -29.20 -5.64
C ALA A 58 3.82 -30.08 -5.42
N ASP A 59 4.12 -31.30 -4.96
CA ASP A 59 3.13 -32.33 -4.71
C ASP A 59 2.87 -32.41 -3.21
N ILE A 60 1.88 -31.65 -2.73
CA ILE A 60 1.65 -31.56 -1.30
C ILE A 60 0.31 -32.13 -0.89
N SER A 61 0.37 -33.14 -0.04
CA SER A 61 -0.83 -33.77 0.50
C SER A 61 -1.00 -33.37 1.97
N TYR A 62 -2.15 -33.66 2.55
CA TYR A 62 -2.24 -33.55 3.99
C TYR A 62 -3.31 -34.47 4.60
N ASP A 63 -2.94 -35.12 5.69
CA ASP A 63 -3.91 -35.79 6.55
C ASP A 63 -4.14 -34.91 7.77
N GLU A 64 -5.07 -35.32 8.62
CA GLU A 64 -5.41 -34.56 9.82
C GLU A 64 -4.26 -34.36 10.82
N ASN A 65 -3.14 -35.06 10.66
CA ASN A 65 -2.06 -34.98 11.64
C ASN A 65 -0.63 -34.88 11.10
N SER A 66 -0.51 -34.37 9.87
CA SER A 66 0.76 -34.07 9.24
C SER A 66 0.59 -33.94 7.72
N ILE A 67 1.60 -33.41 7.05
CA ILE A 67 1.53 -33.15 5.60
C ILE A 67 2.60 -33.94 4.83
N THR A 68 2.77 -33.63 3.57
CA THR A 68 3.68 -34.41 2.74
C THR A 68 4.04 -33.70 1.44
N VAL A 69 5.22 -33.09 1.46
CA VAL A 69 5.78 -32.43 0.29
C VAL A 69 6.63 -33.42 -0.50
N ASN A 70 6.17 -33.80 -1.69
CA ASN A 70 6.94 -34.73 -2.50
C ASN A 70 6.99 -36.08 -1.83
N GLY A 71 5.85 -36.54 -1.35
CA GLY A 71 5.78 -37.78 -0.57
C GLY A 71 6.80 -37.93 0.55
N LYS A 72 7.28 -36.82 1.10
CA LYS A 72 8.13 -36.87 2.30
C LYS A 72 7.42 -36.19 3.46
N THR A 73 7.12 -36.96 4.49
CA THR A 73 6.21 -36.48 5.51
C THR A 73 6.92 -36.02 6.78
N MET A 74 6.48 -34.86 7.27
CA MET A 74 6.83 -34.34 8.58
C MET A 74 5.55 -34.11 9.37
N LYS A 75 5.66 -33.67 10.62
CA LYS A 75 4.55 -33.79 11.54
C LYS A 75 3.72 -32.54 11.87
N ILE A 76 2.50 -32.81 12.32
CA ILE A 76 1.57 -31.78 12.76
C ILE A 76 1.24 -31.97 14.25
N VAL A 77 1.44 -30.88 14.99
CA VAL A 77 1.21 -30.86 16.41
C VAL A 77 0.54 -29.53 16.72
N CYS A 78 -0.56 -29.60 17.47
CA CYS A 78 -1.44 -28.47 17.65
C CYS A 78 -1.15 -27.69 18.94
N ASP A 79 -0.16 -28.14 19.70
CA ASP A 79 -0.02 -27.72 21.10
C ASP A 79 1.08 -26.66 21.27
N ARG A 80 0.81 -25.69 22.15
CA ARG A 80 1.69 -24.53 22.30
C ARG A 80 2.87 -24.81 23.21
N ASN A 81 2.59 -25.39 24.37
CA ASN A 81 3.61 -25.72 25.37
C ASN A 81 4.67 -26.68 24.84
N PRO A 82 5.88 -26.14 24.64
CA PRO A 82 7.05 -26.78 24.03
C PRO A 82 7.51 -28.00 24.81
N LEU A 83 7.27 -27.99 26.11
CA LEU A 83 7.48 -29.17 26.94
C LEU A 83 6.56 -30.30 26.49
N ASN A 84 5.26 -30.00 26.48
CA ASN A 84 4.25 -30.94 26.05
C ASN A 84 4.38 -31.29 24.56
N LEU A 85 5.62 -31.26 24.11
CA LEU A 85 6.00 -31.62 22.74
C LEU A 85 6.91 -32.86 22.73
N PRO A 86 6.47 -33.93 22.06
CA PRO A 86 7.06 -35.26 22.09
C PRO A 86 8.46 -35.39 21.50
N TRP A 87 9.49 -34.80 22.11
CA TRP A 87 10.80 -34.76 21.43
C TRP A 87 11.67 -36.02 21.52
N LYS A 88 11.70 -36.68 22.68
CA LYS A 88 12.50 -37.89 22.78
C LYS A 88 11.73 -38.99 22.10
N GLU A 89 10.40 -38.90 22.25
CA GLU A 89 9.46 -39.88 21.72
C GLU A 89 9.48 -39.90 20.21
N TRP A 90 9.78 -38.75 19.61
CA TRP A 90 9.85 -38.64 18.17
C TRP A 90 11.30 -38.62 17.69
N ASP A 91 12.21 -38.72 18.68
CA ASP A 91 13.64 -38.85 18.46
C ASP A 91 14.17 -37.67 17.68
N ILE A 92 14.35 -36.57 18.38
CA ILE A 92 14.67 -35.31 17.74
C ILE A 92 15.96 -34.65 18.20
N ASP A 93 16.91 -34.68 17.28
CA ASP A 93 18.15 -33.92 17.38
C ASP A 93 17.81 -32.44 17.55
N LEU A 94 17.19 -31.80 16.55
CA LEU A 94 17.13 -30.32 16.54
C LEU A 94 15.77 -29.67 16.33
N VAL A 95 15.67 -28.42 16.80
CA VAL A 95 14.45 -27.64 16.72
C VAL A 95 14.63 -26.23 16.18
N ILE A 96 13.93 -25.97 15.08
CA ILE A 96 13.81 -24.65 14.52
C ILE A 96 12.92 -23.86 15.44
N GLU A 97 13.45 -22.82 16.04
CA GLU A 97 12.63 -22.03 16.93
C GLU A 97 11.93 -20.86 16.25
N SER A 98 11.01 -21.16 15.35
CA SER A 98 10.35 -20.09 14.65
C SER A 98 8.95 -19.90 15.16
N THR A 99 8.81 -19.66 16.44
CA THR A 99 7.50 -19.25 16.93
C THR A 99 7.47 -17.72 16.99
N GLY A 100 8.65 -17.14 17.13
CA GLY A 100 8.81 -15.71 17.31
C GLY A 100 8.65 -15.36 18.77
N VAL A 101 8.37 -16.40 19.55
CA VAL A 101 8.06 -16.23 20.96
C VAL A 101 9.13 -16.85 21.88
N PHE A 102 9.38 -18.15 21.77
CA PHE A 102 10.29 -18.79 22.75
C PHE A 102 11.76 -18.48 22.54
N VAL A 103 12.09 -17.21 22.55
CA VAL A 103 13.39 -16.78 22.11
C VAL A 103 14.24 -16.21 23.24
N THR A 104 14.53 -17.05 24.23
CA THR A 104 15.26 -16.59 25.42
C THR A 104 16.53 -17.40 25.74
N ALA A 105 16.36 -18.55 26.39
CA ALA A 105 17.46 -19.39 26.83
C ALA A 105 16.89 -20.33 27.87
N GLU A 106 15.79 -19.86 28.46
CA GLU A 106 15.12 -20.56 29.55
C GLU A 106 13.81 -21.10 29.07
N GLY A 107 12.87 -20.20 28.82
CA GLY A 107 11.72 -20.62 28.07
C GLY A 107 12.32 -21.52 27.00
N ALA A 108 13.26 -20.98 26.24
CA ALA A 108 13.79 -21.66 25.06
C ALA A 108 14.11 -23.14 25.27
N SER A 109 14.82 -23.44 26.35
CA SER A 109 15.29 -24.79 26.63
C SER A 109 14.18 -25.80 26.51
N LYS A 110 12.95 -25.30 26.39
CA LYS A 110 11.73 -26.09 26.48
C LYS A 110 11.56 -27.18 25.43
N HIS A 111 12.55 -27.35 24.58
CA HIS A 111 12.51 -28.41 23.58
C HIS A 111 13.49 -29.42 24.04
N ILE A 112 14.48 -28.91 24.75
CA ILE A 112 15.49 -29.71 25.34
C ILE A 112 14.84 -30.53 26.50
N GLN A 113 14.17 -29.86 27.44
CA GLN A 113 13.36 -30.55 28.46
C GLN A 113 12.22 -31.37 27.86
N ALA A 114 11.98 -31.20 26.57
CA ALA A 114 10.96 -31.99 25.90
C ALA A 114 11.61 -33.27 25.40
N GLY A 115 12.91 -33.21 25.18
CA GLY A 115 13.65 -34.35 24.68
C GLY A 115 14.45 -34.11 23.41
N ALA A 116 14.22 -32.97 22.77
CA ALA A 116 15.09 -32.60 21.67
C ALA A 116 16.47 -32.32 22.26
N LYS A 117 17.51 -32.70 21.51
CA LYS A 117 18.87 -32.72 22.02
C LYS A 117 19.67 -31.43 21.74
N LYS A 118 19.06 -30.50 21.02
CA LYS A 118 19.68 -29.21 20.73
C LYS A 118 18.68 -28.19 20.19
N VAL A 119 18.93 -26.91 20.49
CA VAL A 119 18.00 -25.81 20.20
C VAL A 119 18.55 -24.78 19.21
N LEU A 120 17.84 -24.61 18.09
CA LEU A 120 18.23 -23.62 17.08
C LEU A 120 17.14 -22.57 16.85
N ILE A 121 17.45 -21.34 17.21
CA ILE A 121 16.42 -20.30 17.28
C ILE A 121 16.50 -19.27 16.18
N THR A 122 15.35 -18.98 15.61
CA THR A 122 15.23 -18.11 14.48
C THR A 122 15.09 -16.70 14.99
N ALA A 123 15.96 -16.33 15.93
CA ALA A 123 15.85 -14.99 16.50
C ALA A 123 17.07 -14.62 17.32
N PRO A 124 17.31 -13.31 17.48
CA PRO A 124 18.41 -12.99 18.38
C PRO A 124 18.11 -13.79 19.62
N GLY A 125 19.14 -14.25 20.33
CA GLY A 125 18.95 -15.02 21.55
C GLY A 125 19.12 -14.17 22.80
N LYS A 126 18.04 -14.00 23.54
CA LYS A 126 18.08 -13.14 24.72
C LYS A 126 18.32 -13.94 26.01
N GLY A 127 19.29 -13.49 26.81
CA GLY A 127 19.70 -14.22 27.99
C GLY A 127 21.08 -14.84 27.90
N GLU A 128 21.44 -15.63 28.90
CA GLU A 128 22.81 -16.12 29.05
C GLU A 128 23.04 -17.50 28.43
N GLY A 129 24.28 -17.76 28.03
CA GLY A 129 24.69 -19.09 27.60
C GLY A 129 24.17 -19.58 26.26
N VAL A 130 24.44 -18.81 25.21
CA VAL A 130 23.94 -19.16 23.88
C VAL A 130 24.95 -18.81 22.76
N GLY A 131 25.02 -19.64 21.72
CA GLY A 131 26.09 -19.53 20.73
C GLY A 131 25.61 -19.02 19.40
N THR A 132 24.99 -17.85 19.40
CA THR A 132 24.53 -17.23 18.17
C THR A 132 25.70 -17.16 17.23
N TYR A 133 25.46 -17.59 16.00
CA TYR A 133 26.55 -17.86 15.06
C TYR A 133 26.17 -17.38 13.66
N VAL A 134 27.06 -16.67 12.96
CA VAL A 134 26.70 -16.09 11.66
C VAL A 134 27.48 -16.59 10.43
N ILE A 135 26.84 -17.42 9.62
CA ILE A 135 27.45 -18.03 8.42
C ILE A 135 28.33 -17.10 7.58
N GLY A 136 29.59 -17.49 7.41
CA GLY A 136 30.57 -16.66 6.74
C GLY A 136 31.04 -15.53 7.65
N VAL A 137 30.77 -15.65 8.95
CA VAL A 137 31.33 -14.74 9.97
C VAL A 137 32.19 -15.52 10.96
N ASN A 138 31.53 -16.43 11.67
CA ASN A 138 32.17 -17.31 12.62
C ASN A 138 31.66 -18.68 12.31
N ASP A 139 30.95 -18.78 11.18
CA ASP A 139 30.38 -20.04 10.73
C ASP A 139 31.28 -21.21 11.11
N SER A 140 32.56 -20.91 11.22
CA SER A 140 33.60 -21.91 11.40
C SER A 140 33.97 -22.09 12.87
N GLU A 141 33.63 -21.08 13.68
CA GLU A 141 33.95 -21.08 15.11
C GLU A 141 32.92 -21.88 15.93
N TYR A 142 32.27 -22.83 15.27
CA TYR A 142 31.18 -23.59 15.87
C TYR A 142 31.63 -24.99 16.23
N ARG A 143 31.47 -25.35 17.51
CA ARG A 143 31.66 -26.74 17.92
C ARG A 143 30.39 -27.35 18.49
N HIS A 144 29.92 -28.44 17.89
CA HIS A 144 28.67 -29.09 18.29
C HIS A 144 28.59 -29.16 19.79
N GLU A 145 29.74 -29.37 20.42
CA GLU A 145 29.84 -29.63 21.86
C GLU A 145 29.32 -28.46 22.69
N ASP A 146 29.85 -27.27 22.43
CA ASP A 146 29.50 -26.09 23.21
C ASP A 146 28.03 -26.04 23.63
N PHE A 147 27.29 -25.13 23.02
CA PHE A 147 25.95 -24.76 23.48
C PHE A 147 24.82 -25.68 23.06
N ALA A 148 23.82 -25.77 23.94
CA ALA A 148 22.60 -26.52 23.71
C ALA A 148 21.64 -25.60 22.99
N VAL A 149 21.84 -24.31 23.21
CA VAL A 149 21.00 -23.30 22.59
C VAL A 149 21.85 -22.37 21.73
N ILE A 150 21.67 -22.46 20.42
CA ILE A 150 22.21 -21.46 19.48
C ILE A 150 21.10 -20.78 18.71
N SER A 151 21.35 -19.53 18.34
CA SER A 151 20.40 -18.85 17.51
C SER A 151 21.11 -18.39 16.28
N ASN A 152 20.33 -18.26 15.21
CA ASN A 152 20.82 -17.76 13.97
C ASN A 152 20.50 -16.28 13.82
N ALA A 153 20.66 -15.52 14.91
CA ALA A 153 20.42 -14.06 14.90
C ALA A 153 19.10 -13.55 14.28
N SER A 154 19.18 -12.40 13.59
CA SER A 154 17.99 -11.71 13.07
C SER A 154 18.15 -11.32 11.61
N CYS A 155 17.11 -11.54 10.82
CA CYS A 155 16.99 -10.88 9.52
C CYS A 155 18.15 -9.95 9.24
N THR A 156 18.07 -8.75 9.79
CA THR A 156 19.10 -7.70 9.68
C THR A 156 20.54 -8.15 9.84
N THR A 157 20.83 -8.64 11.04
CA THR A 157 22.21 -8.88 11.41
C THR A 157 22.88 -9.85 10.46
N ASN A 158 22.20 -10.94 10.12
CA ASN A 158 22.80 -11.85 9.15
C ASN A 158 23.16 -11.16 7.85
N CYS A 159 22.59 -9.98 7.64
CA CYS A 159 22.92 -9.17 6.48
C CYS A 159 23.97 -8.15 6.90
N LEU A 160 23.83 -7.68 8.14
CA LEU A 160 24.70 -6.63 8.63
C LEU A 160 26.09 -7.15 8.99
N ALA A 161 26.14 -8.39 9.47
CA ALA A 161 27.40 -8.95 9.96
C ALA A 161 28.40 -9.34 8.86
N PRO A 162 27.94 -10.07 7.82
CA PRO A 162 28.86 -10.55 6.79
C PRO A 162 29.36 -9.36 6.00
N VAL A 163 29.04 -8.19 6.52
CA VAL A 163 29.48 -6.94 5.93
C VAL A 163 30.52 -6.28 6.83
N ALA A 164 30.08 -5.83 7.98
CA ALA A 164 31.01 -5.21 8.92
C ALA A 164 32.29 -6.05 8.99
N LYS A 165 32.12 -7.36 8.90
CA LYS A 165 33.24 -8.28 8.93
C LYS A 165 34.27 -7.75 7.99
N VAL A 166 33.92 -7.80 6.71
CA VAL A 166 34.81 -7.44 5.63
C VAL A 166 35.42 -6.11 5.97
N LEU A 167 34.57 -5.14 6.27
CA LEU A 167 35.05 -3.81 6.54
C LEU A 167 36.18 -3.78 7.58
N HIS A 168 36.26 -4.81 8.41
CA HIS A 168 37.20 -4.74 9.52
C HIS A 168 38.47 -5.56 9.29
N ASP A 169 38.30 -6.78 8.79
CA ASP A 169 39.44 -7.59 8.37
C ASP A 169 40.11 -6.88 7.18
N ASN A 170 39.77 -5.60 6.99
CA ASN A 170 40.28 -4.76 5.91
C ASN A 170 40.73 -3.38 6.40
N PHE A 171 39.76 -2.50 6.57
CA PHE A 171 40.02 -1.08 6.85
C PHE A 171 40.08 -0.73 8.33
N GLY A 172 39.36 -1.48 9.16
CA GLY A 172 39.39 -1.22 10.59
C GLY A 172 38.35 -0.20 11.04
N ILE A 173 37.21 -0.72 11.50
CA ILE A 173 36.09 0.06 12.00
C ILE A 173 36.36 0.62 13.37
N ILE A 174 36.31 1.94 13.51
CA ILE A 174 36.51 2.59 14.82
C ILE A 174 35.21 2.64 15.64
N LYS A 175 34.16 3.17 15.03
CA LYS A 175 32.87 3.33 15.66
C LYS A 175 31.82 2.98 14.65
N GLY A 176 30.57 3.35 14.91
CA GLY A 176 29.50 3.00 14.02
C GLY A 176 28.07 3.28 14.46
N THR A 177 27.15 2.87 13.61
CA THR A 177 25.75 3.13 13.81
C THR A 177 25.07 2.76 12.51
N MET A 178 23.76 2.66 12.57
CA MET A 178 23.09 1.83 11.61
C MET A 178 21.65 2.21 11.56
N THR A 179 20.99 1.77 10.51
CA THR A 179 19.57 1.89 10.43
C THR A 179 19.16 1.01 9.27
N THR A 180 18.11 0.23 9.47
CA THR A 180 17.64 -0.63 8.39
C THR A 180 16.26 -0.18 8.04
N THR A 181 16.11 0.33 6.83
CA THR A 181 14.79 0.77 6.38
C THR A 181 14.10 -0.48 5.85
N HIS A 182 13.20 -1.02 6.64
CA HIS A 182 12.93 -2.47 6.63
C HIS A 182 11.49 -2.77 6.32
N SER A 183 11.26 -3.96 5.78
CA SER A 183 9.91 -4.37 5.41
C SER A 183 9.15 -4.82 6.65
N TYR A 184 7.85 -4.52 6.69
CA TYR A 184 7.04 -4.72 7.90
C TYR A 184 6.73 -6.17 8.19
N THR A 185 6.71 -6.52 9.48
CA THR A 185 6.57 -7.91 9.93
C THR A 185 5.22 -8.23 10.59
N LEU A 186 5.19 -9.14 11.56
CA LEU A 186 3.91 -9.48 12.22
C LEU A 186 3.85 -9.04 13.65
N ASP A 187 4.96 -8.47 14.13
CA ASP A 187 4.92 -7.75 15.37
C ASP A 187 4.39 -6.33 15.12
N GLN A 188 3.44 -6.21 14.20
CA GLN A 188 2.74 -4.96 13.96
C GLN A 188 1.26 -5.24 13.68
N ARG A 189 0.39 -4.34 14.10
CA ARG A 189 -1.03 -4.60 13.99
C ARG A 189 -1.43 -3.96 12.70
N ILE A 190 -2.37 -4.59 11.97
CA ILE A 190 -2.83 -3.99 10.71
C ILE A 190 -3.43 -2.65 10.96
N LEU A 191 -4.04 -2.48 12.14
CA LEU A 191 -4.55 -1.18 12.57
C LEU A 191 -4.00 -0.75 13.91
N ASP A 192 -3.96 0.57 14.11
CA ASP A 192 -3.60 1.10 15.40
C ASP A 192 -4.37 0.27 16.38
N ALA A 193 -3.67 -0.52 17.16
CA ALA A 193 -4.34 -1.42 18.05
C ALA A 193 -3.42 -1.60 19.22
N SER A 194 -3.94 -2.24 20.27
CA SER A 194 -3.23 -2.28 21.54
C SER A 194 -1.94 -3.05 21.43
N HIS A 195 -0.90 -2.55 22.09
CA HIS A 195 0.41 -3.16 21.92
C HIS A 195 1.42 -2.73 22.98
N ARG A 196 2.50 -3.49 23.09
CA ARG A 196 3.51 -3.17 24.09
C ARG A 196 4.24 -1.94 23.60
N ASP A 197 4.41 -1.87 22.30
CA ASP A 197 5.19 -0.83 21.67
C ASP A 197 4.23 0.05 20.91
N LEU A 198 4.14 1.31 21.30
CA LEU A 198 3.13 2.20 20.75
C LEU A 198 3.29 2.42 19.25
N ARG A 199 4.32 1.81 18.69
CA ARG A 199 4.60 1.94 17.28
C ARG A 199 4.10 0.71 16.55
N ARG A 200 4.39 -0.44 17.15
CA ARG A 200 3.91 -1.71 16.67
C ARG A 200 2.38 -1.80 16.85
N ALA A 201 1.87 -0.97 17.74
CA ALA A 201 0.44 -0.82 17.93
C ALA A 201 -0.09 -0.21 16.66
N ARG A 202 0.70 0.73 16.12
CA ARG A 202 0.27 1.56 15.02
C ARG A 202 0.24 0.83 13.68
N ALA A 203 -0.95 0.87 13.06
CA ALA A 203 -1.23 0.34 11.71
C ALA A 203 -0.03 0.37 10.77
N ALA A 204 0.27 -0.77 10.14
CA ALA A 204 1.58 -0.97 9.50
C ALA A 204 1.72 -0.63 8.00
N ALA A 205 0.70 -0.95 7.21
CA ALA A 205 0.75 -0.71 5.76
C ALA A 205 0.26 0.68 5.45
N VAL A 206 0.91 1.68 6.07
CA VAL A 206 0.55 3.10 5.93
C VAL A 206 1.60 3.94 6.60
N ASN A 207 2.46 3.31 7.39
CA ASN A 207 3.31 4.10 8.27
C ASN A 207 4.81 3.88 8.18
N ILE A 208 5.54 4.76 8.84
CA ILE A 208 6.99 4.68 8.91
C ILE A 208 7.38 4.58 10.40
N VAL A 209 7.65 3.36 10.85
CA VAL A 209 7.69 3.04 12.28
C VAL A 209 9.06 2.75 12.87
N PRO A 210 9.74 3.80 13.32
CA PRO A 210 11.00 3.57 14.03
C PRO A 210 10.78 2.47 15.04
N THR A 211 11.62 1.45 15.04
CA THR A 211 11.66 0.58 16.20
C THR A 211 13.11 0.36 16.59
N THR A 212 13.39 0.52 17.86
CA THR A 212 14.70 0.22 18.39
C THR A 212 15.09 -1.16 17.88
N THR A 213 16.37 -1.37 17.61
CA THR A 213 16.82 -2.70 17.26
C THR A 213 18.15 -3.03 17.96
N GLY A 214 18.42 -4.31 18.14
CA GLY A 214 19.66 -4.74 18.74
C GLY A 214 20.50 -5.46 17.71
N ALA A 215 19.91 -5.68 16.54
CA ALA A 215 20.57 -6.35 15.41
C ALA A 215 21.93 -5.74 15.19
N ALA A 216 22.07 -4.54 15.74
CA ALA A 216 23.32 -3.82 15.76
C ALA A 216 24.26 -4.28 16.87
N LYS A 217 23.93 -3.96 18.12
CA LYS A 217 24.84 -4.19 19.25
C LYS A 217 25.32 -5.62 19.30
N ALA A 218 24.50 -6.49 18.73
CA ALA A 218 24.69 -7.92 18.81
C ALA A 218 25.69 -8.40 17.80
N VAL A 219 26.26 -7.49 17.04
CA VAL A 219 27.30 -7.87 16.08
C VAL A 219 28.61 -8.02 16.84
N ALA A 220 28.60 -7.55 18.09
CA ALA A 220 29.69 -7.84 19.00
C ALA A 220 29.77 -9.35 19.20
N LEU A 221 28.61 -9.99 19.24
CA LEU A 221 28.49 -11.39 19.68
C LEU A 221 28.80 -12.38 18.59
N VAL A 222 29.52 -11.92 17.58
CA VAL A 222 30.03 -12.82 16.55
C VAL A 222 31.37 -12.34 16.00
N ILE A 223 31.59 -11.04 16.02
CA ILE A 223 32.87 -10.48 15.61
C ILE A 223 33.48 -9.71 16.76
N PRO A 224 33.79 -10.44 17.83
CA PRO A 224 34.31 -9.92 19.09
C PRO A 224 35.04 -8.56 19.01
N GLU A 225 35.95 -8.38 18.05
CA GLU A 225 36.70 -7.12 17.96
C GLU A 225 35.76 -5.90 17.81
N LEU A 226 34.46 -6.16 17.99
CA LEU A 226 33.40 -5.19 17.72
C LEU A 226 32.63 -4.74 18.94
N LYS A 227 32.64 -5.55 19.99
CA LYS A 227 31.87 -5.28 21.21
C LYS A 227 31.42 -3.84 21.31
N GLY A 228 30.10 -3.63 21.20
CA GLY A 228 29.49 -2.34 21.44
C GLY A 228 30.22 -1.29 20.65
N LYS A 229 30.13 -1.44 19.34
CA LYS A 229 30.71 -0.49 18.42
C LYS A 229 29.61 -0.10 17.43
N LEU A 230 28.43 -0.73 17.60
CA LEU A 230 27.35 -0.62 16.63
C LEU A 230 25.98 -0.63 17.28
N ASN A 231 25.13 0.30 16.86
CA ASN A 231 23.80 0.41 17.43
C ASN A 231 22.91 1.05 16.42
N GLY A 232 21.88 0.32 16.00
CA GLY A 232 21.06 0.70 14.85
C GLY A 232 19.62 1.08 15.13
N ILE A 233 18.91 1.44 14.06
CA ILE A 233 17.51 1.88 14.14
C ILE A 233 16.68 1.38 12.96
N ALA A 234 15.38 1.21 13.18
CA ALA A 234 14.61 0.40 12.26
C ALA A 234 13.31 1.03 11.79
N LEU A 235 13.36 1.63 10.60
CA LEU A 235 12.19 2.23 10.02
C LEU A 235 11.43 1.18 9.25
N ARG A 236 10.11 1.13 9.40
CA ARG A 236 9.30 0.00 8.95
C ARG A 236 8.11 0.37 8.05
N VAL A 237 8.01 -0.26 6.89
CA VAL A 237 7.34 0.41 5.79
C VAL A 237 6.62 -0.54 4.83
N PRO A 238 5.49 -0.08 4.24
CA PRO A 238 4.46 -0.98 3.67
C PRO A 238 4.83 -1.95 2.55
N THR A 239 6.12 -2.20 2.33
CA THR A 239 6.49 -3.37 1.56
C THR A 239 6.35 -4.57 2.46
N PRO A 240 5.72 -5.66 1.97
CA PRO A 240 5.62 -6.87 2.79
C PRO A 240 6.93 -7.63 2.96
N ASN A 241 7.95 -7.35 2.17
CA ASN A 241 9.12 -8.20 2.13
C ASN A 241 10.40 -7.51 1.67
N VAL A 242 11.51 -7.85 2.31
CA VAL A 242 12.86 -7.43 1.91
C VAL A 242 13.26 -6.16 2.59
N SER A 243 14.55 -5.91 2.67
CA SER A 243 15.04 -4.71 3.33
C SER A 243 16.52 -4.47 3.05
N VAL A 244 17.05 -3.40 3.62
CA VAL A 244 18.39 -2.94 3.29
C VAL A 244 18.93 -2.07 4.39
N VAL A 245 20.23 -2.14 4.62
CA VAL A 245 20.80 -1.43 5.75
C VAL A 245 21.70 -0.25 5.45
N ASP A 246 21.42 0.82 6.18
CA ASP A 246 22.19 2.03 6.13
C ASP A 246 23.30 1.97 7.17
N LEU A 247 24.38 1.28 6.82
CA LEU A 247 25.51 1.16 7.71
C LEU A 247 26.51 2.28 7.48
N VAL A 248 26.90 2.92 8.56
CA VAL A 248 27.88 3.99 8.55
C VAL A 248 28.93 3.54 9.55
N VAL A 249 30.17 3.99 9.39
CA VAL A 249 31.26 3.54 10.25
C VAL A 249 32.46 4.46 10.10
N GLN A 250 33.08 4.82 11.23
CA GLN A 250 34.39 5.47 11.20
C GLN A 250 35.47 4.38 11.13
N VAL A 251 36.66 4.78 10.71
CA VAL A 251 37.78 3.86 10.56
C VAL A 251 39.03 4.61 11.02
N GLU A 252 40.19 3.95 11.01
CA GLU A 252 41.43 4.64 11.34
C GLU A 252 42.48 4.56 10.21
N LYS A 253 42.18 3.78 9.18
CA LYS A 253 42.89 3.91 7.92
C LYS A 253 41.92 4.49 6.90
N PRO A 254 42.39 5.45 6.09
CA PRO A 254 41.58 6.14 5.09
C PRO A 254 41.52 5.43 3.72
N THR A 255 40.59 5.89 2.87
CA THR A 255 40.31 5.25 1.60
C THR A 255 39.12 5.90 0.86
N ILE A 256 38.68 5.28 -0.24
CA ILE A 256 37.52 5.74 -0.99
C ILE A 256 36.72 4.65 -1.69
N THR A 257 35.63 5.06 -2.30
CA THR A 257 34.61 4.13 -2.74
C THR A 257 35.17 2.97 -3.53
N GLU A 258 36.02 3.22 -4.51
CA GLU A 258 36.40 2.14 -5.41
C GLU A 258 36.98 0.98 -4.59
N GLN A 259 38.00 1.28 -3.79
CA GLN A 259 38.61 0.27 -2.92
C GLN A 259 37.48 -0.43 -2.20
N VAL A 260 36.73 0.34 -1.45
CA VAL A 260 35.59 -0.18 -0.70
C VAL A 260 34.80 -1.15 -1.57
N ASN A 261 34.19 -0.65 -2.63
CA ASN A 261 33.45 -1.51 -3.56
C ASN A 261 34.22 -2.77 -3.87
N GLU A 262 35.34 -2.61 -4.56
CA GLU A 262 36.12 -3.76 -5.03
C GLU A 262 36.48 -4.75 -3.91
N VAL A 263 36.56 -4.29 -2.67
CA VAL A 263 36.95 -5.20 -1.61
C VAL A 263 35.82 -6.17 -1.34
N LEU A 264 34.61 -5.74 -1.66
CA LEU A 264 33.44 -6.56 -1.48
C LEU A 264 33.39 -7.48 -2.66
N GLN A 265 33.69 -6.89 -3.81
CA GLN A 265 33.68 -7.60 -5.09
C GLN A 265 34.32 -8.93 -4.83
N LYS A 266 35.63 -8.88 -4.60
CA LYS A 266 36.39 -10.06 -4.20
C LYS A 266 35.54 -10.93 -3.28
N ALA A 267 35.14 -10.35 -2.15
CA ALA A 267 34.32 -11.04 -1.15
C ALA A 267 33.12 -11.77 -1.76
N SER A 268 32.41 -11.10 -2.68
CA SER A 268 31.26 -11.70 -3.35
C SER A 268 31.73 -12.79 -4.28
N GLN A 269 33.05 -12.82 -4.48
CA GLN A 269 33.68 -13.75 -5.41
C GLN A 269 34.61 -14.74 -4.68
N THR A 270 35.27 -14.28 -3.63
CA THR A 270 36.21 -15.11 -2.86
C THR A 270 35.79 -15.48 -1.40
N THR A 271 36.14 -14.61 -0.46
CA THR A 271 35.90 -14.86 0.96
C THR A 271 34.49 -15.31 1.23
N MET A 272 33.57 -14.37 1.05
CA MET A 272 32.15 -14.55 1.33
C MET A 272 31.42 -15.20 0.18
N LYS A 273 32.11 -16.05 -0.58
CA LYS A 273 31.44 -16.66 -1.71
C LYS A 273 30.11 -17.20 -1.21
N GLY A 274 29.06 -17.03 -2.02
CA GLY A 274 27.74 -17.57 -1.70
C GLY A 274 26.97 -16.83 -0.62
N ILE A 275 27.68 -16.00 0.12
CA ILE A 275 27.11 -15.25 1.22
C ILE A 275 26.70 -13.85 0.76
N ILE A 276 27.60 -13.19 0.04
CA ILE A 276 27.37 -11.81 -0.35
C ILE A 276 27.18 -11.71 -1.84
N LYS A 277 26.12 -11.01 -2.23
CA LYS A 277 25.94 -10.65 -3.62
C LYS A 277 26.59 -9.30 -3.84
N TYR A 278 26.78 -8.97 -5.10
CA TYR A 278 27.31 -7.67 -5.47
C TYR A 278 26.41 -7.07 -6.54
N SER A 279 26.18 -5.75 -6.48
CA SER A 279 25.26 -5.08 -7.41
C SER A 279 25.74 -3.75 -8.04
N ASP A 280 26.13 -3.81 -9.30
CA ASP A 280 26.30 -2.59 -10.07
C ASP A 280 25.12 -2.41 -11.03
N LEU A 281 23.96 -2.16 -10.44
CA LEU A 281 22.76 -1.84 -11.21
C LEU A 281 21.79 -0.99 -10.39
N PRO A 282 20.89 -0.27 -11.08
CA PRO A 282 19.85 0.53 -10.43
C PRO A 282 18.61 -0.32 -10.16
N LEU A 283 18.64 -0.98 -9.01
CA LEU A 283 17.60 -1.95 -8.70
C LEU A 283 16.55 -1.41 -7.73
N VAL A 284 15.63 -2.27 -7.32
CA VAL A 284 14.70 -1.93 -6.26
C VAL A 284 14.26 -3.17 -5.50
N SER A 285 13.66 -2.95 -4.33
CA SER A 285 13.49 -4.01 -3.33
C SER A 285 12.90 -5.33 -3.84
N SER A 286 11.75 -5.29 -4.50
CA SER A 286 11.13 -6.53 -4.96
C SER A 286 11.91 -7.19 -6.08
N ASP A 287 13.09 -6.65 -6.36
CA ASP A 287 14.07 -7.25 -7.25
C ASP A 287 14.89 -8.24 -6.44
N PHE A 288 14.98 -7.97 -5.15
CA PHE A 288 15.82 -8.77 -4.27
C PHE A 288 15.07 -9.83 -3.44
N ARG A 289 13.89 -10.23 -3.91
CA ARG A 289 13.26 -11.43 -3.35
C ARG A 289 14.02 -12.65 -3.87
N GLY A 290 13.87 -13.79 -3.22
CA GLY A 290 14.50 -15.02 -3.67
C GLY A 290 16.00 -15.07 -3.41
N THR A 291 16.58 -13.94 -3.06
CA THR A 291 18.04 -13.85 -2.93
C THR A 291 18.70 -14.72 -1.87
N ASP A 292 19.58 -15.59 -2.33
CA ASP A 292 20.26 -16.55 -1.45
C ASP A 292 21.50 -15.98 -0.76
N GLU A 293 21.70 -14.67 -0.89
CA GLU A 293 22.73 -14.02 -0.15
C GLU A 293 22.15 -13.46 1.14
N SER A 294 22.97 -12.79 1.93
CA SER A 294 22.50 -12.18 3.16
C SER A 294 22.86 -10.69 3.12
N SER A 295 23.68 -10.35 2.14
CA SER A 295 24.19 -9.00 2.02
C SER A 295 24.48 -8.62 0.55
N ILE A 296 23.55 -7.88 -0.06
CA ILE A 296 23.73 -7.44 -1.43
C ILE A 296 24.30 -6.03 -1.44
N VAL A 297 25.58 -5.88 -1.69
CA VAL A 297 26.12 -4.52 -1.79
C VAL A 297 25.51 -3.86 -3.04
N ASP A 298 25.34 -2.55 -3.00
CA ASP A 298 24.84 -1.80 -4.15
C ASP A 298 25.75 -0.59 -4.37
N SER A 299 26.98 -0.85 -4.79
CA SER A 299 28.08 0.14 -4.75
C SER A 299 27.61 1.50 -5.23
N SER A 300 26.65 1.43 -6.14
CA SER A 300 25.88 2.55 -6.63
C SER A 300 25.70 3.58 -5.54
N LEU A 301 25.21 3.10 -4.41
CA LEU A 301 24.80 3.97 -3.31
C LEU A 301 25.87 4.09 -2.24
N THR A 302 26.91 3.28 -2.37
CA THR A 302 28.05 3.42 -1.50
C THR A 302 28.58 4.81 -1.65
N LEU A 303 29.04 5.37 -0.53
CA LEU A 303 29.69 6.68 -0.47
C LEU A 303 30.97 6.54 0.32
N VAL A 304 31.66 7.65 0.54
CA VAL A 304 32.75 7.69 1.50
C VAL A 304 33.03 9.12 1.90
N MET A 305 33.24 9.34 3.19
CA MET A 305 33.50 10.66 3.69
C MET A 305 34.95 10.88 4.11
N ASP A 306 35.37 12.15 4.10
CA ASP A 306 36.73 12.56 4.41
C ASP A 306 37.71 11.39 4.48
N GLY A 307 37.70 10.53 3.47
CA GLY A 307 38.65 9.43 3.42
C GLY A 307 38.49 8.37 4.48
N ASP A 308 38.23 8.76 5.73
CA ASP A 308 38.20 7.78 6.81
C ASP A 308 36.80 7.27 7.24
N LEU A 309 35.77 8.07 6.99
CA LEU A 309 34.41 7.77 7.44
C LEU A 309 33.49 7.21 6.35
N VAL A 310 32.91 6.05 6.63
CA VAL A 310 32.30 5.21 5.61
C VAL A 310 30.80 4.99 5.81
N LYS A 311 30.15 4.44 4.79
CA LYS A 311 28.70 4.27 4.77
C LYS A 311 28.35 3.30 3.65
N VAL A 312 27.71 2.20 3.99
CA VAL A 312 27.39 1.21 2.99
C VAL A 312 25.92 0.95 2.99
N ILE A 313 25.46 0.24 1.97
CA ILE A 313 24.06 -0.07 1.88
C ILE A 313 23.92 -1.42 1.24
N ALA A 314 23.28 -2.32 1.96
CA ALA A 314 23.00 -3.63 1.42
C ALA A 314 21.55 -4.02 1.62
N TRP A 315 20.98 -4.65 0.61
CA TRP A 315 19.67 -5.25 0.72
C TRP A 315 19.79 -6.65 1.30
N TYR A 316 18.78 -7.11 2.04
CA TYR A 316 18.73 -8.51 2.42
C TYR A 316 17.29 -8.96 2.51
N ASP A 317 16.93 -10.01 1.78
CA ASP A 317 15.62 -10.61 1.99
C ASP A 317 15.50 -10.95 3.46
N ASN A 318 14.74 -10.12 4.17
CA ASN A 318 14.42 -10.37 5.54
C ASN A 318 13.91 -11.80 5.72
N GLU A 319 13.14 -12.30 4.76
CA GLU A 319 12.47 -13.58 4.91
C GLU A 319 13.25 -14.80 4.45
N TRP A 320 13.30 -15.02 3.14
CA TRP A 320 13.94 -16.18 2.54
C TRP A 320 15.44 -16.12 2.67
N GLY A 321 15.95 -14.89 2.63
CA GLY A 321 17.36 -14.62 2.78
C GLY A 321 17.83 -15.28 4.05
N TYR A 322 17.27 -14.84 5.17
CA TYR A 322 17.56 -15.43 6.47
C TYR A 322 17.40 -16.95 6.47
N SER A 323 16.15 -17.39 6.32
CA SER A 323 15.81 -18.81 6.39
C SER A 323 16.83 -19.70 5.72
N GLN A 324 17.47 -19.19 4.70
CA GLN A 324 18.59 -19.92 4.17
C GLN A 324 19.63 -19.99 5.28
N ARG A 325 20.07 -18.82 5.73
CA ARG A 325 21.17 -18.72 6.68
C ARG A 325 21.08 -19.80 7.76
N VAL A 326 19.85 -20.20 8.07
CA VAL A 326 19.57 -21.27 9.02
C VAL A 326 19.87 -22.67 8.47
N VAL A 327 19.37 -22.99 7.29
CA VAL A 327 19.74 -24.26 6.72
C VAL A 327 21.27 -24.31 6.67
N ASP A 328 21.88 -23.15 6.83
CA ASP A 328 23.32 -23.06 6.86
C ASP A 328 23.86 -23.26 8.28
N LEU A 329 23.01 -23.08 9.28
CA LEU A 329 23.38 -23.29 10.69
C LEU A 329 22.93 -24.68 11.15
N ALA A 330 21.73 -25.06 10.74
CA ALA A 330 21.18 -26.37 11.04
C ALA A 330 22.13 -27.37 10.46
N GLU A 331 22.41 -27.22 9.17
CA GLU A 331 23.26 -28.17 8.49
C GLU A 331 24.50 -28.41 9.32
N LEU A 332 25.22 -27.35 9.64
CA LEU A 332 26.43 -27.50 10.43
C LEU A 332 26.25 -28.52 11.55
N ALA A 333 25.38 -28.17 12.49
CA ALA A 333 25.10 -29.00 13.66
C ALA A 333 24.79 -30.44 13.31
N ALA A 334 24.27 -30.67 12.12
CA ALA A 334 24.08 -32.02 11.58
C ALA A 334 25.43 -32.67 11.24
N ARG A 335 26.19 -32.02 10.37
CA ARG A 335 27.50 -32.54 9.99
C ARG A 335 28.56 -32.34 11.06
N LYS A 336 28.16 -32.37 12.33
CA LYS A 336 29.13 -32.40 13.41
C LYS A 336 28.45 -33.04 14.60
N TRP A 337 27.33 -33.70 14.33
CA TRP A 337 26.52 -34.18 15.41
C TRP A 337 27.16 -35.35 16.17
N ALA A 338 26.71 -35.49 17.42
CA ALA A 338 27.11 -36.56 18.32
C ALA A 338 26.14 -36.75 19.51
N MET B 1 4.58 -20.51 -41.86
CA MET B 1 5.34 -19.30 -42.17
C MET B 1 5.45 -18.40 -40.95
N THR B 2 6.62 -17.78 -40.78
CA THR B 2 6.77 -16.73 -39.78
C THR B 2 6.21 -15.42 -40.36
N ILE B 3 5.29 -14.80 -39.63
CA ILE B 3 4.98 -13.41 -39.90
C ILE B 3 5.82 -12.61 -38.92
N ARG B 4 6.41 -11.54 -39.42
CA ARG B 4 7.43 -10.81 -38.69
C ARG B 4 6.81 -9.62 -37.96
N VAL B 5 7.11 -9.52 -36.68
CA VAL B 5 6.31 -8.67 -35.79
C VAL B 5 7.05 -7.50 -35.18
N ALA B 6 6.38 -6.36 -35.16
CA ALA B 6 6.92 -5.21 -34.47
C ALA B 6 5.97 -4.83 -33.37
N ILE B 7 6.50 -4.14 -32.37
CA ILE B 7 5.79 -3.79 -31.15
C ILE B 7 5.88 -2.30 -30.91
N ASN B 8 4.74 -1.63 -30.86
CA ASN B 8 4.71 -0.18 -30.67
C ASN B 8 4.27 0.21 -29.26
N GLY B 9 5.11 0.99 -28.59
CA GLY B 9 4.93 1.17 -27.16
C GLY B 9 5.29 -0.12 -26.45
N PHE B 10 6.40 -0.09 -25.73
CA PHE B 10 6.82 -1.19 -24.88
C PHE B 10 6.21 -0.93 -23.49
N GLY B 11 4.90 -1.05 -23.41
CA GLY B 11 4.20 -0.75 -22.18
C GLY B 11 4.20 -1.91 -21.24
N ARG B 12 3.26 -1.89 -20.31
CA ARG B 12 3.02 -3.10 -19.60
C ARG B 12 2.57 -4.05 -20.69
N ILE B 13 1.41 -3.78 -21.27
CA ILE B 13 0.82 -4.72 -22.21
C ILE B 13 1.85 -5.18 -23.22
N GLY B 14 2.74 -4.27 -23.57
CA GLY B 14 3.77 -4.55 -24.54
C GLY B 14 5.03 -5.26 -24.06
N ARG B 15 5.28 -5.27 -22.75
CA ARG B 15 6.42 -6.05 -22.29
C ARG B 15 6.05 -7.46 -21.90
N ASN B 16 4.78 -7.67 -21.61
CA ASN B 16 4.33 -8.97 -21.19
C ASN B 16 4.11 -9.82 -22.43
N PHE B 17 3.61 -9.19 -23.48
CA PHE B 17 3.47 -9.85 -24.75
C PHE B 17 4.76 -10.58 -25.01
N LEU B 18 5.84 -9.82 -24.88
CA LEU B 18 7.18 -10.28 -25.25
C LEU B 18 7.66 -11.45 -24.43
N ARG B 19 7.37 -11.43 -23.13
CA ARG B 19 7.76 -12.49 -22.21
C ARG B 19 6.99 -13.80 -22.46
N CYS B 20 5.69 -13.68 -22.70
CA CYS B 20 4.82 -14.84 -22.91
C CYS B 20 5.14 -15.59 -24.20
N TRP B 21 4.98 -14.88 -25.32
CA TRP B 21 5.37 -15.41 -26.61
C TRP B 21 6.79 -15.97 -26.52
N PHE B 22 7.70 -15.10 -26.11
CA PHE B 22 9.10 -15.46 -26.02
C PHE B 22 9.30 -16.68 -25.16
N GLY B 23 8.21 -17.18 -24.59
CA GLY B 23 8.28 -18.30 -23.67
C GLY B 23 7.91 -19.66 -24.27
N ARG B 24 6.83 -19.69 -25.02
CA ARG B 24 6.20 -20.95 -25.40
C ARG B 24 7.08 -21.92 -26.18
N GLN B 25 6.61 -23.15 -26.26
CA GLN B 25 7.32 -24.19 -26.97
C GLN B 25 7.49 -23.76 -28.42
N ASN B 26 6.43 -24.01 -29.19
CA ASN B 26 6.42 -23.74 -30.61
C ASN B 26 5.61 -22.47 -30.90
N THR B 27 6.29 -21.50 -31.50
CA THR B 27 5.68 -20.22 -31.85
C THR B 27 5.70 -20.02 -33.36
N ASP B 28 4.71 -19.31 -33.90
CA ASP B 28 4.63 -19.11 -35.37
C ASP B 28 5.08 -17.73 -35.87
N LEU B 29 5.54 -16.87 -34.97
CA LEU B 29 5.81 -15.48 -35.30
C LEU B 29 7.31 -15.20 -35.43
N GLU B 30 7.66 -13.93 -35.50
CA GLU B 30 9.06 -13.54 -35.33
C GLU B 30 9.20 -12.06 -34.96
N VAL B 31 9.52 -11.84 -33.70
CA VAL B 31 9.62 -10.50 -33.13
C VAL B 31 10.91 -9.83 -33.51
N VAL B 32 10.82 -8.60 -33.96
CA VAL B 32 11.91 -8.04 -34.68
C VAL B 32 12.27 -6.66 -34.18
N ALA B 33 11.28 -5.87 -33.79
CA ALA B 33 11.61 -4.53 -33.33
C ALA B 33 10.43 -3.81 -32.69
N ILE B 34 10.75 -2.96 -31.72
CA ILE B 34 9.80 -2.43 -30.76
C ILE B 34 9.94 -0.93 -30.62
N ASN B 35 8.82 -0.24 -30.60
CA ASN B 35 8.85 1.22 -30.58
C ASN B 35 8.35 1.81 -29.30
N ASN B 36 9.23 1.88 -28.31
CA ASN B 36 8.92 2.54 -27.07
C ASN B 36 9.55 3.90 -27.14
N THR B 37 9.27 4.71 -26.14
CA THR B 37 9.88 6.01 -25.96
C THR B 37 10.99 5.84 -24.93
N SER B 38 12.11 5.29 -25.37
CA SER B 38 13.08 4.76 -24.44
C SER B 38 14.23 4.12 -25.17
N ASP B 39 15.45 4.42 -24.76
CA ASP B 39 16.62 3.78 -25.33
C ASP B 39 16.53 2.28 -25.19
N ALA B 40 17.58 1.58 -25.60
CA ALA B 40 17.65 0.15 -25.38
C ALA B 40 18.25 -0.10 -24.01
N ARG B 41 19.05 0.87 -23.52
CA ARG B 41 19.53 0.83 -22.12
C ARG B 41 18.42 0.56 -21.13
N THR B 42 17.26 1.14 -21.38
CA THR B 42 16.15 1.07 -20.45
C THR B 42 15.22 -0.12 -20.68
N ALA B 43 14.95 -0.44 -21.94
CA ALA B 43 14.00 -1.51 -22.29
C ALA B 43 14.49 -2.91 -21.88
N ALA B 44 15.79 -3.13 -22.05
CA ALA B 44 16.40 -4.33 -21.53
C ALA B 44 15.86 -4.48 -20.14
N HIS B 45 16.20 -3.47 -19.34
CA HIS B 45 15.82 -3.35 -17.95
C HIS B 45 14.38 -3.69 -17.59
N LEU B 46 13.43 -2.91 -18.10
CA LEU B 46 12.03 -3.07 -17.69
C LEU B 46 11.48 -4.39 -18.19
N LEU B 47 12.16 -5.00 -19.14
CA LEU B 47 11.83 -6.35 -19.55
C LEU B 47 12.53 -7.34 -18.64
N GLU B 48 13.76 -7.01 -18.29
CA GLU B 48 14.61 -7.90 -17.51
C GLU B 48 14.07 -8.05 -16.08
N TYR B 49 13.79 -6.92 -15.43
CA TYR B 49 13.26 -6.91 -14.07
C TYR B 49 11.89 -6.26 -14.00
N ASP B 50 10.84 -7.06 -14.11
CA ASP B 50 9.49 -6.59 -13.85
C ASP B 50 9.28 -6.50 -12.32
N SER B 51 8.65 -5.41 -11.89
CA SER B 51 8.35 -5.18 -10.49
C SER B 51 7.43 -6.29 -10.02
N VAL B 52 6.76 -6.94 -10.98
CA VAL B 52 5.67 -7.81 -10.64
C VAL B 52 5.98 -9.21 -11.13
N LEU B 53 6.62 -9.30 -12.28
CA LEU B 53 6.79 -10.60 -12.87
C LEU B 53 8.08 -11.20 -12.36
N GLY B 54 8.70 -10.51 -11.42
CA GLY B 54 9.92 -10.99 -10.79
C GLY B 54 11.04 -11.19 -11.79
N ARG B 55 12.25 -11.45 -11.31
CA ARG B 55 13.36 -11.54 -12.25
C ARG B 55 12.83 -12.28 -13.45
N PHE B 56 13.30 -11.88 -14.63
CA PHE B 56 13.11 -12.64 -15.84
C PHE B 56 14.42 -13.43 -16.09
N ASN B 57 14.30 -14.76 -16.11
CA ASN B 57 15.46 -15.62 -16.33
C ASN B 57 15.80 -15.76 -17.85
N ALA B 58 16.78 -14.99 -18.35
CA ALA B 58 17.18 -15.07 -19.77
C ALA B 58 18.42 -14.21 -20.19
N ASP B 59 19.07 -14.63 -21.29
CA ASP B 59 20.32 -14.03 -21.77
C ASP B 59 20.06 -12.67 -22.42
N ILE B 60 19.80 -11.64 -21.61
CA ILE B 60 19.47 -10.32 -22.14
C ILE B 60 20.56 -9.27 -22.01
N SER B 61 20.82 -8.58 -23.12
CA SER B 61 21.85 -7.55 -23.21
C SER B 61 21.36 -6.51 -24.20
N TYR B 62 21.95 -5.32 -24.16
CA TYR B 62 21.51 -4.26 -25.08
C TYR B 62 22.67 -3.55 -25.80
N ASP B 63 22.41 -3.03 -26.98
CA ASP B 63 23.37 -2.12 -27.59
C ASP B 63 22.77 -0.73 -27.57
N GLU B 64 22.87 0.02 -28.65
CA GLU B 64 22.31 1.36 -28.64
C GLU B 64 21.13 1.35 -29.61
N ASN B 65 20.86 0.19 -30.19
CA ASN B 65 19.97 0.12 -31.32
C ASN B 65 19.10 -1.15 -31.36
N SER B 66 19.14 -1.90 -30.26
CA SER B 66 18.36 -3.12 -30.09
C SER B 66 18.53 -3.76 -28.70
N ILE B 67 17.64 -4.69 -28.38
CA ILE B 67 17.76 -5.51 -27.18
C ILE B 67 17.91 -6.95 -27.60
N THR B 68 18.75 -7.68 -26.89
CA THR B 68 18.93 -9.09 -27.23
C THR B 68 18.41 -10.00 -26.12
N VAL B 69 17.47 -10.84 -26.48
CA VAL B 69 16.81 -11.70 -25.52
C VAL B 69 17.17 -13.12 -25.83
N ASN B 70 18.01 -13.71 -24.99
CA ASN B 70 18.47 -15.07 -25.23
C ASN B 70 18.63 -15.33 -26.72
N GLY B 71 19.73 -14.87 -27.30
CA GLY B 71 20.04 -15.18 -28.68
C GLY B 71 19.47 -14.31 -29.80
N LYS B 72 18.18 -13.96 -29.72
CA LYS B 72 17.50 -13.19 -30.76
C LYS B 72 17.46 -11.67 -30.57
N THR B 73 17.58 -10.95 -31.67
CA THR B 73 17.72 -9.50 -31.65
C THR B 73 16.64 -8.74 -32.43
N MET B 74 16.06 -7.74 -31.76
CA MET B 74 15.04 -6.87 -32.31
C MET B 74 15.48 -5.43 -32.13
N LYS B 75 15.16 -4.57 -33.10
CA LYS B 75 15.70 -3.22 -33.14
C LYS B 75 14.78 -2.35 -32.32
N ILE B 76 15.32 -1.34 -31.66
CA ILE B 76 14.48 -0.46 -30.86
C ILE B 76 14.56 0.94 -31.38
N VAL B 77 13.42 1.62 -31.37
CA VAL B 77 13.33 2.97 -31.92
C VAL B 77 12.55 3.89 -30.98
N CYS B 78 12.60 5.18 -31.29
CA CYS B 78 12.04 6.21 -30.41
C CYS B 78 10.98 7.05 -31.07
N ASP B 79 10.40 6.57 -32.16
CA ASP B 79 9.50 7.42 -32.89
C ASP B 79 8.08 7.45 -32.35
N ARG B 80 7.65 8.66 -32.02
CA ARG B 80 6.29 8.88 -31.56
C ARG B 80 5.30 8.69 -32.71
N ASN B 81 5.55 9.38 -33.83
CA ASN B 81 4.65 9.31 -34.99
C ASN B 81 4.82 8.03 -35.79
N PRO B 82 3.71 7.33 -36.04
CA PRO B 82 3.78 6.01 -36.67
C PRO B 82 4.38 6.11 -38.04
N LEU B 83 4.14 7.24 -38.70
CA LEU B 83 4.42 7.37 -40.11
C LEU B 83 5.90 7.41 -40.44
N ASN B 84 6.69 8.05 -39.58
CA ASN B 84 8.14 7.99 -39.74
C ASN B 84 8.66 6.57 -39.62
N LEU B 85 7.79 5.64 -39.32
CA LEU B 85 8.25 4.31 -38.95
C LEU B 85 8.60 3.39 -40.11
N PRO B 86 9.89 3.07 -40.19
CA PRO B 86 10.55 2.21 -41.18
C PRO B 86 9.97 0.80 -41.22
N TRP B 87 8.65 0.66 -41.38
CA TRP B 87 8.06 -0.67 -41.34
C TRP B 87 8.19 -1.46 -42.64
N LYS B 88 7.76 -0.87 -43.75
CA LYS B 88 7.87 -1.55 -45.03
C LYS B 88 9.31 -2.00 -45.21
N GLU B 89 10.24 -1.09 -44.90
CA GLU B 89 11.66 -1.39 -45.04
C GLU B 89 12.19 -2.31 -43.95
N TRP B 90 11.30 -3.01 -43.27
CA TRP B 90 11.70 -4.03 -42.31
C TRP B 90 10.86 -5.31 -42.48
N ASP B 91 10.16 -5.40 -43.62
CA ASP B 91 9.29 -6.56 -43.90
C ASP B 91 8.50 -6.85 -42.62
N ILE B 92 7.78 -5.85 -42.15
CA ILE B 92 6.96 -6.04 -40.97
C ILE B 92 5.53 -6.40 -41.32
N ASP B 93 5.26 -7.70 -41.24
CA ASP B 93 3.93 -8.21 -41.46
C ASP B 93 2.98 -7.65 -40.43
N LEU B 94 3.25 -7.86 -39.14
CA LEU B 94 2.33 -7.37 -38.14
C LEU B 94 2.99 -6.59 -37.02
N VAL B 95 2.41 -5.44 -36.72
CA VAL B 95 2.92 -4.63 -35.65
C VAL B 95 1.95 -4.75 -34.51
N ILE B 96 2.39 -4.44 -33.30
CA ILE B 96 1.46 -4.35 -32.20
C ILE B 96 1.28 -2.90 -31.81
N GLU B 97 0.04 -2.44 -31.80
CA GLU B 97 -0.28 -1.08 -31.39
C GLU B 97 -0.77 -1.02 -29.96
N SER B 98 0.12 -0.73 -29.03
CA SER B 98 -0.29 -0.79 -27.66
C SER B 98 0.32 0.35 -26.87
N THR B 99 0.64 1.44 -27.54
CA THR B 99 0.97 2.65 -26.81
C THR B 99 -0.33 3.15 -26.21
N GLY B 100 -1.43 2.57 -26.68
CA GLY B 100 -2.75 2.97 -26.22
C GLY B 100 -2.99 4.45 -26.48
N VAL B 101 -2.99 4.81 -27.78
CA VAL B 101 -3.38 6.14 -28.29
C VAL B 101 -3.83 5.96 -29.74
N PHE B 102 -2.99 5.27 -30.48
CA PHE B 102 -3.35 4.93 -31.83
C PHE B 102 -4.28 3.75 -31.70
N VAL B 103 -5.26 3.90 -30.82
CA VAL B 103 -6.26 2.87 -30.60
C VAL B 103 -7.43 3.23 -31.48
N THR B 104 -7.21 4.29 -32.25
CA THR B 104 -8.21 4.73 -33.21
C THR B 104 -8.34 3.69 -34.34
N ALA B 105 -9.49 3.63 -35.01
CA ALA B 105 -9.66 2.78 -36.20
C ALA B 105 -8.76 3.32 -37.28
N GLU B 106 -8.90 4.63 -37.50
CA GLU B 106 -7.98 5.41 -38.32
C GLU B 106 -6.53 5.28 -37.86
N GLY B 107 -6.07 6.29 -37.14
CA GLY B 107 -4.68 6.50 -36.81
C GLY B 107 -3.80 5.26 -36.74
N ALA B 108 -4.36 4.20 -36.19
CA ALA B 108 -3.62 2.95 -36.02
C ALA B 108 -3.23 2.36 -37.36
N SER B 109 -3.73 2.97 -38.43
CA SER B 109 -3.46 2.53 -39.78
C SER B 109 -2.29 3.33 -40.34
N LYS B 110 -1.90 4.37 -39.60
CA LYS B 110 -0.65 5.08 -39.83
C LYS B 110 0.48 4.07 -39.80
N HIS B 111 0.29 3.04 -38.99
CA HIS B 111 1.19 1.92 -38.98
C HIS B 111 1.33 1.33 -40.38
N ILE B 112 0.19 1.05 -41.02
CA ILE B 112 0.20 0.43 -42.32
C ILE B 112 0.85 1.37 -43.32
N GLN B 113 0.38 2.61 -43.36
CA GLN B 113 0.91 3.55 -44.32
C GLN B 113 2.33 3.90 -43.91
N ALA B 114 2.87 3.03 -43.06
CA ALA B 114 4.27 3.06 -42.67
C ALA B 114 4.87 1.71 -43.02
N GLY B 115 4.10 0.87 -43.69
CA GLY B 115 4.60 -0.36 -44.28
C GLY B 115 3.84 -1.63 -43.97
N ALA B 116 3.40 -1.74 -42.72
CA ALA B 116 2.97 -2.99 -42.09
C ALA B 116 1.68 -3.63 -42.64
N LYS B 117 1.73 -4.94 -42.84
CA LYS B 117 0.58 -5.66 -43.38
C LYS B 117 -0.64 -5.42 -42.53
N LYS B 118 -0.65 -5.99 -41.33
CA LYS B 118 -1.73 -5.80 -40.34
C LYS B 118 -1.28 -5.31 -38.96
N VAL B 119 -2.15 -4.55 -38.32
CA VAL B 119 -1.81 -3.94 -37.03
C VAL B 119 -2.74 -4.35 -35.88
N LEU B 120 -2.18 -4.78 -34.75
CA LEU B 120 -3.01 -5.24 -33.65
C LEU B 120 -3.22 -4.19 -32.56
N ILE B 121 -4.37 -4.25 -31.92
CA ILE B 121 -4.68 -3.37 -30.78
C ILE B 121 -5.05 -4.12 -29.48
N THR B 122 -4.82 -3.45 -28.36
CA THR B 122 -4.78 -4.08 -27.05
C THR B 122 -5.81 -3.47 -26.12
N ALA B 123 -6.63 -2.59 -26.68
CA ALA B 123 -7.72 -1.98 -25.93
C ALA B 123 -8.96 -2.14 -26.79
N PRO B 124 -10.09 -1.57 -26.37
CA PRO B 124 -11.27 -1.59 -27.24
C PRO B 124 -10.99 -0.93 -28.59
N GLY B 125 -11.84 -1.17 -29.59
CA GLY B 125 -11.66 -0.58 -30.91
C GLY B 125 -12.64 0.55 -31.16
N LYS B 126 -12.27 1.76 -30.73
CA LYS B 126 -13.13 2.92 -30.82
C LYS B 126 -13.13 3.60 -32.19
N GLY B 127 -14.30 4.09 -32.58
CA GLY B 127 -14.53 4.54 -33.94
C GLY B 127 -14.87 3.31 -34.75
N GLU B 128 -15.44 3.52 -35.93
CA GLU B 128 -15.93 2.40 -36.73
C GLU B 128 -14.75 1.82 -37.49
N GLY B 129 -14.95 0.65 -38.10
CA GLY B 129 -13.90 0.04 -38.90
C GLY B 129 -12.72 -0.44 -38.08
N VAL B 130 -12.90 -1.61 -37.47
CA VAL B 130 -11.88 -2.25 -36.64
C VAL B 130 -12.38 -3.60 -36.16
N GLY B 131 -11.47 -4.56 -36.12
CA GLY B 131 -11.84 -5.89 -35.69
C GLY B 131 -11.59 -6.08 -34.21
N THR B 132 -12.53 -6.75 -33.55
CA THR B 132 -12.32 -7.12 -32.18
C THR B 132 -12.64 -8.60 -32.12
N TYR B 133 -11.92 -9.29 -31.25
CA TYR B 133 -12.01 -10.73 -31.16
C TYR B 133 -11.71 -11.16 -29.74
N VAL B 134 -12.59 -11.97 -29.20
CA VAL B 134 -12.34 -12.51 -27.89
C VAL B 134 -11.90 -13.95 -28.07
N ILE B 135 -10.60 -14.19 -27.92
CA ILE B 135 -10.04 -15.51 -28.19
C ILE B 135 -10.86 -16.59 -27.51
N GLY B 136 -11.25 -17.59 -28.28
CA GLY B 136 -12.13 -18.63 -27.78
C GLY B 136 -13.54 -18.13 -27.58
N VAL B 137 -14.00 -17.24 -28.47
CA VAL B 137 -15.41 -16.82 -28.50
C VAL B 137 -15.93 -16.84 -29.92
N ASN B 138 -15.69 -15.71 -30.58
CA ASN B 138 -16.02 -15.54 -31.96
C ASN B 138 -14.78 -15.91 -32.72
N ASP B 139 -13.67 -16.10 -32.00
CA ASP B 139 -12.37 -16.41 -32.62
C ASP B 139 -12.57 -17.31 -33.84
N SER B 140 -13.67 -18.08 -33.80
CA SER B 140 -14.12 -18.93 -34.89
C SER B 140 -14.40 -18.19 -36.23
N GLU B 141 -14.56 -16.88 -36.16
CA GLU B 141 -15.02 -16.10 -37.32
C GLU B 141 -13.89 -15.27 -38.01
N TYR B 142 -12.65 -15.76 -37.92
CA TYR B 142 -11.46 -14.98 -38.33
C TYR B 142 -11.16 -14.94 -39.82
N ARG B 143 -11.05 -13.70 -40.34
CA ARG B 143 -10.93 -13.45 -41.76
C ARG B 143 -9.88 -12.39 -42.08
N HIS B 144 -8.70 -12.86 -42.47
CA HIS B 144 -7.59 -12.01 -42.91
C HIS B 144 -8.08 -10.90 -43.83
N GLU B 145 -8.93 -11.25 -44.78
CA GLU B 145 -9.50 -10.27 -45.69
C GLU B 145 -10.84 -9.73 -45.16
N ASP B 146 -10.89 -9.55 -43.84
CA ASP B 146 -12.04 -8.90 -43.23
C ASP B 146 -11.60 -7.55 -42.68
N PHE B 147 -10.66 -7.57 -41.74
CA PHE B 147 -10.10 -6.34 -41.19
C PHE B 147 -8.60 -6.36 -41.30
N ALA B 148 -8.00 -5.17 -41.23
CA ALA B 148 -6.55 -5.07 -41.14
C ALA B 148 -6.19 -4.47 -39.80
N VAL B 149 -7.23 -4.23 -39.00
CA VAL B 149 -7.16 -3.44 -37.77
C VAL B 149 -7.91 -4.11 -36.61
N ILE B 150 -7.31 -5.13 -36.02
CA ILE B 150 -7.97 -5.95 -35.02
C ILE B 150 -7.85 -5.36 -33.60
N SER B 151 -8.18 -6.18 -32.58
CA SER B 151 -8.25 -5.71 -31.20
C SER B 151 -8.58 -6.84 -30.21
N ASN B 152 -7.69 -7.13 -29.27
CA ASN B 152 -7.94 -8.11 -28.22
C ASN B 152 -9.00 -7.57 -27.24
N ALA B 153 -8.88 -6.30 -26.90
CA ALA B 153 -9.86 -5.54 -26.11
C ALA B 153 -9.56 -5.47 -24.62
N SER B 154 -10.33 -4.65 -23.91
CA SER B 154 -10.15 -4.44 -22.48
C SER B 154 -9.79 -5.67 -21.65
N CYS B 155 -8.90 -5.46 -20.67
CA CYS B 155 -8.43 -6.50 -19.76
C CYS B 155 -9.58 -7.13 -19.01
N THR B 156 -10.74 -6.50 -19.11
CA THR B 156 -11.89 -6.92 -18.34
C THR B 156 -12.91 -7.60 -19.24
N THR B 157 -12.96 -7.16 -20.50
CA THR B 157 -13.86 -7.72 -21.51
C THR B 157 -13.44 -9.10 -21.93
N ASN B 158 -12.14 -9.34 -21.99
CA ASN B 158 -11.70 -10.69 -22.21
C ASN B 158 -11.95 -11.57 -21.00
N CYS B 159 -12.02 -10.98 -19.81
CA CYS B 159 -12.46 -11.76 -18.65
C CYS B 159 -13.97 -11.96 -18.74
N LEU B 160 -14.67 -10.87 -18.99
CA LEU B 160 -16.11 -10.91 -19.11
C LEU B 160 -16.54 -11.99 -20.06
N ALA B 161 -16.36 -11.71 -21.35
CA ALA B 161 -16.87 -12.54 -22.44
C ALA B 161 -16.95 -14.05 -22.22
N PRO B 162 -15.83 -14.70 -21.89
CA PRO B 162 -15.84 -16.17 -21.85
C PRO B 162 -16.68 -16.61 -20.67
N VAL B 163 -17.41 -15.64 -20.13
CA VAL B 163 -18.34 -15.91 -19.06
C VAL B 163 -19.75 -15.83 -19.62
N ALA B 164 -20.19 -14.62 -19.91
CA ALA B 164 -21.56 -14.38 -20.39
C ALA B 164 -21.94 -15.26 -21.56
N LYS B 165 -21.04 -15.32 -22.55
CA LYS B 165 -21.16 -16.26 -23.64
C LYS B 165 -21.75 -17.54 -23.07
N VAL B 166 -20.94 -18.17 -22.21
CA VAL B 166 -21.29 -19.43 -21.56
C VAL B 166 -22.67 -19.48 -20.90
N LEU B 167 -23.05 -18.41 -20.23
CA LEU B 167 -24.35 -18.41 -19.59
C LEU B 167 -25.45 -18.23 -20.60
N HIS B 168 -25.18 -17.44 -21.63
CA HIS B 168 -26.21 -17.11 -22.61
C HIS B 168 -26.67 -18.33 -23.40
N ASP B 169 -25.82 -19.35 -23.44
CA ASP B 169 -26.17 -20.56 -24.19
C ASP B 169 -26.80 -21.61 -23.27
N ASN B 170 -26.25 -21.73 -22.08
CA ASN B 170 -26.79 -22.67 -21.12
C ASN B 170 -28.17 -22.25 -20.66
N PHE B 171 -28.24 -21.10 -20.00
CA PHE B 171 -29.48 -20.60 -19.42
C PHE B 171 -30.08 -19.55 -20.32
N GLY B 172 -29.31 -18.50 -20.55
CA GLY B 172 -29.70 -17.39 -21.38
C GLY B 172 -29.87 -16.14 -20.56
N ILE B 173 -29.18 -15.06 -20.96
CA ILE B 173 -29.27 -13.75 -20.30
C ILE B 173 -30.43 -12.89 -20.78
N ILE B 174 -31.20 -12.36 -19.83
CA ILE B 174 -32.14 -11.32 -20.19
C ILE B 174 -31.40 -9.99 -20.18
N LYS B 175 -30.67 -9.76 -19.09
CA LYS B 175 -29.88 -8.55 -18.96
C LYS B 175 -29.08 -8.60 -17.67
N GLY B 176 -28.03 -7.79 -17.62
CA GLY B 176 -27.14 -7.77 -16.47
C GLY B 176 -26.37 -6.47 -16.32
N THR B 177 -25.25 -6.56 -15.62
CA THR B 177 -24.28 -5.49 -15.41
C THR B 177 -23.12 -6.19 -14.76
N MET B 178 -22.06 -5.45 -14.48
CA MET B 178 -20.99 -6.03 -13.73
C MET B 178 -20.30 -4.90 -13.03
N THR B 179 -19.27 -5.25 -12.27
CA THR B 179 -18.32 -4.31 -11.73
C THR B 179 -17.07 -5.09 -11.44
N THR B 180 -15.92 -4.45 -11.50
CA THR B 180 -14.70 -5.16 -11.20
C THR B 180 -13.85 -4.33 -10.30
N THR B 181 -13.39 -4.93 -9.21
CA THR B 181 -12.34 -4.35 -8.40
C THR B 181 -11.07 -4.61 -9.16
N HIS B 182 -10.22 -3.60 -9.26
CA HIS B 182 -9.27 -3.55 -10.35
C HIS B 182 -7.87 -3.18 -9.92
N SER B 183 -6.87 -3.83 -10.51
CA SER B 183 -5.50 -3.43 -10.25
C SER B 183 -5.33 -2.01 -10.76
N TYR B 184 -4.45 -1.27 -10.15
CA TYR B 184 -4.37 0.13 -10.48
C TYR B 184 -3.44 0.34 -11.64
N THR B 185 -4.00 0.87 -12.73
CA THR B 185 -3.30 0.95 -14.00
C THR B 185 -2.40 2.19 -14.03
N LEU B 186 -1.73 2.39 -15.17
CA LEU B 186 -0.73 3.44 -15.31
C LEU B 186 -1.34 4.78 -15.67
N ASP B 187 -2.63 4.79 -16.00
CA ASP B 187 -3.31 5.99 -16.46
C ASP B 187 -4.01 6.83 -15.37
N GLN B 188 -3.79 6.50 -14.10
CA GLN B 188 -4.31 7.31 -13.01
C GLN B 188 -3.20 7.67 -12.05
N ARG B 189 -3.05 8.95 -11.77
CA ARG B 189 -1.81 9.43 -11.19
C ARG B 189 -1.45 8.73 -9.87
N ILE B 190 -0.15 8.67 -9.59
CA ILE B 190 0.39 8.15 -8.35
C ILE B 190 -0.09 8.99 -7.22
N LEU B 191 -0.41 10.23 -7.52
CA LEU B 191 -0.89 11.15 -6.51
C LEU B 191 -1.96 12.06 -7.11
N ASP B 192 -2.43 13.00 -6.31
CA ASP B 192 -3.46 13.87 -6.81
C ASP B 192 -2.83 14.90 -7.71
N ALA B 193 -2.99 14.69 -9.01
CA ALA B 193 -2.50 15.65 -9.97
C ALA B 193 -3.46 15.76 -11.15
N SER B 194 -3.24 16.80 -11.96
CA SER B 194 -4.10 17.13 -13.10
C SER B 194 -4.51 15.91 -13.94
N HIS B 195 -5.70 15.98 -14.50
CA HIS B 195 -6.18 14.87 -15.31
C HIS B 195 -7.59 15.12 -15.84
N ARG B 196 -8.04 14.24 -16.74
CA ARG B 196 -9.29 14.44 -17.44
C ARG B 196 -10.44 13.61 -16.87
N ASP B 197 -10.10 12.62 -16.04
CA ASP B 197 -11.08 11.95 -15.18
C ASP B 197 -10.71 12.26 -13.74
N LEU B 198 -11.43 13.22 -13.16
CA LEU B 198 -11.18 13.81 -11.84
C LEU B 198 -10.81 12.76 -10.79
N ARG B 199 -11.28 11.55 -11.03
CA ARG B 199 -11.01 10.44 -10.16
C ARG B 199 -9.59 9.94 -10.39
N ARG B 200 -9.29 9.62 -11.64
CA ARG B 200 -7.95 9.20 -11.99
C ARG B 200 -6.88 10.20 -11.51
N ALA B 201 -7.29 11.47 -11.43
CA ALA B 201 -6.40 12.52 -10.95
C ALA B 201 -5.87 12.11 -9.61
N ARG B 202 -6.62 11.19 -9.00
CA ARG B 202 -6.48 10.83 -7.60
C ARG B 202 -5.61 9.59 -7.43
N ALA B 203 -4.84 9.60 -6.34
CA ALA B 203 -3.77 8.63 -6.04
C ALA B 203 -4.21 7.18 -5.78
N ALA B 204 -4.21 6.35 -6.83
CA ALA B 204 -4.79 5.00 -6.78
C ALA B 204 -4.25 4.13 -5.67
N ALA B 205 -3.09 4.50 -5.14
CA ALA B 205 -2.41 3.73 -4.12
C ALA B 205 -3.09 3.95 -2.81
N VAL B 206 -3.80 5.07 -2.68
CA VAL B 206 -4.30 5.52 -1.39
C VAL B 206 -5.82 5.63 -1.38
N ASN B 207 -6.46 5.21 -2.46
CA ASN B 207 -7.89 5.39 -2.59
C ASN B 207 -8.59 4.24 -3.25
N ILE B 208 -9.86 4.49 -3.55
CA ILE B 208 -10.68 3.60 -4.34
C ILE B 208 -11.35 4.38 -5.47
N VAL B 209 -10.76 4.30 -6.64
CA VAL B 209 -11.29 5.03 -7.76
C VAL B 209 -12.20 4.12 -8.57
N PRO B 210 -13.47 4.48 -8.64
CA PRO B 210 -14.37 3.92 -9.65
C PRO B 210 -14.25 4.70 -10.97
N THR B 211 -14.33 4.00 -12.09
CA THR B 211 -14.43 4.71 -13.38
C THR B 211 -15.37 4.03 -14.36
N THR B 212 -15.85 4.85 -15.29
CA THR B 212 -16.65 4.41 -16.40
C THR B 212 -15.98 3.23 -17.10
N THR B 213 -16.70 2.60 -18.02
CA THR B 213 -16.05 1.80 -19.05
C THR B 213 -16.99 1.45 -20.18
N GLY B 214 -16.40 0.96 -21.26
CA GLY B 214 -17.12 0.34 -22.33
C GLY B 214 -16.56 -1.06 -22.45
N ALA B 215 -16.31 -1.69 -21.32
CA ALA B 215 -15.85 -3.06 -21.31
C ALA B 215 -17.07 -3.96 -21.45
N ALA B 216 -18.25 -3.41 -21.19
CA ALA B 216 -19.51 -4.18 -21.18
C ALA B 216 -20.29 -4.10 -22.48
N LYS B 217 -20.66 -2.88 -22.91
CA LYS B 217 -21.22 -2.72 -24.25
C LYS B 217 -20.28 -3.52 -25.13
N ALA B 218 -19.00 -3.52 -24.73
CA ALA B 218 -17.95 -4.29 -25.38
C ALA B 218 -18.32 -5.75 -25.57
N VAL B 219 -18.94 -6.33 -24.55
CA VAL B 219 -19.40 -7.71 -24.69
C VAL B 219 -20.56 -7.71 -25.68
N ALA B 220 -21.37 -6.65 -25.65
CA ALA B 220 -22.44 -6.47 -26.61
C ALA B 220 -21.84 -6.38 -28.01
N LEU B 221 -21.10 -7.42 -28.40
CA LEU B 221 -20.41 -7.43 -29.70
C LEU B 221 -20.00 -8.83 -30.13
N VAL B 222 -18.77 -9.21 -29.80
CA VAL B 222 -18.27 -10.56 -30.08
C VAL B 222 -19.28 -11.60 -29.59
N ILE B 223 -20.12 -11.16 -28.65
CA ILE B 223 -21.41 -11.81 -28.43
C ILE B 223 -22.48 -10.89 -28.97
N PRO B 224 -22.86 -11.09 -30.23
CA PRO B 224 -23.84 -10.24 -30.91
C PRO B 224 -25.04 -10.01 -30.01
N GLU B 225 -25.72 -11.11 -29.68
CA GLU B 225 -27.04 -11.13 -29.05
C GLU B 225 -27.21 -10.35 -27.73
N LEU B 226 -26.10 -10.10 -27.03
CA LEU B 226 -26.15 -9.33 -25.82
C LEU B 226 -26.25 -7.86 -26.14
N LYS B 227 -27.24 -7.47 -26.92
CA LYS B 227 -27.19 -6.14 -27.51
C LYS B 227 -27.75 -5.04 -26.64
N GLY B 228 -26.86 -4.27 -26.04
CA GLY B 228 -27.28 -3.24 -25.10
C GLY B 228 -28.02 -3.89 -23.95
N LYS B 229 -27.43 -4.93 -23.38
CA LYS B 229 -28.02 -5.67 -22.27
C LYS B 229 -27.24 -5.55 -20.96
N LEU B 230 -25.92 -5.44 -21.04
CA LEU B 230 -25.08 -5.39 -19.84
C LEU B 230 -24.17 -4.16 -19.80
N ASN B 231 -24.05 -3.52 -18.65
CA ASN B 231 -23.18 -2.36 -18.56
C ASN B 231 -22.36 -2.36 -17.28
N GLY B 232 -22.56 -1.33 -16.47
CA GLY B 232 -21.79 -1.19 -15.26
C GLY B 232 -20.46 -0.50 -15.44
N ILE B 233 -19.49 -0.95 -14.64
CA ILE B 233 -18.26 -0.22 -14.42
C ILE B 233 -17.22 -1.00 -13.63
N ALA B 234 -16.46 -0.29 -12.79
CA ALA B 234 -15.40 -0.91 -12.02
C ALA B 234 -14.65 0.08 -11.13
N LEU B 235 -14.07 -0.44 -10.06
CA LEU B 235 -13.28 0.37 -9.14
C LEU B 235 -11.86 -0.12 -9.13
N ARG B 236 -10.92 0.80 -9.07
CA ARG B 236 -9.53 0.41 -9.09
C ARG B 236 -8.98 0.55 -7.68
N VAL B 237 -7.92 -0.20 -7.36
CA VAL B 237 -7.42 -0.27 -6.00
C VAL B 237 -5.96 -0.71 -5.91
N PRO B 238 -5.30 -0.34 -4.80
CA PRO B 238 -3.87 -0.44 -4.48
C PRO B 238 -3.19 -1.78 -4.67
N THR B 239 -3.82 -2.71 -5.39
CA THR B 239 -3.13 -3.92 -5.80
C THR B 239 -2.60 -3.74 -7.21
N PRO B 240 -1.28 -3.65 -7.35
CA PRO B 240 -0.56 -3.35 -8.59
C PRO B 240 -0.84 -4.34 -9.74
N ASN B 241 -1.49 -5.44 -9.44
CA ASN B 241 -1.70 -6.48 -10.45
C ASN B 241 -2.93 -7.38 -10.20
N VAL B 242 -3.39 -8.04 -11.27
CA VAL B 242 -4.53 -8.93 -11.21
C VAL B 242 -5.75 -8.25 -10.69
N SER B 243 -6.76 -8.09 -11.53
CA SER B 243 -8.02 -7.59 -11.04
C SER B 243 -9.04 -8.73 -10.92
N VAL B 244 -10.30 -8.41 -10.69
CA VAL B 244 -11.29 -9.47 -10.42
C VAL B 244 -12.74 -8.98 -10.55
N VAL B 245 -13.61 -9.80 -11.13
CA VAL B 245 -14.90 -9.31 -11.62
C VAL B 245 -16.15 -9.96 -11.02
N ASP B 246 -16.99 -9.12 -10.45
CA ASP B 246 -18.29 -9.55 -9.93
C ASP B 246 -19.35 -9.33 -11.00
N LEU B 247 -19.87 -10.42 -11.57
CA LEU B 247 -20.93 -10.32 -12.59
C LEU B 247 -22.34 -10.59 -12.08
N VAL B 248 -23.30 -9.77 -12.50
CA VAL B 248 -24.66 -9.83 -11.98
C VAL B 248 -25.72 -10.10 -13.05
N VAL B 249 -25.91 -11.33 -13.50
CA VAL B 249 -26.80 -11.50 -14.66
C VAL B 249 -28.11 -12.25 -14.49
N GLN B 250 -29.18 -11.60 -14.94
CA GLN B 250 -30.47 -12.24 -15.07
C GLN B 250 -30.31 -13.34 -16.12
N VAL B 251 -31.39 -14.00 -16.48
CA VAL B 251 -31.33 -15.16 -17.35
C VAL B 251 -32.76 -15.50 -17.69
N GLU B 252 -32.96 -16.49 -18.57
CA GLU B 252 -34.28 -16.97 -18.94
C GLU B 252 -34.39 -18.49 -18.71
N LYS B 253 -33.87 -18.95 -17.57
CA LYS B 253 -33.63 -20.38 -17.38
C LYS B 253 -33.04 -20.64 -15.98
N PRO B 254 -33.87 -21.04 -15.01
CA PRO B 254 -33.49 -21.13 -13.58
C PRO B 254 -32.54 -22.28 -13.20
N THR B 255 -31.63 -21.99 -12.28
CA THR B 255 -30.60 -22.95 -11.86
C THR B 255 -30.20 -22.79 -10.40
N ILE B 256 -29.31 -23.67 -9.98
CA ILE B 256 -28.81 -23.69 -8.62
C ILE B 256 -27.32 -23.69 -8.68
N THR B 257 -26.71 -23.02 -7.72
CA THR B 257 -25.29 -22.84 -7.75
C THR B 257 -24.53 -24.13 -8.03
N GLU B 258 -24.78 -25.17 -7.24
CA GLU B 258 -23.97 -26.38 -7.33
C GLU B 258 -23.82 -26.92 -8.76
N GLN B 259 -24.78 -26.56 -9.63
CA GLN B 259 -24.76 -26.92 -11.06
C GLN B 259 -24.10 -25.82 -11.90
N VAL B 260 -24.50 -24.58 -11.61
CA VAL B 260 -23.92 -23.41 -12.20
C VAL B 260 -22.42 -23.59 -12.25
N ASN B 261 -21.86 -23.99 -11.12
CA ASN B 261 -20.41 -24.18 -11.05
C ASN B 261 -19.97 -25.45 -11.77
N GLU B 262 -20.91 -26.39 -11.97
CA GLU B 262 -20.62 -27.66 -12.64
C GLU B 262 -20.46 -27.44 -14.14
N VAL B 263 -21.39 -26.71 -14.73
CA VAL B 263 -21.30 -26.40 -16.14
C VAL B 263 -20.01 -25.65 -16.36
N LEU B 264 -19.70 -24.82 -15.39
CA LEU B 264 -18.49 -24.04 -15.45
C LEU B 264 -17.25 -24.89 -15.37
N GLN B 265 -17.18 -25.74 -14.35
CA GLN B 265 -16.13 -26.73 -14.28
C GLN B 265 -16.12 -27.49 -15.61
N LYS B 266 -17.26 -27.55 -16.28
CA LYS B 266 -17.33 -28.15 -17.62
C LYS B 266 -16.46 -27.38 -18.61
N ALA B 267 -16.82 -26.12 -18.86
CA ALA B 267 -16.03 -25.30 -19.77
C ALA B 267 -14.60 -25.09 -19.26
N SER B 268 -14.23 -25.80 -18.21
CA SER B 268 -12.85 -25.83 -17.75
C SER B 268 -12.21 -27.21 -18.00
N GLN B 269 -12.87 -27.99 -18.87
CA GLN B 269 -12.23 -29.11 -19.56
C GLN B 269 -12.53 -29.06 -21.05
N THR B 270 -13.53 -28.25 -21.44
CA THR B 270 -13.99 -28.18 -22.83
C THR B 270 -13.84 -26.80 -23.49
N THR B 271 -14.93 -26.36 -24.13
CA THR B 271 -14.95 -25.19 -25.00
C THR B 271 -13.99 -24.05 -24.66
N MET B 272 -13.61 -23.97 -23.39
CA MET B 272 -12.69 -22.94 -22.94
C MET B 272 -11.47 -23.56 -22.26
N LYS B 273 -11.12 -24.79 -22.62
CA LYS B 273 -10.02 -25.50 -21.96
C LYS B 273 -8.69 -24.76 -22.03
N GLY B 274 -8.49 -23.83 -21.11
CA GLY B 274 -7.34 -22.95 -21.15
C GLY B 274 -7.80 -21.50 -21.27
N ILE B 275 -9.12 -21.32 -21.39
CA ILE B 275 -9.73 -19.99 -21.27
C ILE B 275 -10.19 -19.70 -19.83
N ILE B 276 -10.93 -20.63 -19.25
CA ILE B 276 -11.39 -20.48 -17.88
C ILE B 276 -10.71 -21.49 -16.93
N LYS B 277 -10.46 -21.06 -15.70
CA LYS B 277 -9.90 -21.95 -14.70
C LYS B 277 -10.89 -22.15 -13.58
N TYR B 278 -10.37 -22.44 -12.39
CA TYR B 278 -11.25 -22.98 -11.37
C TYR B 278 -10.66 -23.21 -9.98
N SER B 279 -11.21 -22.52 -8.98
CA SER B 279 -10.85 -22.77 -7.60
C SER B 279 -12.02 -23.26 -6.77
N ASP B 280 -11.91 -24.49 -6.28
CA ASP B 280 -12.72 -24.95 -5.16
C ASP B 280 -12.03 -24.47 -3.89
N LEU B 281 -10.75 -24.18 -4.03
CA LEU B 281 -9.95 -23.55 -2.97
C LEU B 281 -10.48 -22.15 -2.61
N PRO B 282 -9.87 -21.56 -1.58
CA PRO B 282 -10.21 -20.22 -1.06
C PRO B 282 -9.01 -19.27 -1.22
N LEU B 283 -8.92 -18.59 -2.34
CA LEU B 283 -7.73 -17.81 -2.65
C LEU B 283 -7.93 -16.29 -2.56
N VAL B 284 -6.91 -15.56 -2.98
CA VAL B 284 -6.88 -14.11 -2.85
C VAL B 284 -5.88 -13.52 -3.84
N SER B 285 -6.36 -12.58 -4.65
CA SER B 285 -5.58 -12.04 -5.76
C SER B 285 -4.19 -12.65 -5.93
N SER B 286 -3.19 -12.17 -5.18
CA SER B 286 -1.78 -12.61 -5.34
C SER B 286 -1.60 -14.09 -5.69
N ASP B 287 -2.72 -14.81 -5.63
CA ASP B 287 -2.78 -16.23 -5.82
C ASP B 287 -2.94 -16.52 -7.29
N PHE B 288 -3.29 -15.50 -8.05
CA PHE B 288 -3.58 -15.68 -9.48
C PHE B 288 -2.57 -14.95 -10.38
N ARG B 289 -1.37 -14.73 -9.85
CA ARG B 289 -0.30 -14.15 -10.66
C ARG B 289 0.26 -15.23 -11.57
N GLY B 290 0.96 -14.80 -12.63
CA GLY B 290 1.47 -15.70 -13.65
C GLY B 290 0.42 -16.66 -14.23
N THR B 291 -0.86 -16.33 -14.06
CA THR B 291 -1.96 -17.25 -14.41
C THR B 291 -2.46 -17.11 -15.86
N ASP B 292 -2.01 -18.04 -16.69
CA ASP B 292 -2.26 -18.05 -18.14
C ASP B 292 -3.75 -18.28 -18.47
N GLU B 293 -4.66 -17.51 -17.87
CA GLU B 293 -6.08 -17.73 -18.12
C GLU B 293 -6.91 -16.47 -18.27
N SER B 294 -7.99 -16.59 -19.03
CA SER B 294 -8.83 -15.42 -19.27
C SER B 294 -9.78 -15.11 -18.11
N SER B 295 -10.45 -16.13 -17.60
CA SER B 295 -11.39 -15.93 -16.49
C SER B 295 -11.20 -16.98 -15.41
N ILE B 296 -10.84 -16.56 -14.20
CA ILE B 296 -10.80 -17.51 -13.09
C ILE B 296 -12.09 -17.45 -12.32
N VAL B 297 -12.62 -18.60 -11.92
CA VAL B 297 -13.84 -18.59 -11.14
C VAL B 297 -13.58 -19.14 -9.78
N ASP B 298 -14.19 -18.52 -8.78
CA ASP B 298 -14.36 -19.20 -7.51
C ASP B 298 -15.77 -19.77 -7.39
N SER B 299 -15.87 -21.05 -7.71
CA SER B 299 -17.06 -21.84 -7.47
C SER B 299 -17.76 -21.31 -6.24
N SER B 300 -17.13 -21.57 -5.10
CA SER B 300 -17.69 -21.21 -3.80
C SER B 300 -18.44 -19.87 -3.87
N LEU B 301 -17.72 -18.75 -3.79
CA LEU B 301 -18.33 -17.43 -3.80
C LEU B 301 -19.63 -17.38 -4.61
N THR B 302 -19.66 -18.12 -5.71
CA THR B 302 -20.82 -18.15 -6.60
C THR B 302 -22.12 -18.29 -5.81
N LEU B 303 -23.21 -17.73 -6.34
CA LEU B 303 -24.48 -17.69 -5.60
C LEU B 303 -25.74 -17.35 -6.44
N VAL B 304 -26.73 -18.25 -6.35
CA VAL B 304 -28.04 -18.13 -7.04
C VAL B 304 -29.13 -17.44 -6.18
N MET B 305 -30.05 -16.72 -6.85
CA MET B 305 -31.12 -15.99 -6.16
C MET B 305 -32.51 -16.23 -6.77
N ASP B 306 -33.25 -17.19 -6.21
CA ASP B 306 -34.58 -17.57 -6.73
C ASP B 306 -34.46 -18.56 -7.89
N GLY B 307 -33.31 -18.54 -8.56
CA GLY B 307 -33.08 -19.36 -9.74
C GLY B 307 -32.83 -18.50 -10.97
N ASP B 308 -33.57 -17.38 -11.04
CA ASP B 308 -33.35 -16.39 -12.10
C ASP B 308 -32.59 -15.15 -11.61
N LEU B 309 -31.58 -15.37 -10.76
CA LEU B 309 -30.53 -14.36 -10.49
C LEU B 309 -29.18 -14.96 -10.12
N VAL B 310 -28.14 -14.51 -10.81
CA VAL B 310 -26.83 -15.17 -10.75
C VAL B 310 -25.66 -14.22 -10.49
N LYS B 311 -25.14 -14.28 -9.27
CA LYS B 311 -23.91 -13.59 -8.93
C LYS B 311 -22.71 -14.45 -9.36
N VAL B 312 -21.84 -13.93 -10.24
CA VAL B 312 -20.68 -14.69 -10.67
C VAL B 312 -19.38 -13.92 -10.60
N ILE B 313 -18.34 -14.62 -10.16
CA ILE B 313 -17.08 -13.96 -9.87
C ILE B 313 -15.95 -14.51 -10.69
N ALA B 314 -15.10 -13.61 -11.18
CA ALA B 314 -13.94 -14.02 -11.96
C ALA B 314 -12.68 -13.24 -11.62
N TRP B 315 -11.62 -13.95 -11.28
CA TRP B 315 -10.30 -13.34 -11.12
C TRP B 315 -9.74 -12.95 -12.50
N TYR B 316 -8.50 -12.50 -12.54
CA TYR B 316 -7.74 -12.43 -13.80
C TYR B 316 -6.46 -11.61 -13.68
N ASP B 317 -5.37 -12.06 -14.30
CA ASP B 317 -4.18 -11.22 -14.39
C ASP B 317 -4.38 -10.27 -15.54
N ASN B 318 -4.76 -9.04 -15.20
CA ASN B 318 -4.99 -7.96 -16.15
C ASN B 318 -3.81 -7.77 -17.07
N GLU B 319 -2.62 -7.95 -16.51
CA GLU B 319 -1.36 -7.76 -17.24
C GLU B 319 -0.97 -8.94 -18.17
N TRP B 320 -1.37 -10.16 -17.83
CA TRP B 320 -0.77 -11.36 -18.42
C TRP B 320 -1.74 -12.37 -19.01
N GLY B 321 -2.88 -12.53 -18.36
CA GLY B 321 -3.92 -13.40 -18.86
C GLY B 321 -4.43 -12.85 -20.17
N TYR B 322 -3.90 -11.69 -20.53
CA TYR B 322 -4.32 -10.97 -21.70
C TYR B 322 -3.18 -11.02 -22.71
N SER B 323 -1.96 -10.74 -22.25
CA SER B 323 -0.76 -10.89 -23.08
C SER B 323 -0.53 -12.37 -23.45
N GLN B 324 -1.59 -13.16 -23.42
CA GLN B 324 -1.54 -14.52 -23.89
C GLN B 324 -2.75 -14.81 -24.78
N ARG B 325 -3.61 -13.82 -24.94
CA ARG B 325 -4.69 -13.91 -25.91
C ARG B 325 -4.22 -13.08 -27.07
N VAL B 326 -3.42 -12.07 -26.76
CA VAL B 326 -2.77 -11.25 -27.77
C VAL B 326 -1.77 -12.14 -28.53
N VAL B 327 -0.78 -12.62 -27.80
CA VAL B 327 0.11 -13.66 -28.31
C VAL B 327 -0.73 -14.65 -29.10
N ASP B 328 -1.67 -15.30 -28.43
CA ASP B 328 -2.56 -16.23 -29.09
C ASP B 328 -3.11 -15.69 -30.39
N LEU B 329 -3.89 -14.62 -30.32
CA LEU B 329 -4.44 -13.98 -31.51
C LEU B 329 -3.36 -13.70 -32.52
N ALA B 330 -2.29 -13.04 -32.07
CA ALA B 330 -1.18 -12.77 -32.96
C ALA B 330 -0.88 -14.02 -33.76
N GLU B 331 -0.41 -15.06 -33.09
CA GLU B 331 -0.06 -16.32 -33.74
C GLU B 331 -1.25 -16.86 -34.53
N LEU B 332 -2.46 -16.46 -34.15
CA LEU B 332 -3.62 -16.81 -34.95
C LEU B 332 -3.37 -16.25 -36.32
N ALA B 333 -3.47 -14.93 -36.46
CA ALA B 333 -3.23 -14.26 -37.73
C ALA B 333 -2.10 -14.95 -38.46
N ALA B 334 -0.95 -15.05 -37.80
CA ALA B 334 0.26 -15.63 -38.39
C ALA B 334 0.07 -16.96 -39.13
N ARG B 335 -0.99 -17.66 -38.76
CA ARG B 335 -1.29 -18.97 -39.31
C ARG B 335 -2.34 -18.88 -40.42
N LYS B 336 -3.21 -17.87 -40.35
CA LYS B 336 -4.19 -17.64 -41.42
C LYS B 336 -3.89 -16.30 -42.13
N TRP B 337 -2.61 -16.09 -42.44
CA TRP B 337 -2.12 -14.93 -43.19
C TRP B 337 -2.62 -14.91 -44.65
N ALA B 338 -1.73 -14.45 -45.54
CA ALA B 338 -1.87 -14.55 -47.00
C ALA B 338 -1.18 -13.41 -47.76
N GLU C 4 5.49 -1.76 34.11
CA GLU C 4 4.71 -2.77 33.41
C GLU C 4 3.45 -3.13 34.22
N PRO C 5 2.61 -2.12 34.50
CA PRO C 5 1.42 -2.24 35.36
C PRO C 5 0.25 -2.95 34.67
N PHE C 6 0.58 -3.85 33.76
CA PHE C 6 -0.43 -4.70 33.13
C PHE C 6 0.21 -5.62 32.11
N PHE C 7 1.37 -5.22 31.63
CA PHE C 7 1.99 -5.92 30.51
C PHE C 7 2.90 -7.05 30.98
N GLY C 8 3.78 -6.75 31.93
CA GLY C 8 4.71 -7.71 32.47
C GLY C 8 4.10 -9.09 32.71
N ASP C 9 2.81 -9.12 33.01
CA ASP C 9 2.12 -10.38 33.24
C ASP C 9 1.34 -10.82 32.00
N TYR C 10 0.46 -9.95 31.48
CA TYR C 10 -0.43 -10.33 30.40
C TYR C 10 0.35 -11.01 29.30
N CYS C 11 1.50 -10.43 28.99
CA CYS C 11 2.42 -11.01 28.05
C CYS C 11 3.06 -12.28 28.64
N SER C 12 3.53 -12.19 29.88
CA SER C 12 3.90 -13.39 30.61
C SER C 12 2.84 -14.45 30.29
N GLU C 13 1.73 -14.44 31.04
CA GLU C 13 0.70 -15.48 30.89
C GLU C 13 0.10 -15.68 29.48
N ASN C 14 0.27 -14.71 28.59
CA ASN C 14 -0.13 -14.90 27.20
C ASN C 14 0.87 -14.27 26.23
N PRO C 15 1.93 -15.01 25.88
CA PRO C 15 3.06 -14.38 25.20
C PRO C 15 2.84 -14.31 23.70
N ASP C 16 2.18 -15.32 23.16
CA ASP C 16 1.83 -15.32 21.76
C ASP C 16 0.66 -14.38 21.54
N ALA C 17 0.57 -13.35 22.39
CA ALA C 17 -0.52 -12.39 22.27
C ALA C 17 -0.16 -11.34 21.22
N ALA C 18 -1.09 -11.10 20.29
CA ALA C 18 -0.91 -10.11 19.25
C ALA C 18 -0.16 -8.91 19.80
N GLU C 19 -0.52 -8.56 21.03
CA GLU C 19 -0.05 -7.36 21.72
C GLU C 19 1.14 -7.58 22.65
N CYS C 20 1.83 -8.68 22.50
CA CYS C 20 2.95 -8.93 23.36
C CYS C 20 4.13 -9.28 22.49
N LEU C 21 3.82 -9.57 21.22
CA LEU C 21 4.82 -10.07 20.28
C LEU C 21 5.86 -9.01 20.00
N ILE C 22 7.12 -9.42 19.99
CA ILE C 22 8.21 -8.50 19.73
C ILE C 22 9.28 -9.13 18.84
N TYR C 23 9.34 -8.68 17.58
CA TYR C 23 10.29 -9.17 16.57
C TYR C 23 11.47 -8.21 16.42
N ASP C 24 12.60 -8.51 17.06
CA ASP C 24 13.75 -7.61 16.94
C ASP C 24 14.32 -7.66 15.56
N ASP C 25 13.69 -6.90 14.69
CA ASP C 25 14.21 -6.67 13.37
C ASP C 25 15.22 -5.56 13.58
N THR D 3 -16.28 20.34 -22.10
CA THR D 3 -15.26 20.60 -21.07
C THR D 3 -13.89 20.65 -21.72
N GLU D 4 -13.87 21.06 -22.98
CA GLU D 4 -12.66 20.99 -23.77
C GLU D 4 -11.97 22.34 -23.97
N PRO D 5 -12.23 23.31 -23.08
CA PRO D 5 -11.30 24.44 -23.11
C PRO D 5 -9.88 23.91 -22.99
N PHE D 6 -9.76 22.72 -22.40
CA PHE D 6 -8.48 22.08 -22.22
C PHE D 6 -8.49 20.62 -22.61
N PHE D 7 -8.26 19.76 -21.61
CA PHE D 7 -8.16 18.30 -21.79
C PHE D 7 -8.79 17.75 -23.08
N GLY D 8 -8.25 18.18 -24.23
CA GLY D 8 -8.79 17.80 -25.52
C GLY D 8 -8.17 18.55 -26.70
N ASP D 9 -8.02 19.86 -26.57
CA ASP D 9 -7.26 20.66 -27.51
C ASP D 9 -5.79 20.51 -27.14
N TYR D 10 -5.58 20.14 -25.88
CA TYR D 10 -4.28 19.72 -25.36
C TYR D 10 -4.16 18.19 -25.40
N CYS D 11 -5.29 17.51 -25.27
CA CYS D 11 -5.30 16.04 -25.30
C CYS D 11 -5.41 15.50 -26.74
N SER D 12 -5.66 16.39 -27.69
CA SER D 12 -5.49 16.08 -29.10
C SER D 12 -4.00 16.00 -29.46
N GLU D 13 -3.18 16.79 -28.76
CA GLU D 13 -1.79 17.02 -29.16
C GLU D 13 -0.72 16.16 -28.49
N ASN D 14 -0.69 16.14 -27.16
CA ASN D 14 0.24 15.30 -26.41
C ASN D 14 -0.52 14.31 -25.50
N PRO D 15 -1.02 13.20 -26.09
CA PRO D 15 -1.81 12.27 -25.27
C PRO D 15 -0.98 11.16 -24.60
N ASP D 16 0.35 11.24 -24.65
CA ASP D 16 1.19 10.31 -23.89
C ASP D 16 1.17 10.76 -22.43
N ALA D 17 0.45 11.86 -22.21
CA ALA D 17 0.68 12.75 -21.08
C ALA D 17 0.21 12.25 -19.72
N ALA D 18 0.75 12.90 -18.70
CA ALA D 18 0.33 12.66 -17.32
C ALA D 18 -1.16 12.98 -17.14
N GLU D 19 -1.80 13.43 -18.20
CA GLU D 19 -3.14 14.00 -18.09
C GLU D 19 -4.20 13.28 -18.91
N CYS D 20 -3.84 12.77 -20.08
CA CYS D 20 -4.87 12.43 -21.09
C CYS D 20 -5.09 10.91 -21.26
N LEU D 21 -4.32 10.11 -20.54
CA LEU D 21 -4.30 8.67 -20.78
C LEU D 21 -5.60 7.98 -20.36
N ILE D 22 -6.41 7.60 -21.33
CA ILE D 22 -7.59 6.79 -21.01
C ILE D 22 -7.42 5.32 -21.46
N TYR D 23 -7.46 4.40 -20.48
CA TYR D 23 -7.48 2.98 -20.79
C TYR D 23 -8.89 2.46 -20.54
N ASP D 24 -9.65 2.23 -21.62
CA ASP D 24 -11.08 1.86 -21.57
C ASP D 24 -11.27 0.57 -20.80
N ASP D 25 -10.73 0.53 -19.58
CA ASP D 25 -10.49 -0.72 -18.88
C ASP D 25 -11.77 -1.29 -18.28
N MET E 1 3.74 45.73 0.95
CA MET E 1 2.38 45.21 1.12
C MET E 1 1.92 44.47 -0.14
N THR E 2 0.60 44.24 -0.25
CA THR E 2 -0.03 43.50 -1.35
C THR E 2 0.75 43.45 -2.67
N ILE E 3 1.66 42.48 -2.75
CA ILE E 3 2.40 42.22 -3.97
C ILE E 3 1.65 41.12 -4.70
N ARG E 4 1.73 41.15 -6.03
CA ARG E 4 0.94 40.25 -6.87
C ARG E 4 1.69 38.96 -7.11
N VAL E 5 1.01 37.83 -6.95
CA VAL E 5 1.64 36.52 -7.07
C VAL E 5 0.83 35.51 -7.91
N ALA E 6 1.54 34.55 -8.49
CA ALA E 6 0.89 33.53 -9.29
C ALA E 6 1.68 32.23 -9.31
N ILE E 7 1.04 31.19 -9.84
CA ILE E 7 1.63 29.85 -9.78
C ILE E 7 1.71 29.07 -11.11
N ASN E 8 2.92 28.90 -11.58
CA ASN E 8 3.14 27.88 -12.56
C ASN E 8 3.50 26.70 -11.68
N GLY E 9 2.61 25.73 -11.60
CA GLY E 9 2.88 24.54 -10.81
C GLY E 9 1.83 24.27 -9.75
N PHE E 10 0.59 24.54 -10.11
CA PHE E 10 -0.52 24.23 -9.23
C PHE E 10 -0.75 22.74 -9.27
N GLY E 11 0.02 22.01 -8.46
CA GLY E 11 -0.06 20.57 -8.50
C GLY E 11 0.03 19.98 -7.14
N ARG E 12 1.11 20.32 -6.45
CA ARG E 12 1.38 19.76 -5.13
C ARG E 12 2.01 20.77 -4.16
N ILE E 13 3.21 21.25 -4.46
CA ILE E 13 3.66 22.39 -3.69
C ILE E 13 2.71 23.52 -4.08
N GLY E 14 1.87 23.24 -5.08
CA GLY E 14 0.88 24.20 -5.52
C GLY E 14 -0.19 24.39 -4.47
N ARG E 15 -1.18 23.52 -4.53
CA ARG E 15 -2.27 23.52 -3.55
C ARG E 15 -1.75 23.68 -2.10
N ASN E 16 -0.96 22.74 -1.61
CA ASN E 16 -0.34 22.90 -0.30
C ASN E 16 -0.02 24.36 -0.02
N PHE E 17 0.85 24.93 -0.84
CA PHE E 17 1.19 26.34 -0.75
C PHE E 17 -0.03 27.20 -0.50
N LEU E 18 -0.91 27.24 -1.49
CA LEU E 18 -2.10 28.07 -1.43
C LEU E 18 -2.99 27.73 -0.25
N ARG E 19 -3.53 26.52 -0.19
CA ARG E 19 -4.37 26.14 0.94
C ARG E 19 -3.70 26.67 2.18
N CYS E 20 -2.38 26.72 2.12
CA CYS E 20 -1.54 27.23 3.21
C CYS E 20 -1.57 28.75 3.40
N TRP E 21 -1.66 29.50 2.29
CA TRP E 21 -1.71 30.96 2.31
C TRP E 21 -3.11 31.47 2.73
N PHE E 22 -4.14 30.95 2.07
CA PHE E 22 -5.53 31.24 2.42
C PHE E 22 -5.72 30.85 3.88
N GLY E 23 -4.71 30.12 4.35
CA GLY E 23 -4.60 29.70 5.72
C GLY E 23 -3.45 30.45 6.39
N ARG E 24 -3.65 31.75 6.46
CA ARG E 24 -2.86 32.61 7.30
C ARG E 24 -3.86 33.69 7.68
N GLN E 25 -3.80 34.12 8.93
CA GLN E 25 -4.79 35.09 9.37
C GLN E 25 -4.27 36.49 9.00
N ASN E 26 -2.97 36.59 8.73
CA ASN E 26 -2.33 37.84 8.30
C ASN E 26 -1.27 37.68 7.20
N THR E 27 -1.62 38.02 5.96
CA THR E 27 -0.77 37.64 4.82
C THR E 27 -0.43 38.76 3.79
N ASP E 28 0.84 38.80 3.38
CA ASP E 28 1.44 39.91 2.59
C ASP E 28 1.19 39.96 1.09
N LEU E 29 0.88 38.82 0.49
CA LEU E 29 0.86 38.73 -0.97
C LEU E 29 -0.57 38.52 -1.45
N GLU E 30 -0.86 38.94 -2.66
CA GLU E 30 -2.14 38.57 -3.24
C GLU E 30 -1.93 37.66 -4.47
N VAL E 31 -2.04 36.36 -4.25
CA VAL E 31 -1.96 35.40 -5.34
C VAL E 31 -3.19 35.60 -6.21
N VAL E 32 -2.96 35.80 -7.50
CA VAL E 32 -3.97 36.35 -8.40
C VAL E 32 -4.35 35.44 -9.55
N ALA E 33 -3.36 34.73 -10.07
CA ALA E 33 -3.62 33.80 -11.14
C ALA E 33 -2.78 32.54 -10.99
N ILE E 34 -3.29 31.46 -11.54
CA ILE E 34 -2.61 30.18 -11.50
C ILE E 34 -2.65 29.56 -12.88
N ASN E 35 -1.47 29.18 -13.35
CA ASN E 35 -1.33 28.51 -14.63
C ASN E 35 -0.99 27.07 -14.37
N ASN E 36 -1.72 26.17 -15.02
CA ASN E 36 -1.78 24.79 -14.62
C ASN E 36 -2.24 23.99 -15.79
N THR E 37 -1.58 22.87 -16.01
CA THR E 37 -1.91 22.03 -17.13
C THR E 37 -3.30 21.45 -17.00
N SER E 38 -4.12 21.98 -16.09
CA SER E 38 -5.51 21.54 -15.99
C SER E 38 -6.46 22.62 -16.46
N ASP E 39 -7.75 22.32 -16.43
CA ASP E 39 -8.71 23.36 -16.71
C ASP E 39 -9.09 24.02 -15.38
N ALA E 40 -10.12 24.86 -15.39
CA ALA E 40 -10.56 25.57 -14.20
C ALA E 40 -11.31 24.61 -13.27
N ARG E 41 -12.41 24.05 -13.78
CA ARG E 41 -13.12 22.94 -13.12
C ARG E 41 -12.13 22.16 -12.29
N THR E 42 -11.12 21.65 -12.98
CA THR E 42 -10.17 20.76 -12.34
C THR E 42 -9.42 21.46 -11.22
N ALA E 43 -8.54 22.41 -11.55
CA ALA E 43 -7.77 23.12 -10.53
C ALA E 43 -8.66 23.43 -9.34
N ALA E 44 -9.95 23.61 -9.64
CA ALA E 44 -10.98 23.84 -8.65
C ALA E 44 -11.16 22.66 -7.69
N HIS E 45 -11.55 21.54 -8.29
CA HIS E 45 -11.65 20.26 -7.59
C HIS E 45 -10.49 19.96 -6.66
N LEU E 46 -9.29 19.92 -7.22
CA LEU E 46 -8.09 19.51 -6.48
C LEU E 46 -7.61 20.48 -5.40
N LEU E 47 -7.81 21.77 -5.60
CA LEU E 47 -7.54 22.66 -4.49
C LEU E 47 -8.44 22.16 -3.41
N GLU E 48 -9.73 22.11 -3.73
CA GLU E 48 -10.74 21.67 -2.80
C GLU E 48 -10.32 20.33 -2.20
N TYR E 49 -10.53 19.26 -2.98
CA TYR E 49 -10.41 17.88 -2.51
C TYR E 49 -9.00 17.26 -2.52
N ASP E 50 -8.64 16.63 -1.40
CA ASP E 50 -7.31 16.03 -1.20
C ASP E 50 -7.38 14.65 -0.53
N SER E 51 -6.54 13.73 -1.00
CA SER E 51 -6.45 12.38 -0.45
C SER E 51 -5.56 12.33 0.76
N VAL E 52 -4.60 13.25 0.84
CA VAL E 52 -3.80 13.47 2.04
C VAL E 52 -4.39 14.52 3.03
N LEU E 53 -4.49 15.79 2.61
CA LEU E 53 -5.05 16.83 3.48
C LEU E 53 -6.55 16.91 3.37
N GLY E 54 -7.20 15.76 3.23
CA GLY E 54 -8.65 15.65 3.15
C GLY E 54 -9.29 16.66 2.23
N ARG E 55 -10.19 17.48 2.77
CA ARG E 55 -10.89 18.49 1.98
C ARG E 55 -10.40 19.85 2.40
N PHE E 56 -10.78 20.88 1.65
CA PHE E 56 -10.58 22.24 2.06
C PHE E 56 -11.93 22.75 2.56
N ASN E 57 -11.93 23.48 3.68
CA ASN E 57 -13.15 24.12 4.20
C ASN E 57 -13.14 25.62 3.80
N ALA E 58 -13.84 25.94 2.71
CA ALA E 58 -13.83 27.27 2.09
C ALA E 58 -14.88 27.35 0.99
N ASP E 59 -15.53 28.48 0.83
CA ASP E 59 -16.52 28.53 -0.23
C ASP E 59 -15.85 28.61 -1.60
N ILE E 60 -16.10 27.60 -2.41
CA ILE E 60 -15.39 27.43 -3.66
C ILE E 60 -16.33 27.42 -4.87
N SER E 61 -15.81 27.80 -6.05
CA SER E 61 -16.58 27.80 -7.30
C SER E 61 -15.71 28.29 -8.45
N TYR E 62 -16.28 28.28 -9.66
CA TYR E 62 -15.56 28.65 -10.88
C TYR E 62 -16.45 28.91 -12.12
N ASP E 63 -15.83 29.47 -13.16
CA ASP E 63 -16.43 29.50 -14.50
C ASP E 63 -15.48 28.83 -15.50
N GLU E 64 -15.36 29.41 -16.68
CA GLU E 64 -14.49 28.83 -17.71
C GLU E 64 -13.08 29.44 -17.74
N ASN E 65 -12.70 30.20 -16.70
CA ASN E 65 -11.37 30.81 -16.67
C ASN E 65 -11.00 31.44 -15.34
N SER E 66 -11.68 31.03 -14.29
CA SER E 66 -11.32 31.54 -12.97
C SER E 66 -11.94 30.71 -11.86
N ILE E 67 -11.33 30.80 -10.69
CA ILE E 67 -11.68 29.94 -9.58
C ILE E 67 -11.79 30.76 -8.28
N THR E 68 -12.86 30.52 -7.54
CA THR E 68 -13.22 31.45 -6.46
C THR E 68 -13.28 30.84 -5.06
N VAL E 69 -12.50 31.41 -4.15
CA VAL E 69 -12.45 30.88 -2.80
C VAL E 69 -12.75 31.93 -1.76
N ASN E 70 -13.92 31.80 -1.14
CA ASN E 70 -14.32 32.65 -0.04
C ASN E 70 -14.59 34.05 -0.53
N GLY E 71 -14.03 34.35 -1.70
CA GLY E 71 -14.04 35.69 -2.26
C GLY E 71 -13.01 35.83 -3.37
N LYS E 72 -11.74 35.58 -3.05
CA LYS E 72 -10.69 35.70 -4.06
C LYS E 72 -10.94 34.76 -5.25
N THR E 73 -11.44 35.32 -6.34
CA THR E 73 -11.45 34.61 -7.60
C THR E 73 -10.04 34.69 -8.13
N MET E 74 -9.43 33.54 -8.41
CA MET E 74 -8.13 33.58 -9.04
C MET E 74 -8.18 33.00 -10.46
N LYS E 75 -7.18 33.35 -11.28
CA LYS E 75 -7.21 33.03 -12.70
C LYS E 75 -6.45 31.78 -13.13
N ILE E 76 -7.20 30.86 -13.71
CA ILE E 76 -6.71 29.57 -14.14
C ILE E 76 -6.18 29.69 -15.54
N VAL E 77 -4.98 29.17 -15.78
CA VAL E 77 -4.35 29.28 -17.10
C VAL E 77 -4.11 27.90 -17.74
N CYS E 78 -3.54 27.89 -18.94
CA CYS E 78 -3.40 26.67 -19.71
C CYS E 78 -2.17 26.65 -20.65
N ASP E 79 -1.15 27.43 -20.34
CA ASP E 79 -0.01 27.57 -21.26
C ASP E 79 1.28 26.90 -20.78
N ARG E 80 2.10 26.45 -21.73
CA ARG E 80 3.31 25.70 -21.39
C ARG E 80 4.58 26.56 -21.41
N ASN E 81 4.77 27.33 -22.47
CA ASN E 81 5.97 28.19 -22.52
C ASN E 81 5.74 29.52 -21.81
N PRO E 82 6.30 29.62 -20.61
CA PRO E 82 6.00 30.65 -19.62
C PRO E 82 6.18 32.04 -20.21
N LEU E 83 6.91 32.10 -21.29
CA LEU E 83 7.08 33.34 -22.01
C LEU E 83 5.69 33.77 -22.47
N ASN E 84 4.89 32.76 -22.81
CA ASN E 84 3.55 32.95 -23.37
C ASN E 84 2.52 33.08 -22.26
N LEU E 85 3.04 33.24 -21.06
CA LEU E 85 2.22 33.56 -19.92
C LEU E 85 2.22 35.06 -19.80
N PRO E 86 1.03 35.64 -19.91
CA PRO E 86 0.70 37.05 -19.70
C PRO E 86 1.31 37.71 -18.47
N TRP E 87 2.57 37.48 -18.13
CA TRP E 87 3.08 38.13 -16.92
C TRP E 87 2.95 39.65 -16.97
N LYS E 88 3.83 40.35 -17.67
CA LYS E 88 3.74 41.81 -17.72
C LYS E 88 2.33 42.30 -17.45
N GLU E 89 1.40 41.88 -18.31
CA GLU E 89 0.05 42.45 -18.38
C GLU E 89 -0.74 42.43 -17.08
N TRP E 90 -0.19 41.79 -16.06
CA TRP E 90 -0.92 41.62 -14.82
C TRP E 90 -0.03 41.96 -13.62
N ASP E 91 0.94 42.84 -13.82
CA ASP E 91 1.77 43.31 -12.73
C ASP E 91 2.07 42.19 -11.75
N ILE E 92 2.55 41.06 -12.27
CA ILE E 92 2.87 39.92 -11.41
C ILE E 92 4.26 40.05 -10.80
N ASP E 93 4.32 40.81 -9.72
CA ASP E 93 5.53 40.98 -8.97
C ASP E 93 6.21 39.64 -8.66
N LEU E 94 5.42 38.62 -8.33
CA LEU E 94 5.96 37.33 -7.86
C LEU E 94 5.45 36.02 -8.49
N VAL E 95 6.39 35.20 -8.95
CA VAL E 95 6.05 33.96 -9.64
C VAL E 95 6.39 32.72 -8.85
N ILE E 96 5.45 31.79 -8.78
CA ILE E 96 5.70 30.52 -8.11
C ILE E 96 6.05 29.40 -9.10
N GLU E 97 7.22 28.80 -8.89
CA GLU E 97 7.75 27.77 -9.79
C GLU E 97 7.61 26.33 -9.27
N SER E 98 6.37 25.85 -9.24
CA SER E 98 6.10 24.53 -8.71
C SER E 98 5.66 23.53 -9.79
N THR E 99 6.30 23.59 -10.96
CA THR E 99 6.05 22.63 -12.05
C THR E 99 7.09 21.52 -12.02
N GLY E 100 8.19 21.80 -11.32
CA GLY E 100 9.26 20.83 -11.17
C GLY E 100 10.03 20.74 -12.46
N VAL E 101 9.81 21.70 -13.33
CA VAL E 101 10.52 21.71 -14.59
C VAL E 101 11.41 22.95 -14.72
N PHE E 102 10.83 24.13 -14.51
CA PHE E 102 11.58 25.34 -14.71
C PHE E 102 12.46 25.63 -13.50
N VAL E 103 13.26 24.63 -13.17
CA VAL E 103 14.16 24.71 -12.04
C VAL E 103 15.57 24.93 -12.57
N THR E 104 15.63 25.32 -13.84
CA THR E 104 16.82 25.84 -14.45
C THR E 104 16.90 27.31 -14.06
N ALA E 105 18.09 27.80 -13.78
CA ALA E 105 18.26 29.23 -13.79
C ALA E 105 17.53 29.70 -15.04
N GLU E 106 17.97 29.19 -16.19
CA GLU E 106 17.39 29.56 -17.48
C GLU E 106 15.90 29.32 -17.54
N GLY E 107 15.44 28.26 -16.86
CA GLY E 107 14.03 27.95 -16.81
C GLY E 107 13.29 28.86 -15.84
N ALA E 108 14.06 29.53 -15.00
CA ALA E 108 13.47 30.45 -14.03
C ALA E 108 13.06 31.73 -14.75
N SER E 109 13.99 32.22 -15.56
CA SER E 109 13.96 33.53 -16.22
C SER E 109 12.76 33.77 -17.14
N LYS E 110 12.37 32.74 -17.86
CA LYS E 110 11.26 32.80 -18.80
C LYS E 110 9.95 33.29 -18.17
N HIS E 111 10.03 33.72 -16.91
CA HIS E 111 8.92 34.40 -16.27
C HIS E 111 9.23 35.89 -16.32
N ILE E 112 10.45 36.25 -15.95
CA ILE E 112 10.90 37.63 -16.08
C ILE E 112 10.53 38.01 -17.47
N GLN E 113 11.05 37.22 -18.40
CA GLN E 113 10.86 37.46 -19.82
C GLN E 113 9.40 37.80 -20.15
N ALA E 114 8.60 36.78 -20.38
CA ALA E 114 7.20 36.95 -20.67
C ALA E 114 6.69 38.22 -19.99
N GLY E 115 7.14 38.48 -18.76
CA GLY E 115 6.89 39.76 -18.15
C GLY E 115 6.78 39.87 -16.64
N ALA E 116 7.41 38.94 -15.92
CA ALA E 116 7.33 38.94 -14.46
C ALA E 116 8.53 39.60 -13.79
N LYS E 117 8.57 39.56 -12.46
CA LYS E 117 9.49 40.40 -11.68
C LYS E 117 10.38 39.63 -10.68
N LYS E 118 9.80 38.63 -10.03
CA LYS E 118 10.54 37.71 -9.16
C LYS E 118 9.89 36.31 -9.13
N VAL E 119 10.72 35.28 -9.25
CA VAL E 119 10.24 33.90 -9.32
C VAL E 119 10.86 33.02 -8.25
N LEU E 120 10.04 32.14 -7.67
CA LEU E 120 10.47 31.32 -6.54
C LEU E 120 10.56 29.83 -6.88
N ILE E 121 11.71 29.25 -6.52
CA ILE E 121 11.98 27.86 -6.86
C ILE E 121 11.75 26.93 -5.67
N THR E 122 10.61 26.23 -5.69
CA THR E 122 10.28 25.30 -4.62
C THR E 122 11.03 24.00 -4.80
N ALA E 123 12.35 24.10 -4.72
CA ALA E 123 13.24 22.98 -4.93
C ALA E 123 14.64 23.54 -5.02
N PRO E 124 15.64 22.66 -5.01
CA PRO E 124 16.99 23.10 -5.37
C PRO E 124 17.04 23.81 -6.72
N GLY E 125 17.97 24.75 -6.85
CA GLY E 125 18.18 25.54 -8.06
C GLY E 125 19.39 25.10 -8.85
N LYS E 126 19.19 25.02 -10.16
CA LYS E 126 20.15 24.44 -11.09
C LYS E 126 21.12 25.48 -11.66
N GLY E 127 22.41 25.15 -11.61
CA GLY E 127 23.44 25.98 -12.21
C GLY E 127 23.69 27.29 -11.48
N GLU E 128 24.45 28.16 -12.13
CA GLU E 128 24.72 29.46 -11.54
C GLU E 128 23.50 30.35 -11.64
N GLY E 129 23.31 31.23 -10.66
CA GLY E 129 22.33 32.30 -10.77
C GLY E 129 21.00 32.12 -10.05
N VAL E 130 21.05 32.08 -8.72
CA VAL E 130 19.87 31.91 -7.84
C VAL E 130 20.23 31.99 -6.36
N GLY E 131 19.44 32.73 -5.59
CA GLY E 131 19.62 32.74 -4.15
C GLY E 131 18.91 31.57 -3.51
N THR E 132 19.62 30.78 -2.71
CA THR E 132 19.02 29.58 -2.12
C THR E 132 18.84 29.76 -0.62
N TYR E 133 17.62 30.05 -0.18
CA TYR E 133 17.40 30.49 1.20
C TYR E 133 16.58 29.52 2.06
N VAL E 134 17.13 29.10 3.18
CA VAL E 134 16.39 28.24 4.09
C VAL E 134 15.86 29.00 5.29
N ILE E 135 14.54 29.07 5.42
CA ILE E 135 13.90 29.81 6.50
C ILE E 135 14.47 29.44 7.87
N GLY E 136 14.70 30.43 8.71
CA GLY E 136 15.25 30.19 10.03
C GLY E 136 16.64 29.58 10.05
N VAL E 137 17.49 29.94 9.10
CA VAL E 137 18.86 29.40 9.04
C VAL E 137 19.91 30.34 8.43
N ASN E 138 19.48 31.11 7.43
CA ASN E 138 20.36 32.04 6.75
C ASN E 138 19.47 33.10 6.13
N ASP E 139 18.17 32.93 6.28
CA ASP E 139 17.24 33.94 5.79
C ASP E 139 17.69 35.28 6.35
N SER E 140 18.61 35.20 7.30
CA SER E 140 19.27 36.38 7.86
C SER E 140 19.67 37.37 6.77
N GLU E 141 20.02 36.87 5.60
CA GLU E 141 20.63 37.70 4.57
C GLU E 141 19.84 37.83 3.28
N TYR E 142 18.52 37.72 3.37
CA TYR E 142 17.67 38.02 2.23
C TYR E 142 17.68 39.51 2.02
N ARG E 143 18.02 39.93 0.80
CA ARG E 143 17.79 41.31 0.38
C ARG E 143 17.27 41.38 -1.07
N HIS E 144 15.99 41.72 -1.22
CA HIS E 144 15.35 41.86 -2.53
C HIS E 144 16.39 41.93 -3.64
N GLU E 145 17.18 42.99 -3.63
CA GLU E 145 18.12 43.28 -4.70
C GLU E 145 19.23 42.25 -4.90
N ASP E 146 19.36 41.28 -3.98
CA ASP E 146 20.43 40.30 -4.11
C ASP E 146 20.26 39.49 -5.39
N PHE E 147 19.32 38.53 -5.38
CA PHE E 147 18.98 37.72 -6.55
C PHE E 147 17.47 37.76 -6.73
N ALA E 148 17.02 37.74 -7.99
CA ALA E 148 15.58 37.78 -8.29
C ALA E 148 15.09 36.39 -8.60
N VAL E 149 15.99 35.45 -8.39
CA VAL E 149 15.78 34.09 -8.79
C VAL E 149 16.21 33.26 -7.61
N ILE E 150 15.23 32.79 -6.86
CA ILE E 150 15.54 32.18 -5.59
C ILE E 150 14.85 30.81 -5.40
N SER E 151 15.46 29.99 -4.56
CA SER E 151 14.99 28.65 -4.33
C SER E 151 14.71 28.45 -2.86
N ASN E 152 13.84 27.49 -2.57
CA ASN E 152 13.55 27.07 -1.20
C ASN E 152 14.14 25.69 -0.95
N ALA E 153 15.02 25.24 -1.85
CA ALA E 153 15.61 23.89 -1.85
C ALA E 153 14.56 22.78 -1.72
N SER E 154 14.94 21.62 -1.18
CA SER E 154 14.04 20.47 -1.10
C SER E 154 13.39 20.24 0.27
N CYS E 155 12.16 19.72 0.25
CA CYS E 155 11.53 19.19 1.44
C CYS E 155 12.64 18.75 2.35
N THR E 156 13.39 17.78 1.86
CA THR E 156 14.48 17.18 2.59
C THR E 156 15.58 18.16 2.99
N THR E 157 16.04 18.97 2.04
CA THR E 157 17.11 19.90 2.37
C THR E 157 16.66 20.74 3.54
N ASN E 158 15.37 21.08 3.55
CA ASN E 158 14.87 21.88 4.65
C ASN E 158 15.13 21.22 6.00
N CYS E 159 14.71 19.95 6.13
CA CYS E 159 14.99 19.19 7.34
C CYS E 159 16.46 19.31 7.73
N LEU E 160 17.32 18.76 6.88
CA LEU E 160 18.76 18.84 7.05
C LEU E 160 19.21 20.17 7.59
N ALA E 161 18.41 21.21 7.34
CA ALA E 161 18.85 22.58 7.51
C ALA E 161 19.01 23.04 8.97
N PRO E 162 17.88 23.26 9.67
CA PRO E 162 17.94 23.83 11.01
C PRO E 162 18.85 22.99 11.90
N VAL E 163 18.70 21.68 11.77
CA VAL E 163 19.45 20.70 12.53
C VAL E 163 20.93 20.81 12.21
N ALA E 164 21.21 20.90 10.92
CA ALA E 164 22.59 21.09 10.51
C ALA E 164 23.12 22.24 11.32
N LYS E 165 22.41 23.36 11.19
CA LYS E 165 22.78 24.59 11.85
C LYS E 165 23.06 24.31 13.32
N VAL E 166 22.00 24.15 14.12
CA VAL E 166 22.14 23.99 15.58
C VAL E 166 23.25 23.00 15.89
N LEU E 167 23.46 22.06 15.00
CA LEU E 167 24.57 21.15 15.16
C LEU E 167 25.84 21.96 15.06
N HIS E 168 25.95 22.76 14.01
CA HIS E 168 27.14 23.60 13.84
C HIS E 168 27.38 24.51 15.06
N ASP E 169 26.30 25.12 15.56
CA ASP E 169 26.40 26.06 16.67
C ASP E 169 26.90 25.42 17.98
N ASN E 170 26.22 24.37 18.44
CA ASN E 170 26.48 23.85 19.77
C ASN E 170 27.62 22.85 19.87
N PHE E 171 27.90 22.13 18.79
CA PHE E 171 29.00 21.18 18.80
C PHE E 171 29.76 21.28 17.49
N GLY E 172 29.15 21.95 16.52
CA GLY E 172 29.78 22.15 15.22
C GLY E 172 30.19 20.87 14.54
N ILE E 173 30.03 20.83 13.22
CA ILE E 173 30.13 19.57 12.50
C ILE E 173 31.38 19.43 11.65
N ILE E 174 32.07 18.30 11.83
CA ILE E 174 33.23 17.94 11.02
C ILE E 174 32.83 17.41 9.65
N LYS E 175 31.93 16.43 9.66
CA LYS E 175 31.48 15.72 8.47
C LYS E 175 30.57 14.58 8.88
N GLY E 176 29.58 14.29 8.06
CA GLY E 176 28.63 13.25 8.38
C GLY E 176 28.09 12.48 7.19
N THR E 177 26.88 11.95 7.35
CA THR E 177 26.20 11.23 6.29
C THR E 177 24.70 11.37 6.46
N MET E 178 23.99 11.19 5.38
CA MET E 178 22.60 11.57 5.36
C MET E 178 21.78 10.45 4.76
N THR E 179 20.70 10.05 5.42
CA THR E 179 19.88 9.05 4.76
C THR E 179 18.38 9.19 4.96
N THR E 180 17.78 9.88 3.99
CA THR E 180 16.35 10.11 4.02
C THR E 180 15.61 8.94 3.43
N THR E 181 14.65 8.46 4.19
CA THR E 181 13.60 7.65 3.64
C THR E 181 12.56 8.69 3.26
N HIS E 182 12.05 8.59 2.04
CA HIS E 182 11.16 9.61 1.50
C HIS E 182 9.90 8.91 0.98
N SER E 183 8.81 9.65 0.94
CA SER E 183 7.57 9.13 0.41
C SER E 183 7.47 9.46 -1.05
N TYR E 184 6.81 8.59 -1.79
CA TYR E 184 6.70 8.75 -3.23
C TYR E 184 6.09 10.08 -3.63
N THR E 185 6.62 10.59 -4.74
CA THR E 185 6.34 11.93 -5.24
C THR E 185 6.19 11.78 -6.73
N LEU E 186 5.23 12.49 -7.31
CA LEU E 186 4.70 12.16 -8.64
C LEU E 186 5.70 12.04 -9.78
N ASP E 187 6.99 12.23 -9.50
CA ASP E 187 7.98 12.05 -10.57
C ASP E 187 8.29 10.56 -10.85
N GLN E 188 7.94 9.71 -9.89
CA GLN E 188 7.99 8.26 -10.05
C GLN E 188 6.83 7.74 -10.91
N ARG E 189 6.85 6.43 -11.14
CA ARG E 189 5.81 5.76 -11.89
C ARG E 189 4.99 4.96 -10.90
N ILE E 190 3.69 4.86 -11.15
CA ILE E 190 2.80 4.05 -10.33
C ILE E 190 3.33 2.63 -10.36
N LEU E 191 3.22 1.97 -11.50
CA LEU E 191 4.02 0.78 -11.73
C LEU E 191 4.94 0.99 -12.93
N ASP E 192 5.92 0.11 -13.04
CA ASP E 192 6.96 0.19 -14.04
C ASP E 192 6.54 0.67 -15.42
N ALA E 193 7.08 1.80 -15.83
CA ALA E 193 7.16 2.14 -17.25
C ALA E 193 8.28 3.17 -17.39
N SER E 194 8.67 3.49 -18.62
CA SER E 194 9.98 4.10 -18.86
C SER E 194 10.31 5.23 -17.94
N HIS E 195 11.61 5.45 -17.74
CA HIS E 195 12.07 6.60 -16.98
C HIS E 195 13.61 6.70 -16.94
N ARG E 196 14.13 7.91 -17.13
CA ARG E 196 15.56 8.08 -17.39
C ARG E 196 16.41 7.67 -16.21
N ASP E 197 15.93 7.96 -15.00
CA ASP E 197 16.53 7.43 -13.79
C ASP E 197 15.82 6.12 -13.53
N LEU E 198 16.53 5.01 -13.69
CA LEU E 198 15.90 3.71 -13.80
C LEU E 198 15.36 3.16 -12.50
N ARG E 199 15.65 3.83 -11.40
CA ARG E 199 15.02 3.46 -10.17
C ARG E 199 13.67 4.18 -10.16
N ARG E 200 13.69 5.47 -10.51
CA ARG E 200 12.47 6.27 -10.62
C ARG E 200 11.43 5.68 -11.56
N ALA E 201 11.80 4.64 -12.27
CA ALA E 201 10.93 4.07 -13.27
C ALA E 201 10.10 2.97 -12.62
N ARG E 202 10.60 2.52 -11.47
CA ARG E 202 10.05 1.37 -10.78
C ARG E 202 8.83 1.72 -9.91
N ALA E 203 7.86 0.80 -9.90
CA ALA E 203 6.58 0.99 -9.21
C ALA E 203 6.72 1.57 -7.81
N ALA E 204 6.52 2.89 -7.71
CA ALA E 204 6.70 3.67 -6.48
C ALA E 204 6.06 3.03 -5.29
N ALA E 205 4.82 2.59 -5.50
CA ALA E 205 3.89 2.19 -4.45
C ALA E 205 4.24 0.90 -3.71
N VAL E 206 4.89 -0.03 -4.42
CA VAL E 206 5.18 -1.39 -3.92
C VAL E 206 6.66 -1.64 -3.77
N ASN E 207 7.45 -0.57 -3.74
CA ASN E 207 8.86 -0.72 -4.00
C ASN E 207 9.77 0.34 -3.42
N ILE E 208 10.45 0.01 -2.32
CA ILE E 208 11.60 0.78 -1.87
C ILE E 208 12.42 1.27 -3.09
N VAL E 209 12.42 2.58 -3.31
CA VAL E 209 13.14 3.19 -4.43
C VAL E 209 14.31 4.07 -4.02
N PRO E 210 15.51 3.69 -4.43
CA PRO E 210 16.68 4.51 -4.11
C PRO E 210 17.00 5.51 -5.24
N THR E 211 17.22 6.78 -4.90
CA THR E 211 17.59 7.76 -5.92
C THR E 211 18.70 8.68 -5.46
N THR E 212 19.28 9.37 -6.42
CA THR E 212 20.27 10.37 -6.17
C THR E 212 19.69 11.42 -5.27
N THR E 213 20.58 12.06 -4.52
CA THR E 213 20.28 13.38 -3.99
C THR E 213 21.52 14.23 -3.92
N GLY E 214 21.32 15.53 -4.05
CA GLY E 214 22.39 16.45 -3.79
C GLY E 214 21.77 17.39 -2.81
N ALA E 215 20.53 17.07 -2.45
CA ALA E 215 19.75 17.86 -1.49
C ALA E 215 20.46 17.98 -0.14
N ALA E 216 21.58 17.28 0.00
CA ALA E 216 22.42 17.35 1.20
C ALA E 216 23.67 18.20 0.94
N LYS E 217 24.37 17.94 -0.16
CA LYS E 217 25.34 18.91 -0.62
C LYS E 217 24.54 20.16 -0.94
N ALA E 218 23.25 20.12 -0.61
CA ALA E 218 22.36 21.28 -0.67
C ALA E 218 22.48 22.04 0.61
N VAL E 219 23.60 21.81 1.28
CA VAL E 219 23.83 22.48 2.53
C VAL E 219 24.53 23.78 2.26
N ALA E 220 25.77 23.68 1.79
CA ALA E 220 26.68 24.83 1.73
C ALA E 220 25.97 26.13 1.36
N LEU E 221 25.15 26.08 0.30
CA LEU E 221 24.36 27.22 -0.13
C LEU E 221 23.92 28.02 1.08
N VAL E 222 23.33 27.32 2.04
CA VAL E 222 22.81 27.95 3.25
C VAL E 222 23.82 27.98 4.38
N ILE E 223 24.80 27.09 4.34
CA ILE E 223 25.87 27.13 5.32
C ILE E 223 27.23 27.24 4.64
N PRO E 224 27.84 28.41 4.74
CA PRO E 224 29.16 28.62 4.14
C PRO E 224 30.16 27.61 4.69
N GLU E 225 30.08 27.38 6.00
CA GLU E 225 31.11 26.64 6.71
C GLU E 225 31.08 25.14 6.38
N LEU E 226 29.96 24.69 5.83
CA LEU E 226 29.76 23.28 5.50
C LEU E 226 29.84 23.04 3.99
N LYS E 227 31.07 23.01 3.48
CA LYS E 227 31.29 22.73 2.06
C LYS E 227 31.58 21.25 1.85
N GLY E 228 30.68 20.58 1.12
CA GLY E 228 30.86 19.17 0.82
C GLY E 228 31.51 18.52 2.02
N LYS E 229 30.74 18.40 3.09
CA LYS E 229 31.15 17.73 4.33
C LYS E 229 30.24 16.53 4.64
N LEU E 230 29.03 16.56 4.11
CA LEU E 230 28.02 15.56 4.44
C LEU E 230 27.15 15.19 3.24
N ASN E 231 27.55 14.15 2.52
CA ASN E 231 26.75 13.71 1.40
C ASN E 231 25.79 12.63 1.86
N GLY E 232 24.56 12.69 1.34
CA GLY E 232 23.52 11.77 1.75
C GLY E 232 23.08 10.89 0.60
N ILE E 233 21.90 10.28 0.73
CA ILE E 233 21.20 9.64 -0.38
C ILE E 233 19.75 9.58 0.03
N ALA E 234 18.94 8.77 -0.62
CA ALA E 234 17.55 8.73 -0.26
C ALA E 234 16.91 7.48 -0.76
N LEU E 235 15.76 7.13 -0.17
CA LEU E 235 15.05 5.94 -0.58
C LEU E 235 13.57 6.18 -0.52
N ARG E 236 12.89 5.76 -1.56
CA ARG E 236 11.52 6.21 -1.79
C ARG E 236 10.47 5.16 -1.52
N VAL E 237 9.96 5.14 -0.29
CA VAL E 237 9.05 4.08 0.17
C VAL E 237 7.55 4.38 -0.01
N PRO E 238 6.68 3.39 0.28
CA PRO E 238 5.26 3.45 -0.07
C PRO E 238 4.36 4.15 0.92
N THR E 239 4.34 5.48 0.86
CA THR E 239 3.39 6.27 1.59
C THR E 239 3.42 7.61 0.89
N PRO E 240 2.28 8.28 0.79
CA PRO E 240 2.20 9.43 -0.11
C PRO E 240 2.42 10.77 0.55
N ASN E 241 3.37 10.85 1.48
CA ASN E 241 3.61 12.07 2.22
C ASN E 241 4.42 11.76 3.46
N VAL E 242 4.69 12.79 4.25
CA VAL E 242 5.34 12.63 5.54
C VAL E 242 6.64 11.85 5.43
N SER E 243 7.77 12.50 5.67
CA SER E 243 9.03 11.79 5.56
C SER E 243 10.02 12.16 6.66
N VAL E 244 11.03 11.31 6.83
CA VAL E 244 11.90 11.42 7.97
C VAL E 244 13.33 11.34 7.48
N VAL E 245 14.24 11.98 8.21
CA VAL E 245 15.65 12.06 7.81
C VAL E 245 16.58 11.45 8.84
N ASP E 246 17.62 10.81 8.32
CA ASP E 246 18.59 10.07 9.11
C ASP E 246 19.97 10.70 9.01
N LEU E 247 20.35 11.45 10.04
CA LEU E 247 21.68 12.09 10.05
C LEU E 247 22.67 11.24 10.82
N VAL E 248 23.95 11.56 10.69
CA VAL E 248 25.02 10.71 11.21
C VAL E 248 26.31 11.53 11.22
N VAL E 249 26.67 12.15 12.33
CA VAL E 249 27.71 13.20 12.24
C VAL E 249 28.85 13.24 13.25
N GLN E 250 30.02 12.78 12.83
CA GLN E 250 31.24 12.88 13.64
C GLN E 250 31.55 14.29 14.13
N VAL E 251 30.99 14.67 15.28
CA VAL E 251 31.25 15.98 15.86
C VAL E 251 32.59 16.09 16.60
N GLU E 252 33.17 17.29 16.58
CA GLU E 252 34.51 17.54 17.13
C GLU E 252 34.47 17.85 18.63
N LYS E 253 33.55 18.72 19.03
CA LYS E 253 33.35 19.03 20.44
C LYS E 253 32.67 17.85 21.11
N PRO E 254 33.46 16.97 21.74
CA PRO E 254 32.98 15.68 22.26
C PRO E 254 31.66 15.83 23.02
N THR E 255 30.80 14.81 22.98
CA THR E 255 29.45 14.93 23.54
C THR E 255 28.77 13.59 23.93
N ILE E 256 27.61 13.69 24.58
CA ILE E 256 26.79 12.53 24.97
C ILE E 256 25.33 12.63 24.46
N THR E 257 24.57 11.55 24.64
CA THR E 257 23.20 11.46 24.14
C THR E 257 22.29 12.63 24.56
N GLU E 258 21.63 12.54 25.72
CA GLU E 258 20.59 13.49 26.10
C GLU E 258 21.03 14.96 26.22
N GLN E 259 22.32 15.23 26.04
CA GLN E 259 22.84 16.58 26.10
C GLN E 259 22.67 17.21 24.72
N VAL E 260 22.59 16.33 23.72
CA VAL E 260 22.23 16.70 22.37
C VAL E 260 20.77 17.10 22.35
N ASN E 261 19.92 16.16 22.76
CA ASN E 261 18.49 16.43 22.83
C ASN E 261 18.20 17.62 23.74
N GLU E 262 19.06 17.84 24.72
CA GLU E 262 19.02 19.07 25.51
C GLU E 262 18.89 20.23 24.57
N VAL E 263 19.82 20.29 23.63
CA VAL E 263 19.98 21.47 22.80
C VAL E 263 18.81 21.59 21.88
N LEU E 264 18.30 20.45 21.47
CA LEU E 264 17.22 20.43 20.50
C LEU E 264 15.98 21.04 21.14
N GLN E 265 15.89 20.98 22.45
CA GLN E 265 14.77 21.52 23.19
C GLN E 265 15.06 22.98 23.54
N LYS E 266 16.34 23.26 23.78
CA LYS E 266 16.80 24.64 23.91
C LYS E 266 16.38 25.37 22.63
N ALA E 267 17.03 25.00 21.52
CA ALA E 267 16.69 25.50 20.19
C ALA E 267 15.23 25.27 19.85
N SER E 268 14.68 24.13 20.25
CA SER E 268 13.29 23.81 19.94
C SER E 268 12.43 25.01 20.25
N GLN E 269 12.79 25.72 21.32
CA GLN E 269 12.12 26.97 21.66
C GLN E 269 12.97 28.25 21.40
N THR E 270 14.21 28.29 21.90
CA THR E 270 15.10 29.42 21.63
C THR E 270 14.95 29.97 20.22
N THR E 271 15.96 29.69 19.41
CA THR E 271 16.00 30.19 18.05
C THR E 271 14.81 29.67 17.20
N MET E 272 14.57 28.36 17.25
CA MET E 272 13.75 27.68 16.24
C MET E 272 12.27 27.54 16.54
N LYS E 273 11.80 28.24 17.57
CA LYS E 273 10.39 28.18 17.98
C LYS E 273 9.45 28.30 16.77
N GLY E 274 9.09 27.16 16.19
CA GLY E 274 8.23 27.12 15.03
C GLY E 274 8.89 26.56 13.78
N ILE E 275 10.20 26.28 13.92
CA ILE E 275 10.98 25.65 12.85
C ILE E 275 11.11 24.14 13.08
N ILE E 276 11.72 23.79 14.21
CA ILE E 276 11.76 22.41 14.66
C ILE E 276 10.72 22.21 15.74
N LYS E 277 9.88 21.19 15.57
CA LYS E 277 9.03 20.72 16.65
C LYS E 277 9.87 19.68 17.36
N TYR E 278 9.70 19.55 18.67
CA TYR E 278 10.55 18.65 19.45
C TYR E 278 9.76 17.51 20.08
N SER E 279 10.18 16.26 19.80
CA SER E 279 9.29 15.11 19.97
C SER E 279 9.88 13.88 20.62
N ASP E 280 9.54 13.68 21.88
CA ASP E 280 9.97 12.49 22.59
C ASP E 280 8.94 11.37 22.43
N LEU E 281 7.66 11.73 22.43
CA LEU E 281 6.59 10.77 22.16
C LEU E 281 7.00 9.67 21.19
N PRO E 282 6.26 8.57 21.21
CA PRO E 282 6.57 7.46 20.31
C PRO E 282 5.62 7.50 19.12
N LEU E 283 6.07 8.11 18.02
CA LEU E 283 5.15 8.38 16.91
C LEU E 283 5.60 7.89 15.52
N VAL E 284 4.62 7.75 14.62
CA VAL E 284 4.87 7.31 13.26
C VAL E 284 4.08 8.11 12.24
N SER E 285 4.71 8.31 11.10
CA SER E 285 4.12 8.99 9.98
C SER E 285 2.86 9.75 10.38
N SER E 286 1.72 9.09 10.25
CA SER E 286 0.40 9.73 10.35
C SER E 286 0.23 10.62 11.56
N ASP E 287 1.35 10.95 12.19
CA ASP E 287 1.36 11.83 13.33
C ASP E 287 2.04 13.13 12.98
N PHE E 288 2.55 13.25 11.76
CA PHE E 288 3.12 14.53 11.35
C PHE E 288 2.40 15.14 10.17
N ARG E 289 1.29 14.53 9.76
CA ARG E 289 0.43 15.18 8.82
C ARG E 289 -0.04 16.48 9.49
N GLY E 290 -0.55 17.40 8.68
CA GLY E 290 -1.07 18.69 9.14
C GLY E 290 -0.06 19.58 9.88
N THR E 291 1.20 19.17 9.83
CA THR E 291 2.26 19.72 10.66
C THR E 291 3.03 20.86 10.04
N ASP E 292 3.24 21.93 10.81
CA ASP E 292 3.86 23.16 10.30
C ASP E 292 5.38 23.26 10.43
N GLU E 293 5.93 22.71 11.50
CA GLU E 293 7.36 22.79 11.67
C GLU E 293 8.02 22.15 10.46
N SER E 294 9.35 22.23 10.39
CA SER E 294 10.08 21.63 9.28
C SER E 294 10.92 20.42 9.70
N SER E 295 12.10 20.69 10.28
CA SER E 295 12.86 19.65 10.98
C SER E 295 12.01 19.26 12.18
N ILE E 296 11.99 17.97 12.51
CA ILE E 296 11.18 17.46 13.62
C ILE E 296 11.84 16.25 14.26
N VAL E 297 12.74 16.53 15.20
CA VAL E 297 13.59 15.50 15.76
C VAL E 297 12.82 14.44 16.54
N ASP E 298 12.94 13.18 16.13
CA ASP E 298 12.57 12.11 17.06
C ASP E 298 13.73 12.02 18.05
N SER E 299 13.45 12.42 19.28
CA SER E 299 14.48 12.50 20.32
C SER E 299 14.78 11.10 20.77
N SER E 300 13.72 10.36 21.13
CA SER E 300 13.80 9.02 21.70
C SER E 300 14.46 8.04 20.75
N LEU E 301 15.28 8.58 19.86
CA LEU E 301 15.97 7.80 18.84
C LEU E 301 17.44 8.17 18.70
N THR E 302 17.77 9.42 19.02
CA THR E 302 19.15 9.91 18.99
C THR E 302 20.08 8.90 19.62
N LEU E 303 21.35 8.88 19.19
CA LEU E 303 22.23 7.77 19.51
C LEU E 303 23.74 8.08 19.41
N VAL E 304 24.27 8.89 20.31
CA VAL E 304 25.71 9.16 20.29
C VAL E 304 26.50 7.91 20.60
N MET E 305 27.34 7.52 19.65
CA MET E 305 28.34 6.51 19.88
C MET E 305 29.59 7.25 20.33
N ASP E 306 30.61 6.49 20.72
CA ASP E 306 31.84 7.00 21.32
C ASP E 306 31.98 8.53 21.48
N GLY E 307 30.96 9.16 22.09
CA GLY E 307 31.00 10.59 22.39
C GLY E 307 31.05 11.50 21.17
N ASP E 308 31.68 11.02 20.11
CA ASP E 308 31.89 11.80 18.90
C ASP E 308 30.82 11.60 17.80
N LEU E 309 30.41 10.35 17.57
CA LEU E 309 29.63 9.98 16.39
C LEU E 309 28.09 10.11 16.46
N VAL E 310 27.58 11.31 16.70
CA VAL E 310 26.13 11.52 16.82
C VAL E 310 25.28 10.94 15.69
N LYS E 311 24.07 10.50 16.05
CA LYS E 311 23.07 10.03 15.09
C LYS E 311 21.69 10.53 15.49
N VAL E 312 21.04 11.24 14.60
CA VAL E 312 19.79 11.85 14.96
C VAL E 312 18.75 11.69 13.89
N ILE E 313 17.56 11.30 14.31
CA ILE E 313 16.52 11.02 13.37
C ILE E 313 15.59 12.25 13.31
N ALA E 314 14.98 12.49 12.16
CA ALA E 314 14.21 13.71 12.01
C ALA E 314 13.04 13.59 11.05
N TRP E 315 11.88 14.04 11.51
CA TRP E 315 10.68 13.96 10.72
C TRP E 315 10.46 15.19 9.85
N TYR E 316 9.33 15.19 9.15
CA TYR E 316 8.80 16.33 8.41
C TYR E 316 7.65 15.90 7.52
N ASP E 317 6.69 16.79 7.30
CA ASP E 317 5.66 16.55 6.29
C ASP E 317 6.16 17.18 5.01
N ASN E 318 6.63 16.36 4.08
CA ASN E 318 7.31 16.85 2.89
C ASN E 318 6.47 17.79 2.06
N GLU E 319 5.30 17.36 1.64
CA GLU E 319 4.38 18.29 1.06
C GLU E 319 4.32 19.55 1.94
N TRP E 320 3.57 19.46 3.04
CA TRP E 320 3.10 20.63 3.83
C TRP E 320 4.11 21.48 4.60
N GLY E 321 4.93 20.87 5.43
CA GLY E 321 5.93 21.63 6.16
C GLY E 321 6.74 22.57 5.27
N TYR E 322 6.73 22.27 3.98
CA TYR E 322 7.45 23.06 3.00
C TYR E 322 6.50 24.16 2.51
N SER E 323 5.27 23.78 2.20
CA SER E 323 4.25 24.72 1.74
C SER E 323 3.95 25.69 2.85
N GLN E 324 4.94 25.90 3.69
CA GLN E 324 4.88 26.94 4.70
C GLN E 324 6.23 27.65 4.74
N ARG E 325 7.31 26.88 4.66
CA ARG E 325 8.65 27.46 4.53
C ARG E 325 8.75 28.25 3.21
N VAL E 326 7.81 27.97 2.31
CA VAL E 326 7.59 28.83 1.20
C VAL E 326 6.77 30.03 1.69
N VAL E 327 5.52 29.81 2.07
CA VAL E 327 4.62 30.93 2.44
C VAL E 327 5.20 31.79 3.55
N ASP E 328 6.38 31.41 4.02
CA ASP E 328 7.15 32.23 4.95
C ASP E 328 8.18 33.00 4.14
N LEU E 329 8.99 32.27 3.36
CA LEU E 329 9.92 32.95 2.47
C LEU E 329 9.11 33.88 1.57
N ALA E 330 7.97 33.39 1.12
CA ALA E 330 7.10 34.13 0.21
C ALA E 330 6.67 35.43 0.85
N GLU E 331 6.37 35.39 2.14
CA GLU E 331 6.05 36.60 2.87
C GLU E 331 7.32 37.45 2.96
N LEU E 332 8.43 36.83 3.35
CA LEU E 332 9.70 37.56 3.47
C LEU E 332 9.86 38.59 2.35
N ALA E 333 9.42 38.24 1.15
CA ALA E 333 9.53 39.13 0.01
C ALA E 333 8.88 40.48 0.26
N ALA E 334 7.54 40.49 0.33
CA ALA E 334 6.71 41.71 0.36
C ALA E 334 7.16 42.75 1.40
N ARG E 335 8.18 42.36 2.14
CA ARG E 335 8.69 43.17 3.21
C ARG E 335 10.08 43.74 2.90
N LYS E 336 10.57 43.53 1.67
CA LYS E 336 11.82 44.15 1.16
C LYS E 336 11.70 44.26 -0.37
N TRP E 337 10.54 43.82 -0.87
CA TRP E 337 10.13 44.01 -2.26
C TRP E 337 10.23 45.49 -2.64
N ALA E 338 11.46 46.00 -2.64
CA ALA E 338 11.68 47.44 -2.67
C ALA E 338 11.33 48.08 -4.01
N MET F 1 -33.19 10.62 30.86
CA MET F 1 -32.48 11.52 31.77
C MET F 1 -31.11 11.95 31.23
N THR F 2 -30.07 11.36 31.82
CA THR F 2 -28.67 11.50 31.42
C THR F 2 -27.92 10.35 32.11
N ILE F 3 -27.93 9.18 31.49
CA ILE F 3 -27.40 7.96 32.10
C ILE F 3 -25.95 7.67 31.82
N ARG F 4 -25.47 6.66 32.54
CA ARG F 4 -24.08 6.25 32.56
C ARG F 4 -23.84 5.12 31.56
N VAL F 5 -22.66 5.13 30.93
CA VAL F 5 -22.30 4.12 29.93
C VAL F 5 -20.93 3.45 30.18
N ALA F 6 -20.75 2.29 29.54
CA ALA F 6 -19.47 1.60 29.53
C ALA F 6 -19.05 1.25 28.10
N ILE F 7 -17.76 1.18 27.88
CA ILE F 7 -17.23 0.81 26.58
C ILE F 7 -16.45 -0.47 26.74
N ASN F 8 -16.95 -1.55 26.14
CA ASN F 8 -16.26 -2.83 26.19
C ASN F 8 -15.71 -3.17 24.83
N GLY F 9 -14.49 -2.73 24.58
CA GLY F 9 -13.82 -3.03 23.32
C GLY F 9 -13.14 -1.81 22.74
N PHE F 10 -12.31 -1.20 23.59
CA PHE F 10 -11.65 0.04 23.27
C PHE F 10 -10.63 -0.09 22.13
N GLY F 11 -11.06 -0.71 21.02
CA GLY F 11 -10.24 -0.82 19.84
C GLY F 11 -10.74 0.11 18.75
N ARG F 12 -10.22 -0.03 17.54
CA ARG F 12 -10.54 0.91 16.48
C ARG F 12 -11.91 1.54 16.65
N ILE F 13 -12.96 0.73 16.62
CA ILE F 13 -14.28 1.30 16.71
C ILE F 13 -14.56 1.93 18.08
N GLY F 14 -14.17 1.24 19.15
CA GLY F 14 -14.33 1.74 20.49
C GLY F 14 -14.01 3.21 20.56
N ARG F 15 -12.76 3.56 20.26
CA ARG F 15 -12.35 4.95 20.32
C ARG F 15 -13.19 5.79 19.37
N ASN F 16 -13.27 5.42 18.10
CA ASN F 16 -14.11 6.16 17.17
C ASN F 16 -15.34 6.71 17.89
N PHE F 17 -16.23 5.82 18.30
CA PHE F 17 -17.37 6.15 19.15
C PHE F 17 -17.02 7.25 20.15
N LEU F 18 -16.10 6.93 21.06
CA LEU F 18 -15.67 7.87 22.08
C LEU F 18 -15.50 9.29 21.52
N ARG F 19 -14.76 9.41 20.44
CA ARG F 19 -14.55 10.71 19.83
C ARG F 19 -15.85 11.20 19.24
N CYS F 20 -16.66 10.25 18.75
CA CYS F 20 -17.99 10.52 18.19
C CYS F 20 -18.88 11.27 19.17
N TRP F 21 -18.84 10.81 20.42
CA TRP F 21 -19.51 11.44 21.54
C TRP F 21 -18.87 12.80 21.81
N PHE F 22 -17.61 12.77 22.24
CA PHE F 22 -16.86 13.97 22.62
C PHE F 22 -16.84 15.06 21.55
N GLY F 23 -17.52 14.82 20.44
CA GLY F 23 -17.69 15.84 19.42
C GLY F 23 -19.04 16.49 19.62
N ARG F 24 -20.07 15.67 19.45
CA ARG F 24 -21.47 16.05 19.58
C ARG F 24 -21.79 17.34 20.30
N GLN F 25 -22.91 17.92 19.91
CA GLN F 25 -23.49 19.03 20.63
C GLN F 25 -24.02 18.54 21.99
N ASN F 26 -25.10 17.77 21.92
CA ASN F 26 -25.90 17.36 23.09
C ASN F 26 -25.67 15.91 23.54
N THR F 27 -25.70 15.67 24.85
CA THR F 27 -25.50 14.32 25.40
C THR F 27 -26.51 13.83 26.43
N ASP F 28 -27.02 12.64 26.19
CA ASP F 28 -27.84 11.92 27.16
C ASP F 28 -26.94 10.88 27.79
N LEU F 29 -25.63 11.09 27.73
CA LEU F 29 -24.70 10.07 28.21
C LEU F 29 -23.56 10.61 29.03
N GLU F 30 -22.94 9.71 29.77
CA GLU F 30 -21.67 10.02 30.37
C GLU F 30 -20.85 8.75 30.56
N VAL F 31 -19.72 8.72 29.87
CA VAL F 31 -18.82 7.59 29.94
C VAL F 31 -17.77 7.87 31.00
N VAL F 32 -17.21 6.79 31.51
CA VAL F 32 -16.61 6.83 32.82
C VAL F 32 -15.73 5.60 33.05
N ALA F 33 -15.67 4.73 32.06
CA ALA F 33 -14.96 3.47 32.22
C ALA F 33 -15.04 2.62 30.96
N ILE F 34 -13.87 2.23 30.49
CA ILE F 34 -13.75 1.34 29.37
C ILE F 34 -13.01 0.11 29.82
N ASN F 35 -13.50 -1.05 29.42
CA ASN F 35 -12.75 -2.26 29.60
C ASN F 35 -11.92 -2.50 28.38
N ASN F 36 -10.61 -2.59 28.56
CA ASN F 36 -9.76 -2.91 27.43
C ASN F 36 -8.74 -3.97 27.76
N THR F 37 -8.16 -4.54 26.71
CA THR F 37 -7.09 -5.52 26.84
C THR F 37 -5.71 -4.83 26.82
N SER F 38 -5.70 -3.56 27.20
CA SER F 38 -4.51 -2.73 27.17
C SER F 38 -4.25 -2.07 28.53
N ASP F 39 -3.34 -1.11 28.53
CA ASP F 39 -3.15 -0.19 29.64
C ASP F 39 -3.60 1.21 29.22
N ALA F 40 -3.52 2.16 30.14
CA ALA F 40 -4.16 3.46 29.94
C ALA F 40 -3.27 4.48 29.23
N ARG F 41 -1.96 4.32 29.33
CA ARG F 41 -1.10 5.11 28.46
C ARG F 41 -1.59 4.76 27.10
N THR F 42 -1.83 3.46 26.94
CA THR F 42 -2.28 2.95 25.67
C THR F 42 -3.65 3.51 25.34
N ALA F 43 -4.63 3.35 26.22
CA ALA F 43 -5.95 3.88 25.91
C ALA F 43 -5.87 5.33 25.44
N ALA F 44 -5.16 6.17 26.19
CA ALA F 44 -5.05 7.60 25.87
C ALA F 44 -4.63 7.75 24.43
N HIS F 45 -3.41 7.30 24.16
CA HIS F 45 -2.85 7.21 22.81
C HIS F 45 -3.85 7.03 21.65
N LEU F 46 -4.07 5.81 21.21
CA LEU F 46 -4.87 5.57 20.01
C LEU F 46 -6.15 6.40 19.98
N LEU F 47 -6.58 6.85 21.14
CA LEU F 47 -7.63 7.85 21.17
C LEU F 47 -7.10 9.16 20.58
N GLU F 48 -5.91 9.55 20.98
CA GLU F 48 -5.33 10.80 20.54
C GLU F 48 -4.26 10.63 19.47
N TYR F 49 -4.13 9.45 18.89
CA TYR F 49 -3.23 9.24 17.77
C TYR F 49 -3.88 8.24 16.89
N ASP F 50 -3.78 8.45 15.60
CA ASP F 50 -4.65 7.71 14.74
C ASP F 50 -4.30 7.92 13.30
N SER F 51 -3.86 6.84 12.67
CA SER F 51 -3.56 6.86 11.25
C SER F 51 -4.77 7.38 10.55
N VAL F 52 -5.84 6.59 10.54
CA VAL F 52 -7.04 7.02 9.88
C VAL F 52 -7.44 8.44 10.32
N LEU F 53 -7.75 8.61 11.59
CA LEU F 53 -8.50 9.79 11.94
C LEU F 53 -7.57 10.94 12.20
N GLY F 54 -6.72 10.81 13.20
CA GLY F 54 -5.81 11.89 13.53
C GLY F 54 -5.93 12.27 14.99
N ARG F 55 -4.87 12.87 15.52
CA ARG F 55 -4.82 13.19 16.92
C ARG F 55 -6.11 13.84 17.34
N PHE F 56 -6.43 13.73 18.62
CA PHE F 56 -7.62 14.32 19.20
C PHE F 56 -7.38 15.79 19.54
N ASN F 57 -8.35 16.64 19.22
CA ASN F 57 -8.33 17.98 19.79
C ASN F 57 -8.69 17.84 21.27
N ALA F 58 -7.70 18.04 22.14
CA ALA F 58 -7.91 18.03 23.59
C ALA F 58 -6.61 18.03 24.44
N ASP F 59 -6.73 18.49 25.69
CA ASP F 59 -5.73 18.19 26.70
C ASP F 59 -6.14 16.78 27.09
N ILE F 60 -5.21 15.83 27.00
CA ILE F 60 -5.57 14.45 27.31
C ILE F 60 -4.60 13.82 28.28
N SER F 61 -5.13 13.33 29.39
CA SER F 61 -4.27 12.84 30.46
C SER F 61 -4.60 11.43 30.91
N TYR F 62 -3.57 10.74 31.38
CA TYR F 62 -3.72 9.37 31.83
C TYR F 62 -3.03 9.23 33.19
N ASP F 63 -3.37 8.19 33.93
CA ASP F 63 -2.58 7.86 35.10
C ASP F 63 -2.61 6.38 35.30
N GLU F 64 -1.52 5.86 35.87
CA GLU F 64 -1.37 4.43 36.18
C GLU F 64 -2.61 3.58 35.94
N ASN F 65 -3.72 3.97 36.57
CA ASN F 65 -5.00 3.26 36.45
C ASN F 65 -6.25 4.10 36.11
N SER F 66 -6.07 5.08 35.21
CA SER F 66 -7.18 5.69 34.46
C SER F 66 -6.79 6.92 33.64
N ILE F 67 -7.62 7.30 32.69
CA ILE F 67 -7.36 8.53 31.96
C ILE F 67 -8.44 9.55 32.20
N THR F 68 -8.04 10.82 32.02
CA THR F 68 -8.93 11.95 32.03
C THR F 68 -8.93 12.61 30.65
N VAL F 69 -10.07 13.15 30.25
CA VAL F 69 -10.18 13.76 28.92
C VAL F 69 -10.90 15.09 28.98
N ASN F 70 -10.15 16.19 28.95
CA ASN F 70 -10.78 17.50 29.02
C ASN F 70 -11.84 17.43 30.09
N GLY F 71 -11.41 17.20 31.33
CA GLY F 71 -12.35 16.90 32.40
C GLY F 71 -12.87 15.48 32.22
N LYS F 72 -14.03 15.35 31.58
CA LYS F 72 -14.75 14.08 31.50
C LYS F 72 -13.81 12.89 31.45
N THR F 73 -13.62 12.29 32.62
CA THR F 73 -12.56 11.32 32.81
C THR F 73 -13.13 9.92 32.95
N MET F 74 -12.47 8.96 32.33
CA MET F 74 -12.96 7.60 32.36
C MET F 74 -11.96 6.62 32.97
N LYS F 75 -12.53 5.64 33.66
CA LYS F 75 -11.81 4.63 34.43
C LYS F 75 -11.41 3.50 33.51
N ILE F 76 -10.23 2.96 33.75
CA ILE F 76 -9.68 1.96 32.85
C ILE F 76 -9.42 0.60 33.51
N VAL F 77 -10.18 -0.40 33.09
CA VAL F 77 -10.02 -1.74 33.64
C VAL F 77 -9.81 -2.84 32.61
N CYS F 78 -8.84 -3.70 32.92
CA CYS F 78 -8.35 -4.71 32.01
C CYS F 78 -8.93 -6.06 32.39
N ASP F 79 -10.03 -6.44 31.77
CA ASP F 79 -10.55 -7.79 31.97
C ASP F 79 -11.04 -8.49 30.70
N ARG F 80 -10.35 -9.56 30.34
CA ARG F 80 -10.83 -10.46 29.31
C ARG F 80 -12.18 -11.06 29.75
N ASN F 81 -12.31 -11.30 31.05
CA ASN F 81 -13.54 -11.85 31.63
C ASN F 81 -14.52 -10.75 32.00
N PRO F 82 -15.73 -10.82 31.47
CA PRO F 82 -16.71 -9.75 31.66
C PRO F 82 -17.37 -9.92 33.02
N LEU F 83 -17.42 -11.16 33.51
CA LEU F 83 -18.16 -11.46 34.72
C LEU F 83 -17.51 -10.91 35.98
N ASN F 84 -16.19 -10.73 35.96
CA ASN F 84 -15.50 -10.06 37.07
C ASN F 84 -15.51 -8.56 36.86
N LEU F 85 -16.60 -8.05 36.31
CA LEU F 85 -16.63 -6.63 36.04
C LEU F 85 -17.60 -5.92 36.96
N PRO F 86 -17.06 -4.86 37.58
CA PRO F 86 -17.55 -3.83 38.51
C PRO F 86 -18.77 -2.96 38.09
N TRP F 87 -19.65 -3.42 37.20
CA TRP F 87 -20.77 -2.57 36.78
C TRP F 87 -21.78 -2.21 37.91
N LYS F 88 -22.45 -3.21 38.48
CA LYS F 88 -23.34 -2.97 39.63
C LYS F 88 -22.65 -2.08 40.64
N GLU F 89 -21.37 -2.35 40.87
CA GLU F 89 -20.61 -1.60 41.86
C GLU F 89 -20.15 -0.18 41.40
N TRP F 90 -20.29 0.12 40.11
CA TRP F 90 -20.03 1.46 39.58
C TRP F 90 -21.29 2.08 38.98
N ASP F 91 -22.41 1.36 39.16
CA ASP F 91 -23.68 1.55 38.43
C ASP F 91 -23.52 2.05 37.02
N ILE F 92 -22.94 1.20 36.18
CA ILE F 92 -22.96 1.37 34.75
C ILE F 92 -24.33 0.95 34.26
N ASP F 93 -24.98 1.81 33.50
CA ASP F 93 -26.30 1.45 33.04
C ASP F 93 -26.19 0.70 31.72
N LEU F 94 -25.51 1.31 30.76
CA LEU F 94 -25.34 0.75 29.42
C LEU F 94 -23.90 0.46 29.08
N VAL F 95 -23.66 -0.68 28.47
CA VAL F 95 -22.31 -1.04 28.06
C VAL F 95 -22.21 -1.14 26.55
N ILE F 96 -21.13 -0.61 25.99
CA ILE F 96 -20.87 -0.78 24.57
C ILE F 96 -20.03 -2.02 24.37
N GLU F 97 -20.57 -2.94 23.57
CA GLU F 97 -19.90 -4.17 23.25
C GLU F 97 -19.01 -4.01 22.02
N SER F 98 -17.77 -3.59 22.23
CA SER F 98 -16.90 -3.24 21.11
C SER F 98 -15.55 -3.94 21.14
N THR F 99 -15.48 -5.04 21.90
CA THR F 99 -14.35 -5.95 21.80
C THR F 99 -14.61 -6.70 20.52
N GLY F 100 -15.87 -6.63 20.11
CA GLY F 100 -16.33 -7.26 18.88
C GLY F 100 -16.42 -8.77 19.01
N VAL F 101 -16.48 -9.27 20.25
CA VAL F 101 -16.51 -10.71 20.46
C VAL F 101 -17.77 -11.27 21.11
N PHE F 102 -18.39 -10.55 22.04
CA PHE F 102 -19.58 -11.11 22.68
C PHE F 102 -20.82 -10.88 21.84
N VAL F 103 -20.74 -11.22 20.55
CA VAL F 103 -21.87 -11.05 19.66
C VAL F 103 -23.13 -11.73 20.16
N THR F 104 -23.01 -12.98 20.59
CA THR F 104 -24.18 -13.74 21.03
C THR F 104 -24.67 -13.23 22.38
N ALA F 105 -25.99 -13.14 22.53
CA ALA F 105 -26.58 -12.77 23.80
C ALA F 105 -25.74 -13.34 24.96
N GLU F 106 -25.32 -14.60 24.82
CA GLU F 106 -24.47 -15.27 25.80
C GLU F 106 -23.44 -14.34 26.45
N GLY F 107 -22.61 -13.71 25.63
CA GLY F 107 -21.60 -12.79 26.15
C GLY F 107 -22.18 -11.45 26.51
N ALA F 108 -23.40 -11.19 26.07
CA ALA F 108 -24.05 -9.91 26.33
C ALA F 108 -24.77 -9.92 27.67
N SER F 109 -24.92 -11.11 28.24
CA SER F 109 -25.55 -11.23 29.55
C SER F 109 -24.52 -10.95 30.64
N LYS F 110 -23.30 -11.42 30.40
CA LYS F 110 -22.27 -11.47 31.43
C LYS F 110 -21.85 -10.11 31.97
N HIS F 111 -22.22 -9.05 31.28
CA HIS F 111 -22.04 -7.72 31.82
C HIS F 111 -23.24 -7.35 32.66
N ILE F 112 -24.42 -7.76 32.21
CA ILE F 112 -25.63 -7.53 32.99
C ILE F 112 -25.61 -8.39 34.23
N GLN F 113 -25.11 -9.62 34.07
CA GLN F 113 -24.78 -10.44 35.23
C GLN F 113 -23.85 -9.62 36.12
N ALA F 114 -23.09 -8.76 35.47
CA ALA F 114 -22.05 -8.01 36.16
C ALA F 114 -22.59 -6.71 36.71
N GLY F 115 -23.90 -6.51 36.60
CA GLY F 115 -24.54 -5.41 37.29
C GLY F 115 -24.96 -4.22 36.45
N ALA F 116 -24.39 -4.10 35.26
CA ALA F 116 -24.85 -3.10 34.31
C ALA F 116 -26.22 -3.57 33.85
N LYS F 117 -27.01 -2.68 33.29
CA LYS F 117 -28.42 -2.99 33.10
C LYS F 117 -28.93 -2.87 31.67
N LYS F 118 -28.02 -3.00 30.71
CA LYS F 118 -28.40 -3.08 29.30
C LYS F 118 -27.14 -3.06 28.47
N VAL F 119 -27.25 -3.46 27.22
CA VAL F 119 -26.02 -3.70 26.46
C VAL F 119 -26.22 -3.65 24.93
N LEU F 120 -25.39 -2.83 24.28
CA LEU F 120 -25.43 -2.58 22.85
C LEU F 120 -24.19 -3.15 22.19
N ILE F 121 -24.39 -3.97 21.16
CA ILE F 121 -23.26 -4.60 20.46
C ILE F 121 -22.88 -3.88 19.19
N THR F 122 -21.58 -3.84 18.96
CA THR F 122 -21.03 -3.19 17.78
C THR F 122 -20.76 -4.22 16.71
N ALA F 123 -21.74 -5.07 16.46
CA ALA F 123 -21.54 -6.22 15.61
C ALA F 123 -22.85 -6.98 15.60
N PRO F 124 -23.02 -7.84 14.59
CA PRO F 124 -24.22 -8.64 14.36
C PRO F 124 -24.71 -9.34 15.62
N GLY F 125 -26.00 -9.63 15.71
CA GLY F 125 -26.50 -10.54 16.72
C GLY F 125 -26.13 -11.96 16.34
N LYS F 126 -25.89 -12.82 17.34
CA LYS F 126 -25.58 -14.24 17.11
C LYS F 126 -26.41 -15.11 18.04
N GLY F 127 -26.93 -16.21 17.51
CA GLY F 127 -27.99 -16.95 18.17
C GLY F 127 -29.20 -16.04 18.19
N GLU F 128 -30.19 -16.35 19.01
CA GLU F 128 -31.40 -15.52 19.08
C GLU F 128 -31.30 -14.43 20.13
N GLY F 129 -32.44 -14.10 20.71
CA GLY F 129 -32.51 -13.34 21.95
C GLY F 129 -31.82 -12.01 21.93
N VAL F 130 -31.52 -11.52 20.73
CA VAL F 130 -30.79 -10.26 20.62
C VAL F 130 -31.51 -9.22 19.73
N GLY F 131 -31.59 -8.00 20.23
CA GLY F 131 -32.25 -6.90 19.53
C GLY F 131 -31.39 -6.35 18.41
N THR F 132 -31.99 -5.56 17.53
CA THR F 132 -31.28 -5.08 16.35
C THR F 132 -31.89 -3.81 15.76
N TYR F 133 -31.09 -2.77 15.70
CA TYR F 133 -31.57 -1.51 15.12
C TYR F 133 -30.60 -0.85 14.15
N VAL F 134 -31.15 0.00 13.29
CA VAL F 134 -30.39 0.89 12.44
C VAL F 134 -31.24 2.13 12.28
N ILE F 135 -30.72 3.30 12.63
CA ILE F 135 -31.50 4.51 12.44
C ILE F 135 -32.06 4.53 11.03
N GLY F 136 -33.30 4.98 10.88
CA GLY F 136 -33.88 5.18 9.56
C GLY F 136 -34.74 4.04 9.06
N VAL F 137 -34.23 2.82 9.13
CA VAL F 137 -35.05 1.67 8.80
C VAL F 137 -36.20 1.60 9.82
N ASN F 138 -35.86 1.25 11.06
CA ASN F 138 -36.80 1.28 12.19
C ASN F 138 -36.20 1.97 13.42
N ASP F 139 -35.81 3.23 13.30
CA ASP F 139 -35.37 3.97 14.48
C ASP F 139 -36.56 4.09 15.43
N SER F 140 -37.72 3.65 14.93
CA SER F 140 -39.02 4.01 15.49
C SER F 140 -39.72 2.89 16.31
N GLU F 141 -39.67 1.65 15.83
CA GLU F 141 -40.20 0.53 16.60
C GLU F 141 -39.30 0.29 17.80
N TYR F 142 -38.81 1.38 18.37
CA TYR F 142 -37.95 1.34 19.54
C TYR F 142 -38.76 1.29 20.84
N ARG F 143 -38.49 0.27 21.66
CA ARG F 143 -39.10 0.18 22.99
C ARG F 143 -38.16 -0.41 24.02
N HIS F 144 -37.81 0.40 25.03
CA HIS F 144 -36.90 0.05 26.10
C HIS F 144 -37.24 -1.28 26.79
N GLU F 145 -38.53 -1.58 26.87
CA GLU F 145 -39.04 -2.81 27.50
C GLU F 145 -38.98 -4.05 26.59
N ASP F 146 -37.89 -4.17 25.84
CA ASP F 146 -37.75 -5.25 24.86
C ASP F 146 -36.52 -6.12 25.09
N PHE F 147 -35.33 -5.59 24.82
CA PHE F 147 -34.07 -6.30 25.13
C PHE F 147 -33.07 -5.35 25.78
N ALA F 148 -32.17 -5.93 26.56
CA ALA F 148 -30.99 -5.22 27.01
C ALA F 148 -29.82 -5.77 26.22
N VAL F 149 -30.16 -6.57 25.20
CA VAL F 149 -29.21 -7.18 24.29
C VAL F 149 -29.46 -6.64 22.89
N ILE F 150 -28.67 -5.66 22.46
CA ILE F 150 -28.94 -5.01 21.18
C ILE F 150 -27.68 -4.74 20.36
N SER F 151 -27.86 -4.62 19.04
CA SER F 151 -26.76 -4.30 18.12
C SER F 151 -27.23 -3.40 16.99
N ASN F 152 -26.28 -2.70 16.38
CA ASN F 152 -26.50 -2.06 15.09
C ASN F 152 -26.15 -3.07 14.02
N ALA F 153 -26.00 -4.33 14.42
CA ALA F 153 -25.40 -5.35 13.56
C ALA F 153 -24.01 -4.87 13.13
N SER F 154 -23.84 -4.59 11.84
CA SER F 154 -22.53 -4.22 11.27
C SER F 154 -22.53 -2.99 10.34
N CYS F 155 -21.39 -2.29 10.35
CA CYS F 155 -21.01 -1.30 9.34
C CYS F 155 -21.75 -1.47 8.02
N THR F 156 -21.35 -2.51 7.30
CA THR F 156 -21.91 -2.89 6.01
C THR F 156 -23.41 -2.68 5.97
N THR F 157 -24.07 -3.18 6.99
CA THR F 157 -25.51 -3.23 6.98
C THR F 157 -26.10 -1.87 7.28
N ASN F 158 -25.33 -1.00 7.92
CA ASN F 158 -25.77 0.37 8.05
C ASN F 158 -25.91 0.99 6.68
N CYS F 159 -25.04 0.59 5.77
CA CYS F 159 -25.14 1.11 4.42
C CYS F 159 -26.27 0.45 3.70
N LEU F 160 -26.22 -0.87 3.62
CA LEU F 160 -27.23 -1.61 2.90
C LEU F 160 -28.64 -1.17 3.27
N ALA F 161 -28.89 -1.06 4.58
CA ALA F 161 -30.26 -0.94 5.10
C ALA F 161 -30.96 0.40 4.81
N PRO F 162 -30.43 1.49 5.36
CA PRO F 162 -30.99 2.80 5.04
C PRO F 162 -31.26 2.88 3.56
N VAL F 163 -30.31 2.44 2.75
CA VAL F 163 -30.46 2.41 1.29
C VAL F 163 -31.60 1.49 0.90
N ALA F 164 -31.45 0.20 1.21
CA ALA F 164 -32.45 -0.79 0.87
C ALA F 164 -33.85 -0.26 1.15
N LYS F 165 -33.97 0.57 2.19
CA LYS F 165 -35.24 1.18 2.56
C LYS F 165 -36.01 1.67 1.33
N VAL F 166 -35.72 2.90 0.91
CA VAL F 166 -36.45 3.54 -0.18
C VAL F 166 -36.68 2.56 -1.32
N LEU F 167 -35.70 1.70 -1.50
CA LEU F 167 -35.70 0.80 -2.63
C LEU F 167 -36.87 -0.17 -2.63
N HIS F 168 -37.24 -0.69 -1.46
CA HIS F 168 -38.48 -1.46 -1.43
C HIS F 168 -39.64 -0.51 -1.57
N ASP F 169 -39.58 0.58 -0.82
CA ASP F 169 -40.60 1.60 -0.89
C ASP F 169 -41.00 1.81 -2.32
N ASN F 170 -40.33 2.77 -2.95
CA ASN F 170 -40.82 3.33 -4.18
C ASN F 170 -40.65 2.45 -5.39
N PHE F 171 -40.18 1.23 -5.17
CA PHE F 171 -40.03 0.28 -6.27
C PHE F 171 -40.44 -1.16 -5.94
N GLY F 172 -40.25 -1.56 -4.69
CA GLY F 172 -40.73 -2.85 -4.22
C GLY F 172 -39.83 -4.03 -4.55
N ILE F 173 -38.63 -4.03 -4.00
CA ILE F 173 -37.64 -5.06 -4.31
C ILE F 173 -38.28 -6.43 -4.42
N ILE F 174 -37.96 -7.15 -5.47
CA ILE F 174 -38.36 -8.52 -5.56
C ILE F 174 -37.19 -9.35 -5.08
N LYS F 175 -36.00 -9.01 -5.59
CA LYS F 175 -34.75 -9.72 -5.29
C LYS F 175 -33.54 -8.99 -5.84
N GLY F 176 -32.38 -9.27 -5.25
CA GLY F 176 -31.12 -8.73 -5.74
C GLY F 176 -29.84 -9.40 -5.26
N THR F 177 -28.77 -8.63 -5.28
CA THR F 177 -27.51 -9.07 -4.73
C THR F 177 -26.74 -7.82 -4.51
N MET F 178 -25.46 -7.98 -4.28
CA MET F 178 -24.68 -6.85 -3.89
C MET F 178 -23.29 -7.31 -3.54
N THR F 179 -22.30 -6.55 -3.95
CA THR F 179 -20.96 -6.82 -3.49
C THR F 179 -20.42 -5.62 -2.75
N THR F 180 -20.03 -5.87 -1.52
CA THR F 180 -19.58 -4.81 -0.64
C THR F 180 -18.08 -4.69 -0.73
N THR F 181 -17.63 -3.72 -1.49
CA THR F 181 -16.21 -3.50 -1.59
C THR F 181 -15.79 -2.69 -0.38
N HIS F 182 -14.63 -3.01 0.16
CA HIS F 182 -14.45 -2.75 1.57
C HIS F 182 -13.00 -2.81 2.02
N SER F 183 -12.51 -1.71 2.59
CA SER F 183 -11.15 -1.68 3.08
C SER F 183 -11.09 -2.70 4.17
N TYR F 184 -9.90 -2.89 4.72
CA TYR F 184 -9.70 -3.96 5.68
C TYR F 184 -9.97 -3.64 7.16
N THR F 185 -9.98 -4.70 7.96
CA THR F 185 -10.53 -4.71 9.30
C THR F 185 -9.61 -5.51 10.19
N LEU F 186 -9.54 -5.20 11.48
CA LEU F 186 -8.47 -5.75 12.28
C LEU F 186 -8.52 -7.28 12.41
N ASP F 187 -9.50 -7.90 11.78
CA ASP F 187 -9.59 -9.36 11.78
C ASP F 187 -8.65 -10.08 10.81
N GLN F 188 -8.10 -9.37 9.85
CA GLN F 188 -7.20 -10.04 8.94
C GLN F 188 -5.79 -10.17 9.54
N ARG F 189 -4.81 -10.31 8.67
CA ARG F 189 -3.43 -10.44 9.08
C ARG F 189 -2.56 -9.62 8.13
N ILE F 190 -1.58 -8.88 8.67
CA ILE F 190 -0.67 -8.08 7.84
C ILE F 190 0.05 -8.95 6.85
N LEU F 191 0.49 -10.10 7.33
CA LEU F 191 1.26 -11.03 6.54
C LEU F 191 0.64 -12.40 6.67
N ASP F 192 0.98 -13.29 5.75
CA ASP F 192 0.49 -14.66 5.81
C ASP F 192 0.67 -15.17 7.22
N ALA F 193 -0.45 -15.37 7.92
CA ALA F 193 -0.43 -16.03 9.21
C ALA F 193 -1.64 -16.93 9.31
N SER F 194 -1.57 -17.91 10.21
CA SER F 194 -2.65 -18.86 10.43
C SER F 194 -3.99 -18.17 10.70
N HIS F 195 -5.07 -18.93 10.59
CA HIS F 195 -6.42 -18.37 10.80
C HIS F 195 -7.47 -19.33 10.28
N ARG F 196 -8.68 -19.25 10.84
CA ARG F 196 -9.76 -20.17 10.47
C ARG F 196 -10.31 -19.95 9.05
N ASP F 197 -10.75 -18.74 8.73
CA ASP F 197 -11.00 -18.44 7.34
C ASP F 197 -9.63 -18.29 6.67
N LEU F 198 -9.39 -19.10 5.63
CA LEU F 198 -8.09 -19.15 4.96
C LEU F 198 -7.80 -17.89 4.13
N ARG F 199 -8.87 -17.30 3.62
CA ARG F 199 -8.76 -16.03 2.94
C ARG F 199 -8.24 -14.97 3.91
N ARG F 200 -8.99 -14.76 5.00
CA ARG F 200 -8.65 -13.79 6.04
C ARG F 200 -7.26 -14.00 6.68
N ALA F 201 -6.53 -15.02 6.23
CA ALA F 201 -5.24 -15.36 6.83
C ALA F 201 -4.03 -14.76 6.13
N ARG F 202 -4.23 -14.23 4.92
CA ARG F 202 -3.14 -13.74 4.09
C ARG F 202 -3.07 -12.24 4.05
N ALA F 203 -1.83 -11.74 4.16
CA ALA F 203 -1.48 -10.32 4.04
C ALA F 203 -2.59 -9.46 3.46
N ALA F 204 -3.10 -8.54 4.27
CA ALA F 204 -4.36 -7.88 3.95
C ALA F 204 -4.14 -6.62 3.15
N ALA F 205 -2.91 -6.12 3.17
CA ALA F 205 -2.55 -4.95 2.38
C ALA F 205 -2.32 -5.26 0.87
N VAL F 206 -1.92 -6.50 0.54
CA VAL F 206 -1.46 -6.81 -0.81
C VAL F 206 -2.29 -7.89 -1.48
N ASN F 207 -3.61 -7.76 -1.37
CA ASN F 207 -4.53 -8.70 -1.99
C ASN F 207 -5.96 -8.25 -1.79
N ILE F 208 -6.78 -8.43 -2.81
CA ILE F 208 -8.22 -8.41 -2.63
C ILE F 208 -8.60 -9.78 -2.07
N VAL F 209 -8.86 -9.81 -0.76
CA VAL F 209 -9.21 -11.02 -0.04
C VAL F 209 -10.71 -11.05 0.15
N PRO F 210 -11.33 -12.11 -0.30
CA PRO F 210 -12.78 -12.19 -0.17
C PRO F 210 -13.16 -12.78 1.18
N THR F 211 -14.22 -12.24 1.78
CA THR F 211 -14.76 -12.77 3.02
C THR F 211 -16.30 -12.89 2.98
N THR F 212 -16.83 -13.71 3.88
CA THR F 212 -18.21 -14.14 3.83
C THR F 212 -19.01 -13.33 4.83
N THR F 213 -20.16 -12.82 4.39
CA THR F 213 -20.86 -11.85 5.20
C THR F 213 -22.34 -12.11 5.38
N GLY F 214 -22.85 -11.66 6.52
CA GLY F 214 -24.26 -11.75 6.85
C GLY F 214 -25.01 -10.45 6.57
N ALA F 215 -24.26 -9.35 6.42
CA ALA F 215 -24.83 -8.04 6.10
C ALA F 215 -25.79 -8.14 4.94
N ALA F 216 -26.13 -9.36 4.61
CA ALA F 216 -26.82 -9.70 3.40
C ALA F 216 -28.29 -9.85 3.64
N LYS F 217 -28.73 -11.11 3.71
CA LYS F 217 -30.08 -11.46 4.10
C LYS F 217 -30.40 -10.86 5.46
N ALA F 218 -29.44 -10.96 6.36
CA ALA F 218 -29.51 -10.31 7.67
C ALA F 218 -29.60 -8.80 7.49
N VAL F 219 -30.67 -8.39 6.83
CA VAL F 219 -31.05 -7.01 6.69
C VAL F 219 -32.56 -7.11 6.62
N ALA F 220 -32.99 -8.36 6.49
CA ALA F 220 -34.34 -8.77 6.85
C ALA F 220 -34.43 -8.88 8.38
N LEU F 221 -34.33 -7.73 9.04
CA LEU F 221 -34.41 -7.66 10.49
C LEU F 221 -34.43 -6.19 10.84
N VAL F 222 -35.08 -5.45 9.97
CA VAL F 222 -35.37 -4.05 10.19
C VAL F 222 -36.40 -3.76 9.14
N ILE F 223 -36.42 -4.62 8.13
CA ILE F 223 -37.52 -4.68 7.19
C ILE F 223 -37.71 -6.11 6.73
N PRO F 224 -38.19 -6.98 7.63
CA PRO F 224 -38.39 -8.39 7.32
C PRO F 224 -38.89 -8.60 5.89
N GLU F 225 -39.48 -7.56 5.28
CA GLU F 225 -39.99 -7.65 3.90
C GLU F 225 -38.87 -7.93 2.89
N LEU F 226 -37.66 -8.16 3.40
CA LEU F 226 -36.52 -8.56 2.59
C LEU F 226 -35.95 -9.86 3.14
N LYS F 227 -36.88 -10.70 3.59
CA LYS F 227 -36.57 -11.94 4.26
C LYS F 227 -35.87 -12.87 3.29
N GLY F 228 -34.57 -13.06 3.49
CA GLY F 228 -33.77 -13.80 2.53
C GLY F 228 -34.16 -13.40 1.13
N LYS F 229 -34.02 -12.11 0.82
CA LYS F 229 -34.37 -11.59 -0.51
C LYS F 229 -33.16 -10.90 -1.16
N LEU F 230 -32.22 -10.44 -0.33
CA LEU F 230 -30.95 -9.95 -0.81
C LEU F 230 -29.96 -11.09 -0.78
N ASN F 231 -29.00 -10.99 0.14
CA ASN F 231 -27.80 -11.83 0.17
C ASN F 231 -26.67 -11.00 -0.43
N GLY F 232 -25.70 -11.66 -1.05
CA GLY F 232 -24.57 -10.95 -1.62
C GLY F 232 -23.27 -11.36 -0.98
N ILE F 233 -22.23 -10.54 -1.14
CA ILE F 233 -20.90 -10.87 -0.60
C ILE F 233 -19.94 -9.70 -0.39
N ALA F 234 -18.74 -10.04 0.05
CA ALA F 234 -17.81 -9.08 0.60
C ALA F 234 -16.45 -9.20 -0.04
N LEU F 235 -15.90 -8.07 -0.47
CA LEU F 235 -14.57 -8.05 -1.04
C LEU F 235 -13.76 -6.99 -0.37
N ARG F 236 -12.65 -7.44 0.21
CA ARG F 236 -11.83 -6.59 1.01
C ARG F 236 -10.73 -6.12 0.13
N VAL F 237 -10.21 -4.93 0.40
CA VAL F 237 -9.18 -4.34 -0.45
C VAL F 237 -8.24 -3.48 0.40
N PRO F 238 -7.07 -3.17 -0.14
CA PRO F 238 -6.05 -2.34 0.52
C PRO F 238 -6.35 -0.84 0.72
N THR F 239 -7.44 -0.56 1.41
CA THR F 239 -7.54 0.68 2.15
C THR F 239 -7.65 0.31 3.63
N PRO F 240 -7.27 1.22 4.52
CA PRO F 240 -7.51 0.92 5.92
C PRO F 240 -8.72 1.68 6.38
N ASN F 241 -9.76 1.72 5.54
CA ASN F 241 -10.97 2.45 5.86
C ASN F 241 -11.83 2.86 4.67
N VAL F 242 -13.06 3.27 4.96
CA VAL F 242 -14.01 3.72 3.95
C VAL F 242 -14.37 2.52 3.14
N SER F 243 -15.55 2.50 2.58
CA SER F 243 -15.95 1.35 1.78
C SER F 243 -17.32 1.56 1.20
N VAL F 244 -17.75 0.59 0.41
CA VAL F 244 -18.85 0.86 -0.49
C VAL F 244 -19.59 -0.40 -0.90
N VAL F 245 -20.89 -0.27 -1.03
CA VAL F 245 -21.71 -1.43 -1.26
C VAL F 245 -22.20 -1.49 -2.71
N ASP F 246 -21.85 -2.56 -3.40
CA ASP F 246 -22.34 -2.71 -4.76
C ASP F 246 -23.68 -3.42 -4.74
N LEU F 247 -24.76 -2.66 -4.65
CA LEU F 247 -26.10 -3.23 -4.60
C LEU F 247 -26.71 -3.42 -5.98
N VAL F 248 -27.46 -4.51 -6.15
CA VAL F 248 -28.34 -4.67 -7.30
C VAL F 248 -29.63 -5.40 -6.89
N VAL F 249 -30.76 -5.03 -7.49
CA VAL F 249 -32.08 -5.57 -7.09
C VAL F 249 -33.20 -5.42 -8.11
N GLN F 250 -33.85 -6.53 -8.45
CA GLN F 250 -34.98 -6.50 -9.39
C GLN F 250 -36.12 -5.63 -8.89
N VAL F 251 -37.00 -5.23 -9.79
CA VAL F 251 -38.15 -4.44 -9.40
C VAL F 251 -39.40 -4.85 -10.19
N GLU F 252 -40.56 -4.34 -9.78
CA GLU F 252 -41.83 -4.59 -10.49
C GLU F 252 -42.61 -3.29 -10.74
N LYS F 253 -42.13 -2.19 -10.16
CA LYS F 253 -42.46 -0.87 -10.68
C LYS F 253 -41.14 -0.28 -11.13
N PRO F 254 -40.90 -0.25 -12.45
CA PRO F 254 -39.60 -0.07 -13.13
C PRO F 254 -39.10 1.37 -13.20
N THR F 255 -37.89 1.57 -13.70
CA THR F 255 -37.23 2.87 -13.57
C THR F 255 -36.19 3.21 -14.64
N ILE F 256 -35.85 4.50 -14.72
CA ILE F 256 -34.64 4.97 -15.41
C ILE F 256 -33.58 5.35 -14.39
N THR F 257 -32.35 5.51 -14.87
CA THR F 257 -31.23 5.80 -13.99
C THR F 257 -31.46 7.04 -13.13
N GLU F 258 -31.90 8.12 -13.75
CA GLU F 258 -32.14 9.34 -13.01
C GLU F 258 -33.41 9.23 -12.18
N GLN F 259 -34.22 8.21 -12.46
CA GLN F 259 -35.46 8.02 -11.70
C GLN F 259 -35.10 7.81 -10.23
N VAL F 260 -34.57 6.63 -9.92
CA VAL F 260 -34.05 6.34 -8.60
C VAL F 260 -33.02 7.38 -8.14
N ASN F 261 -32.04 7.68 -8.99
CA ASN F 261 -31.03 8.68 -8.65
C ASN F 261 -31.70 10.03 -8.43
N GLU F 262 -33.02 10.08 -8.64
CA GLU F 262 -33.82 11.25 -8.26
C GLU F 262 -34.54 10.91 -6.95
N VAL F 263 -35.03 9.67 -6.86
CA VAL F 263 -35.58 9.17 -5.62
C VAL F 263 -34.59 9.51 -4.53
N LEU F 264 -33.34 9.09 -4.73
CA LEU F 264 -32.31 9.26 -3.73
C LEU F 264 -31.97 10.72 -3.57
N GLN F 265 -32.58 11.55 -4.38
CA GLN F 265 -32.43 12.97 -4.16
C GLN F 265 -33.40 13.33 -3.04
N LYS F 266 -34.56 12.68 -3.04
CA LYS F 266 -35.60 13.00 -2.08
C LYS F 266 -35.20 12.54 -0.70
N ALA F 267 -35.06 11.23 -0.54
CA ALA F 267 -34.73 10.66 0.76
C ALA F 267 -33.56 11.39 1.41
N SER F 268 -32.56 11.74 0.61
CA SER F 268 -31.40 12.47 1.11
C SER F 268 -31.81 13.54 2.13
N GLN F 269 -32.71 14.41 1.71
CA GLN F 269 -32.97 15.66 2.40
C GLN F 269 -34.22 15.57 3.25
N THR F 270 -34.75 14.37 3.44
CA THR F 270 -36.09 14.20 4.02
C THR F 270 -36.28 13.03 5.01
N THR F 271 -36.85 11.93 4.52
CA THR F 271 -37.00 10.73 5.30
C THR F 271 -35.65 10.29 5.88
N MET F 272 -34.62 10.37 5.04
CA MET F 272 -33.29 9.80 5.33
C MET F 272 -32.16 10.81 5.55
N LYS F 273 -32.51 12.08 5.74
CA LYS F 273 -31.53 13.13 6.02
C LYS F 273 -30.76 12.89 7.33
N GLY F 274 -29.44 12.83 7.22
CA GLY F 274 -28.60 12.48 8.37
C GLY F 274 -28.26 11.00 8.43
N ILE F 275 -29.08 10.20 7.75
CA ILE F 275 -28.86 8.76 7.57
C ILE F 275 -28.36 8.45 6.15
N ILE F 276 -28.61 9.34 5.20
CA ILE F 276 -27.95 9.25 3.90
C ILE F 276 -27.48 10.62 3.39
N LYS F 277 -26.53 10.60 2.45
CA LYS F 277 -26.04 11.79 1.78
C LYS F 277 -26.29 11.67 0.27
N TYR F 278 -25.69 12.55 -0.53
CA TYR F 278 -25.85 12.46 -1.98
C TYR F 278 -24.76 13.15 -2.82
N SER F 279 -23.59 12.54 -2.89
CA SER F 279 -22.57 13.07 -3.78
C SER F 279 -22.88 12.59 -5.17
N ASP F 280 -22.93 13.52 -6.12
CA ASP F 280 -22.89 13.19 -7.55
C ASP F 280 -21.43 13.25 -8.04
N LEU F 281 -20.61 13.95 -7.26
CA LEU F 281 -19.24 14.31 -7.59
C LEU F 281 -18.30 13.17 -7.97
N PRO F 282 -17.18 13.52 -8.64
CA PRO F 282 -15.99 12.71 -8.93
C PRO F 282 -15.10 12.51 -7.70
N LEU F 283 -15.37 11.45 -6.94
CA LEU F 283 -14.74 11.25 -5.64
C LEU F 283 -14.27 9.82 -5.38
N VAL F 284 -13.43 9.68 -4.35
CA VAL F 284 -12.90 8.39 -3.91
C VAL F 284 -12.88 8.25 -2.39
N SER F 285 -12.58 7.03 -1.95
CA SER F 285 -12.73 6.61 -0.57
C SER F 285 -12.31 7.66 0.44
N SER F 286 -11.18 8.29 0.17
CA SER F 286 -10.55 9.21 1.11
C SER F 286 -11.41 10.44 1.47
N ASP F 287 -12.29 10.85 0.56
CA ASP F 287 -13.06 12.05 0.78
C ASP F 287 -14.13 11.78 1.78
N PHE F 288 -14.60 10.53 1.78
CA PHE F 288 -15.73 10.19 2.60
C PHE F 288 -15.31 9.92 4.04
N ARG F 289 -14.01 9.97 4.31
CA ARG F 289 -13.56 9.84 5.70
C ARG F 289 -14.43 10.78 6.49
N GLY F 290 -14.82 10.35 7.69
CA GLY F 290 -15.49 11.21 8.65
C GLY F 290 -16.94 11.57 8.35
N THR F 291 -17.54 10.89 7.38
CA THR F 291 -18.90 11.19 6.96
C THR F 291 -19.94 10.48 7.85
N ASP F 292 -20.79 11.27 8.47
CA ASP F 292 -21.70 10.76 9.50
C ASP F 292 -22.82 9.92 8.90
N GLU F 293 -23.28 10.28 7.70
CA GLU F 293 -24.36 9.53 7.09
C GLU F 293 -24.03 8.03 7.06
N SER F 294 -25.06 7.21 7.00
CA SER F 294 -24.89 5.77 7.06
C SER F 294 -24.57 5.26 5.68
N SER F 295 -25.16 5.92 4.67
CA SER F 295 -24.94 5.60 3.27
C SER F 295 -24.57 6.87 2.50
N ILE F 296 -23.67 6.78 1.54
CA ILE F 296 -23.43 7.92 0.68
C ILE F 296 -23.54 7.54 -0.78
N VAL F 297 -24.38 8.23 -1.53
CA VAL F 297 -24.59 7.85 -2.91
C VAL F 297 -23.86 8.73 -3.92
N ASP F 298 -22.91 8.11 -4.61
CA ASP F 298 -22.31 8.70 -5.78
C ASP F 298 -23.31 8.53 -6.90
N SER F 299 -23.99 9.62 -7.23
CA SER F 299 -25.00 9.63 -8.28
C SER F 299 -24.49 8.96 -9.55
N SER F 300 -23.40 9.49 -10.08
CA SER F 300 -22.80 9.06 -11.33
C SER F 300 -23.11 7.60 -11.64
N LEU F 301 -22.87 6.74 -10.65
CA LEU F 301 -22.87 5.31 -10.86
C LEU F 301 -24.25 4.65 -10.96
N THR F 302 -25.21 5.11 -10.16
CA THR F 302 -26.57 4.57 -10.15
C THR F 302 -27.03 4.24 -11.57
N LEU F 303 -27.61 3.05 -11.75
CA LEU F 303 -27.87 2.52 -13.09
C LEU F 303 -29.15 1.69 -13.22
N VAL F 304 -29.52 1.39 -14.46
CA VAL F 304 -30.70 0.59 -14.76
C VAL F 304 -30.34 -0.49 -15.79
N MET F 305 -31.33 -1.21 -16.29
CA MET F 305 -31.10 -2.16 -17.39
C MET F 305 -32.42 -2.75 -17.85
N ASP F 306 -33.17 -1.96 -18.59
CA ASP F 306 -34.54 -2.30 -18.96
C ASP F 306 -35.47 -2.05 -17.78
N GLY F 307 -35.28 -0.90 -17.14
CA GLY F 307 -36.20 -0.42 -16.12
C GLY F 307 -36.14 -1.12 -14.78
N ASP F 308 -36.08 -2.45 -14.79
CA ASP F 308 -36.19 -3.22 -13.56
C ASP F 308 -34.86 -3.42 -12.84
N LEU F 309 -33.78 -3.65 -13.60
CA LEU F 309 -32.47 -3.86 -12.98
C LEU F 309 -31.95 -2.57 -12.38
N VAL F 310 -31.66 -2.60 -11.09
CA VAL F 310 -31.20 -1.40 -10.41
C VAL F 310 -29.97 -1.65 -9.58
N LYS F 311 -29.06 -0.69 -9.64
CA LYS F 311 -27.72 -0.83 -9.11
C LYS F 311 -27.32 0.53 -8.58
N VAL F 312 -26.79 0.54 -7.36
CA VAL F 312 -26.41 1.78 -6.70
C VAL F 312 -25.21 1.56 -5.83
N ILE F 313 -24.48 2.62 -5.58
CA ILE F 313 -23.26 2.49 -4.85
C ILE F 313 -23.19 3.40 -3.64
N ALA F 314 -22.89 2.77 -2.50
CA ALA F 314 -22.98 3.42 -1.19
C ALA F 314 -21.70 3.36 -0.38
N TRP F 315 -21.04 4.52 -0.30
CA TRP F 315 -19.89 4.73 0.56
C TRP F 315 -20.32 4.76 2.01
N TYR F 316 -19.76 3.87 2.83
CA TYR F 316 -19.78 4.09 4.27
C TYR F 316 -18.37 4.22 4.83
N ASP F 317 -18.20 5.08 5.83
CA ASP F 317 -16.98 5.03 6.63
C ASP F 317 -17.20 4.07 7.80
N ASN F 318 -17.19 2.78 7.49
CA ASN F 318 -17.42 1.70 8.46
C ASN F 318 -16.85 1.92 9.86
N GLU F 319 -15.71 2.61 9.96
CA GLU F 319 -15.23 3.01 11.28
C GLU F 319 -16.00 4.25 11.72
N TRP F 320 -15.42 5.42 11.58
CA TRP F 320 -16.09 6.60 12.09
C TRP F 320 -17.63 6.53 11.97
N GLY F 321 -18.14 6.53 10.74
CA GLY F 321 -19.56 6.56 10.51
C GLY F 321 -20.31 5.56 11.37
N TYR F 322 -20.02 4.29 11.18
CA TYR F 322 -20.72 3.25 11.93
C TYR F 322 -20.93 3.68 13.37
N SER F 323 -19.93 4.34 13.95
CA SER F 323 -20.05 4.87 15.31
C SER F 323 -21.20 5.88 15.42
N GLN F 324 -21.28 6.87 14.54
CA GLN F 324 -22.36 7.82 14.64
C GLN F 324 -23.71 7.21 14.35
N ARG F 325 -23.72 5.94 13.96
CA ARG F 325 -24.98 5.18 13.93
C ARG F 325 -25.21 4.57 15.30
N VAL F 326 -24.12 4.54 16.10
CA VAL F 326 -24.09 3.92 17.42
C VAL F 326 -24.28 4.98 18.50
N VAL F 327 -23.26 5.79 18.68
CA VAL F 327 -23.35 6.98 19.53
C VAL F 327 -24.78 7.44 19.55
N ASP F 328 -25.35 7.55 18.35
CA ASP F 328 -26.75 7.89 18.15
C ASP F 328 -27.65 6.96 18.99
N LEU F 329 -27.47 5.66 18.75
CA LEU F 329 -28.27 4.62 19.35
C LEU F 329 -28.11 4.61 20.85
N ALA F 330 -26.88 4.72 21.30
CA ALA F 330 -26.61 4.84 22.72
C ALA F 330 -27.53 5.90 23.28
N GLU F 331 -27.79 6.92 22.47
CA GLU F 331 -28.62 8.03 22.89
C GLU F 331 -30.09 7.87 22.53
N LEU F 332 -30.48 6.69 22.07
CA LEU F 332 -31.90 6.36 21.95
C LEU F 332 -32.35 5.58 23.19
N ALA F 333 -31.39 4.95 23.85
CA ALA F 333 -31.65 4.20 25.07
C ALA F 333 -31.59 5.13 26.27
N ALA F 334 -30.51 5.88 26.36
CA ALA F 334 -30.31 6.84 27.43
C ALA F 334 -31.49 7.79 27.52
N ARG F 335 -31.99 8.21 26.37
CA ARG F 335 -33.16 9.05 26.33
C ARG F 335 -34.39 8.29 26.84
N LYS F 336 -34.67 7.13 26.25
CA LYS F 336 -35.84 6.33 26.64
C LYS F 336 -35.62 5.28 27.76
N TRP F 337 -35.22 5.76 28.93
CA TRP F 337 -34.76 4.88 29.99
C TRP F 337 -35.81 4.65 31.06
N ALA F 338 -35.71 3.47 31.68
CA ALA F 338 -36.46 3.15 32.89
C ALA F 338 -35.86 1.93 33.62
N GLU G 4 20.25 9.95 -21.61
CA GLU G 4 21.31 10.72 -22.24
C GLU G 4 21.50 10.26 -23.66
N PRO G 5 21.43 8.94 -23.89
CA PRO G 5 21.30 8.51 -25.28
C PRO G 5 19.96 9.00 -25.80
N PHE G 6 18.90 8.54 -25.17
CA PHE G 6 17.57 8.94 -25.62
C PHE G 6 17.10 10.11 -24.80
N PHE G 7 17.24 9.98 -23.50
CA PHE G 7 16.54 10.87 -22.61
C PHE G 7 17.12 12.29 -22.63
N GLY G 8 18.45 12.40 -22.59
CA GLY G 8 19.10 13.69 -22.62
C GLY G 8 18.34 14.73 -23.44
N ASP G 9 17.85 14.32 -24.61
CA ASP G 9 17.25 15.22 -25.59
C ASP G 9 15.73 15.30 -25.50
N TYR G 10 15.06 14.19 -25.78
CA TYR G 10 13.63 14.15 -25.58
C TYR G 10 13.28 14.91 -24.34
N CYS G 11 14.05 14.68 -23.30
CA CYS G 11 13.74 15.28 -22.02
C CYS G 11 14.02 16.78 -22.15
N SER G 12 15.04 17.16 -22.95
CA SER G 12 15.25 18.58 -23.22
C SER G 12 14.16 19.23 -24.06
N GLU G 13 13.30 18.42 -24.66
CA GLU G 13 12.24 18.92 -25.54
C GLU G 13 10.81 18.75 -24.97
N ASN G 14 10.53 17.63 -24.34
CA ASN G 14 9.30 17.48 -23.57
C ASN G 14 9.75 17.21 -22.14
N PRO G 15 10.13 18.28 -21.42
CA PRO G 15 10.88 18.12 -20.17
C PRO G 15 10.00 17.84 -18.96
N ASP G 16 8.70 17.98 -19.14
CA ASP G 16 7.80 17.80 -18.03
C ASP G 16 7.10 16.51 -18.26
N ALA G 17 7.61 15.76 -19.22
CA ALA G 17 6.96 14.53 -19.65
C ALA G 17 7.21 13.40 -18.66
N ALA G 18 6.20 12.54 -18.49
CA ALA G 18 6.09 11.67 -17.34
C ALA G 18 7.34 10.89 -16.99
N GLU G 19 8.41 11.14 -17.72
CA GLU G 19 9.52 10.20 -17.72
C GLU G 19 10.89 10.87 -17.43
N CYS G 20 10.99 12.21 -17.53
CA CYS G 20 12.28 12.89 -17.27
C CYS G 20 12.12 13.78 -16.01
N LEU G 21 11.21 13.36 -15.14
CA LEU G 21 10.75 14.20 -14.05
C LEU G 21 11.53 13.87 -12.79
N ILE G 22 12.53 14.69 -12.49
CA ILE G 22 13.34 14.47 -11.32
C ILE G 22 13.11 15.56 -10.29
N TYR G 23 12.53 15.15 -9.16
CA TYR G 23 12.52 15.99 -7.97
C TYR G 23 13.64 15.58 -7.02
N ASP G 24 14.69 16.41 -6.93
CA ASP G 24 15.69 16.19 -5.91
C ASP G 24 14.86 15.88 -4.67
N ASP G 25 14.91 14.63 -4.21
CA ASP G 25 14.10 14.26 -3.06
C ASP G 25 14.88 14.39 -1.77
N THR H 3 -14.74 -29.70 9.06
CA THR H 3 -13.32 -29.34 9.04
C THR H 3 -12.98 -28.12 9.92
N GLU H 4 -12.84 -28.36 11.22
CA GLU H 4 -12.23 -27.38 12.13
C GLU H 4 -11.33 -28.04 13.18
N PRO H 5 -10.66 -29.16 12.80
CA PRO H 5 -9.82 -29.98 13.68
C PRO H 5 -8.66 -29.22 14.36
N PHE H 6 -8.94 -28.04 14.89
CA PHE H 6 -8.01 -27.35 15.76
C PHE H 6 -8.60 -26.08 16.30
N PHE H 7 -9.56 -25.52 15.57
CA PHE H 7 -9.99 -24.16 15.88
C PHE H 7 -11.29 -24.06 16.66
N GLY H 8 -11.82 -25.22 17.06
CA GLY H 8 -12.88 -25.23 18.05
C GLY H 8 -12.28 -24.98 19.42
N ASP H 9 -11.34 -25.84 19.80
CA ASP H 9 -10.67 -25.78 21.10
C ASP H 9 -9.96 -24.45 21.31
N TYR H 10 -9.05 -24.12 20.40
CA TYR H 10 -8.31 -22.86 20.50
C TYR H 10 -9.26 -21.65 20.51
N CYS H 11 -10.19 -21.62 19.56
CA CYS H 11 -11.17 -20.53 19.47
C CYS H 11 -12.24 -20.60 20.56
N SER H 12 -11.99 -21.45 21.56
CA SER H 12 -12.88 -21.54 22.72
C SER H 12 -12.19 -21.02 23.99
N GLU H 13 -10.85 -20.97 23.96
CA GLU H 13 -10.05 -20.35 25.03
C GLU H 13 -9.58 -18.94 24.64
N ASN H 14 -9.00 -18.82 23.45
CA ASN H 14 -8.69 -17.53 22.89
C ASN H 14 -9.62 -17.26 21.71
N PRO H 15 -10.74 -16.56 21.95
CA PRO H 15 -11.61 -16.16 20.84
C PRO H 15 -11.27 -14.76 20.32
N ASP H 16 -10.07 -14.30 20.66
CA ASP H 16 -9.60 -12.99 20.21
C ASP H 16 -8.13 -13.03 19.79
N ALA H 17 -7.52 -14.21 19.83
CA ALA H 17 -6.17 -14.35 19.31
C ALA H 17 -6.30 -14.32 17.81
N ALA H 18 -5.53 -13.44 17.18
CA ALA H 18 -5.64 -13.15 15.75
C ALA H 18 -5.76 -14.39 14.86
N GLU H 19 -5.20 -15.50 15.32
CA GLU H 19 -5.38 -16.74 14.59
C GLU H 19 -6.85 -17.15 14.53
N CYS H 20 -7.76 -16.25 14.92
CA CYS H 20 -9.15 -16.62 15.20
C CYS H 20 -10.28 -15.63 14.80
N LEU H 21 -9.98 -14.33 14.76
CA LEU H 21 -11.02 -13.28 14.64
C LEU H 21 -11.99 -13.33 13.44
N ILE H 22 -13.22 -12.86 13.64
CA ILE H 22 -14.08 -12.63 12.48
C ILE H 22 -15.00 -11.40 12.66
N TYR H 23 -14.81 -10.39 11.81
CA TYR H 23 -15.66 -9.20 11.86
C TYR H 23 -16.61 -9.22 10.68
N ASP H 24 -17.89 -9.39 10.96
CA ASP H 24 -18.84 -9.70 9.91
C ASP H 24 -19.35 -8.51 9.15
N ASP H 25 -18.46 -7.89 8.38
CA ASP H 25 -18.84 -6.85 7.44
C ASP H 25 -19.37 -7.53 6.19
PA NAD I . 5.21 -15.46 12.17
O1A NAD I . 3.95 -14.96 12.85
O2A NAD I . 4.79 -15.96 10.80
O5B NAD I . 5.79 -16.64 13.10
C5B NAD I . 4.82 -16.78 14.13
C4B NAD I . 4.31 -18.22 14.20
O4B NAD I . 4.74 -18.79 15.45
C3B NAD I . 2.78 -18.19 14.19
O3B NAD I . 2.21 -18.92 13.11
C2B NAD I . 2.35 -18.85 15.51
O2B NAD I . 1.30 -19.77 15.27
C1B NAD I . 3.65 -19.57 15.97
N9A NAD I . 3.74 -19.67 17.43
C8A NAD I . 3.93 -18.68 18.35
N7A NAD I . 3.96 -19.18 19.56
C5A NAD I . 3.79 -20.52 19.48
C6A NAD I . 3.73 -21.58 20.42
N6A NAD I . 3.84 -21.36 21.79
N1A NAD I . 3.53 -22.81 19.96
C2A NAD I . 3.41 -23.05 18.65
N3A NAD I . 3.46 -22.11 17.72
C4A NAD I . 3.64 -20.84 18.11
O3 NAD I . 6.38 -14.34 12.14
PN NAD I . 7.73 -14.92 11.46
O1N NAD I . 7.77 -16.46 11.42
O2N NAD I . 7.75 -14.35 10.03
O5D NAD I . 9.00 -14.36 12.25
C5D NAD I . 9.11 -15.09 13.47
C4D NAD I . 10.52 -14.90 13.96
O4D NAD I . 11.18 -14.57 12.76
C3D NAD I . 10.76 -13.63 14.81
O3D NAD I . 11.01 -13.95 16.18
C2D NAD I . 11.99 -12.90 14.19
O2D NAD I . 13.05 -12.69 15.14
C1D NAD I . 12.41 -13.89 13.09
N1N NAD I . 12.71 -13.21 11.84
C2N NAD I . 11.66 -13.14 11.06
C3N NAD I . 11.74 -12.54 9.82
C7N NAD I . 10.47 -12.54 9.07
O7N NAD I . 9.51 -13.10 9.59
N7N NAD I . 10.35 -11.96 7.86
C4N NAD I . 12.96 -12.01 9.39
C5N NAD I . 14.03 -12.13 10.26
C6N NAD I . 13.88 -12.74 11.49
PA NAD J . 2.03 1.53 -20.29
O1A NAD J . 2.35 2.98 -20.13
O2A NAD J . 2.58 0.72 -19.16
O5B NAD J . 2.75 1.02 -21.62
C5B NAD J . 2.80 2.13 -22.54
C4B NAD J . 4.25 2.30 -23.07
O4B NAD J . 4.20 2.96 -24.37
C3B NAD J . 5.03 3.18 -22.06
O3B NAD J . 6.37 2.75 -21.78
C2B NAD J . 4.96 4.54 -22.80
O2B NAD J . 5.92 5.49 -22.33
C1B NAD J . 5.07 4.11 -24.32
N9A NAD J . 4.69 5.21 -25.25
C8A NAD J . 3.93 6.31 -24.94
N7A NAD J . 3.79 7.09 -25.97
C5A NAD J . 4.45 6.56 -27.01
C6A NAD J . 4.64 6.97 -28.34
N6A NAD J . 4.07 8.16 -28.78
N1A NAD J . 5.37 6.22 -29.15
C2A NAD J . 5.91 5.11 -28.71
N3A NAD J . 5.77 4.67 -27.47
C4A NAD J . 5.06 5.36 -26.59
O3 NAD J . 0.44 1.32 -20.52
PN NAD J . 0.13 -0.22 -20.94
O1N NAD J . 1.10 -0.92 -21.95
O2N NAD J . 0.09 -1.01 -19.62
O5D NAD J . -1.31 -0.17 -21.58
C5D NAD J . -1.08 -0.28 -22.96
C4D NAD J . -2.50 -0.49 -23.44
O4D NAD J . -2.97 -1.67 -22.78
C3D NAD J . -3.35 0.64 -22.85
O3D NAD J . -3.93 1.37 -23.92
C2D NAD J . -4.42 -0.10 -22.05
O2D NAD J . -5.73 0.48 -22.14
C1D NAD J . -4.38 -1.46 -22.76
N1N NAD J . -4.84 -2.38 -21.77
C2N NAD J . -4.14 -2.36 -20.67
C3N NAD J . -4.47 -3.20 -19.62
C7N NAD J . -3.70 -3.21 -18.36
O7N NAD J . -2.75 -2.45 -18.16
N7N NAD J . -4.07 -4.08 -17.40
C4N NAD J . -5.56 -4.04 -19.81
C5N NAD J . -6.28 -4.01 -20.99
C6N NAD J . -5.89 -3.15 -21.99
PA NAD K . 2.82 17.81 -8.67
O1A NAD K . 2.69 17.00 -9.94
O2A NAD K . 1.50 17.86 -7.94
O5B NAD K . 3.20 19.29 -9.14
C5B NAD K . 3.22 19.23 -10.56
C4B NAD K . 2.06 20.11 -11.02
O4B NAD K . 2.51 21.06 -11.97
C3B NAD K . 1.01 19.25 -11.70
O3B NAD K . -0.26 19.80 -11.45
C2B NAD K . 1.43 19.45 -13.18
O2B NAD K . 0.35 19.05 -14.03
C1B NAD K . 1.74 20.96 -13.17
N9A NAD K . 2.60 21.49 -14.24
C8A NAD K . 3.81 20.97 -14.56
N7A NAD K . 4.36 21.67 -15.50
C5A NAD K . 3.57 22.69 -15.87
C6A NAD K . 3.68 23.73 -16.82
N6A NAD K . 4.80 23.83 -17.64
N1A NAD K . 2.67 24.60 -16.91
C2A NAD K . 1.61 24.47 -16.12
N3A NAD K . 1.46 23.53 -15.22
C4A NAD K . 2.42 22.60 -15.04
O3 NAD K . 3.96 17.26 -7.65
PN NAD K . 4.93 18.45 -7.15
O1N NAD K . 4.22 19.81 -7.18
O2N NAD K . 5.27 18.24 -5.66
O5D NAD K . 6.24 18.62 -8.05
C5D NAD K . 6.51 20.00 -8.11
C4D NAD K . 7.54 20.40 -7.09
O4D NAD K . 7.32 19.80 -5.81
C3D NAD K . 8.90 19.82 -7.51
O3D NAD K . 9.68 20.74 -8.29
C2D NAD K . 9.60 19.49 -6.18
O2D NAD K . 10.86 20.15 -6.09
C1D NAD K . 8.59 20.07 -5.18
N1N NAD K . 8.79 19.45 -3.85
C2N NAD K . 7.86 18.62 -3.42
C3N NAD K . 8.02 18.04 -2.19
C7N NAD K . 6.94 17.12 -1.83
O7N NAD K . 5.96 17.17 -2.55
N7N NAD K . 7.03 16.26 -0.79
C4N NAD K . 9.15 18.31 -1.41
C5N NAD K . 10.09 19.19 -1.90
C6N NAD K . 9.87 19.74 -3.15
PA NAD L . -10.55 -3.46 17.27
O1A NAD L . -9.83 -4.76 17.53
O2A NAD L . -9.50 -2.38 17.17
O5B NAD L . -11.47 -3.15 18.55
C5B NAD L . -11.31 -4.21 19.50
C4B NAD L . -10.59 -3.74 20.77
O4B NAD L . -11.21 -4.42 21.86
C3B NAD L . -9.10 -4.13 20.74
O3B NAD L . -8.23 -3.05 20.33
C2B NAD L . -8.78 -4.58 22.19
O2B NAD L . -8.08 -3.54 22.89
C1B NAD L . -10.19 -4.77 22.82
N9A NAD L . -10.43 -6.16 23.17
C8A NAD L . -10.13 -7.26 22.46
N7A NAD L . -10.52 -8.34 23.09
C5A NAD L . -11.11 -7.97 24.24
C6A NAD L . -11.71 -8.64 25.30
N6A NAD L . -11.77 -10.01 25.26
N1A NAD L . -12.19 -7.95 26.32
C2A NAD L . -12.13 -6.64 26.35
N3A NAD L . -11.58 -5.94 25.37
C4A NAD L . -11.06 -6.57 24.32
O3 NAD L . -11.39 -3.67 15.89
PN NAD L . -12.85 -3.00 15.73
O1N NAD L . -13.25 -1.89 16.74
O2N NAD L . -12.86 -2.32 14.35
O5D NAD L . -13.95 -4.17 15.53
C5D NAD L . -14.67 -4.52 16.73
C4D NAD L . -16.12 -4.78 16.34
O4D NAD L . -16.54 -3.69 15.48
C3D NAD L . -16.26 -6.08 15.50
O3D NAD L . -17.33 -6.86 16.03
C2D NAD L . -16.58 -5.54 14.07
O2D NAD L . -17.37 -6.43 13.25
C1D NAD L . -17.31 -4.22 14.39
N1N NAD L . -17.35 -3.21 13.31
C2N NAD L . -16.23 -2.82 12.72
C3N NAD L . -16.27 -1.84 11.71
C7N NAD L . -15.04 -1.39 11.01
O7N NAD L . -14.18 -0.71 11.57
N7N NAD L . -14.89 -1.76 9.72
C4N NAD L . -17.52 -1.31 11.33
C5N NAD L . -18.66 -1.74 11.99
C6N NAD L . -18.53 -2.69 12.98
#